data_5UWO
#
_entry.id   5UWO
#
_cell.length_a   106.475
_cell.length_b   106.475
_cell.length_c   304.314
_cell.angle_alpha   90.00
_cell.angle_beta   90.00
_cell.angle_gamma   90.00
#
_symmetry.space_group_name_H-M   'P 43 21 2'
#
loop_
_entity.id
_entity.type
_entity.pdbx_description
1 polymer 'GTP-binding nuclear protein Ran'
2 polymer 'Ran-specific GTPase-activating protein 1'
3 polymer Exportin-1
4 polymer 'Engineered FMRP-1b peptide'
5 non-polymer 'PHOSPHOAMINOPHOSPHONIC ACID-GUANYLATE ESTER'
6 non-polymer 'MAGNESIUM ION'
7 non-polymer GLYCEROL
8 water water
#
loop_
_entity_poly.entity_id
_entity_poly.type
_entity_poly.pdbx_seq_one_letter_code
_entity_poly.pdbx_strand_id
1 'polypeptide(L)'
;METGSSHHHHHHSSGLPRGSHMAAQGEPQVQFKLVLVGDGGTGKTTFVKRHLTGEFEKKYVATLGVEVHPLVFHTNRGPI
KFNVWDTAGQEKFGGLRDGYYIQAQCAIIMFDVTSRVTYKNVPNWHRDLVRVCENIPIVLCGNKVDIKDRKVKAKSIVFH
RKKNLQYYDISAKSNYNFEKPFLWLARKLIGDPNLEFVAMPALAPPEVVMDPALAAQYEHDLEVAQTTALPDEDDDL
;
A
2 'polypeptide(L)'
;GGSDIHFEPVVHLEKVDVKTMEEDEEVLYKVRAKLFRFDADAKEWKERGTGDCKFLKNKKTNKVRILMRRDKTLKICANH
IIAPEYTLKPNVGSDRSWVYACTADIAEGEAEAFTFAIRFGSKENADKFKEEFEKAQEINKKA
;
B
3 'polypeptide(L)'
;GGSMEGILDFSNDLDIALLDQVVSTFYQGSGVQQKQAQEILTKFQDNPDAWQKADQILQFSTNPQSKFIALSILDKLITR
KWKLLPNDHRIGIRNFVVGMIISMCQDDEVFKTQKNLINKSDLTLVQILKQEWPQNWPEFIPELIGSSSSSVNVCENNMI
VLKLLSEEVFDFSAEQMTQAKALHLKNSMSKEFEQIFKLCFQVLEQGSSSSLIVATLESLLRYLHWIPYRYIYETNILEL
LSTKFMTSPDTRAITLKCLTEVSNLKIPQDNDLIKRQTVLFFQNTLQQIATSVMPVTADLKATYANANGNDQSFLQDLAM
FLTTYLARNRALLESDESLRELLLNAHQYLIQLSKIEERELFKTTLDYWHNLVADLFYEPLKKHIYEEICSQLRLVIIEN
MVRPEEDLVVENDEGEIVREFVKESDTIQLYKSEREVLVYLTHLNVIDTEEIMISKLARQIDGSEWSWHNINTLSWAIGS
ISGTMSEDTEKRFVVTVIKDLLGLCEQKRGKDNKAVVASDIMYVVGQYPRFLKAHWNFLRTVILKLFEFMHETHEGVQDM
ACDTFIKIVQKCKYHFVIQQPRESEPFIQTIIRDIQKTTADLQPQQVHTFYKACGIIISEERSVAERNRLLSDLMQLPNM
AWDTIVEQSTANPTLLLDSETVKIIANIIKTNVAVCTSMGADFYPQLGHIYYNMLQLYRAVSSMISAQVAAEGLIATKTP
KVRGLRTIKKEILKLVETYISKARNLDDVVKVLVEPLLNAVLEDYMNNVPDARDAEVLNCMTTVVEKVGHMIPQGVILIL
QSVFECTLDMINKDFTEYPEHRVEFYKLLKVINEKSFAAFLELPPAAFKLFVDAICWAFKHNNRDVEVNGLQIALDLVKN
IERMGNVPFANEFHKNYFFIFVSETFFVLTDSDHKSGFSKQALLLMKLISLVYDNKISVPLYQEAEVPQGTSNQVYLSQY
LANMLSNAFPHLTSEQIASFLSALTKQCKDLVVFKGTLRDFLVQIKEVGGDPTDYLFAEDKENA
;
C
4 'polypeptide(L)' GGSYLKEVDQLRALERLQID D
#
# COMPACT_ATOMS: atom_id res chain seq x y z
N VAL A 30 -9.55 -4.50 -31.62
CA VAL A 30 -10.17 -3.94 -30.42
C VAL A 30 -9.14 -3.82 -29.31
N GLN A 31 -8.09 -3.02 -29.51
CA GLN A 31 -7.03 -2.92 -28.51
C GLN A 31 -6.82 -1.48 -28.07
N PHE A 32 -6.40 -1.33 -26.82
CA PHE A 32 -6.23 -0.05 -26.16
C PHE A 32 -4.83 0.03 -25.55
N LYS A 33 -4.20 1.19 -25.68
CA LYS A 33 -2.87 1.39 -25.12
C LYS A 33 -2.99 1.79 -23.65
N LEU A 34 -2.36 1.02 -22.78
CA LEU A 34 -2.32 1.29 -21.35
C LEU A 34 -0.88 1.60 -20.95
N VAL A 35 -0.66 2.75 -20.32
CA VAL A 35 0.64 3.07 -19.75
C VAL A 35 0.59 2.87 -18.24
N LEU A 36 1.66 2.31 -17.72
CA LEU A 36 1.77 1.92 -16.32
C LEU A 36 2.99 2.64 -15.76
N VAL A 37 2.76 3.55 -14.80
CA VAL A 37 3.81 4.43 -14.30
C VAL A 37 3.78 4.42 -12.79
N GLY A 38 4.90 4.81 -12.21
CA GLY A 38 5.06 4.82 -10.76
C GLY A 38 6.50 4.59 -10.37
N ASP A 39 6.77 4.81 -9.09
CA ASP A 39 8.14 4.74 -8.59
C ASP A 39 8.73 3.35 -8.79
N GLY A 40 10.06 3.30 -8.80
CA GLY A 40 10.74 2.01 -8.86
C GLY A 40 10.46 1.20 -7.61
N GLY A 41 10.23 -0.09 -7.80
CA GLY A 41 10.00 -1.02 -6.70
C GLY A 41 8.56 -1.16 -6.27
N THR A 42 7.63 -0.42 -6.88
CA THR A 42 6.24 -0.42 -6.43
C THR A 42 5.47 -1.67 -6.86
N GLY A 43 6.01 -2.46 -7.78
CA GLY A 43 5.38 -3.69 -8.20
C GLY A 43 4.72 -3.66 -9.56
N LYS A 44 5.04 -2.68 -10.41
CA LYS A 44 4.36 -2.54 -11.69
C LYS A 44 4.57 -3.78 -12.56
N THR A 45 5.83 -4.22 -12.68
CA THR A 45 6.14 -5.34 -13.56
C THR A 45 5.61 -6.66 -12.98
N THR A 46 5.68 -6.81 -11.65
CA THR A 46 5.15 -8.02 -11.02
C THR A 46 3.65 -8.11 -11.21
N PHE A 47 2.95 -6.97 -11.17
CA PHE A 47 1.50 -6.96 -11.36
C PHE A 47 1.14 -7.39 -12.77
N VAL A 48 1.82 -6.83 -13.78
CA VAL A 48 1.58 -7.23 -15.16
C VAL A 48 1.89 -8.71 -15.34
N LYS A 49 3.05 -9.15 -14.83
CA LYS A 49 3.44 -10.56 -14.98
C LYS A 49 2.39 -11.49 -14.42
N ARG A 50 1.85 -11.18 -13.25
CA ARG A 50 0.79 -12.00 -12.67
C ARG A 50 -0.34 -12.19 -13.67
N HIS A 51 -0.71 -11.12 -14.37
CA HIS A 51 -1.81 -11.18 -15.31
C HIS A 51 -1.42 -11.92 -16.58
N LEU A 52 -0.15 -11.87 -16.97
CA LEU A 52 0.29 -12.49 -18.21
C LEU A 52 0.43 -14.00 -18.07
N THR A 53 1.08 -14.46 -16.99
CA THR A 53 1.40 -15.87 -16.82
C THR A 53 0.82 -16.49 -15.55
N GLY A 54 0.30 -15.69 -14.62
CA GLY A 54 -0.11 -16.19 -13.33
C GLY A 54 1.00 -16.29 -12.30
N GLU A 55 2.25 -16.08 -12.70
CA GLU A 55 3.37 -16.23 -11.78
C GLU A 55 3.48 -15.02 -10.86
N PHE A 56 4.14 -15.23 -9.73
CA PHE A 56 4.55 -14.14 -8.85
C PHE A 56 6.07 -14.12 -8.79
N GLU A 57 6.67 -13.09 -9.38
CA GLU A 57 8.12 -12.96 -9.40
C GLU A 57 8.60 -12.27 -8.12
N LYS A 58 9.44 -12.97 -7.35
CA LYS A 58 9.95 -12.43 -6.09
C LYS A 58 11.12 -11.46 -6.31
N LYS A 59 11.88 -11.63 -7.38
CA LYS A 59 13.06 -10.82 -7.61
C LYS A 59 12.67 -9.45 -8.15
N TYR A 60 13.44 -8.44 -7.77
CA TYR A 60 13.28 -7.09 -8.30
C TYR A 60 14.36 -6.90 -9.37
N VAL A 61 13.96 -7.03 -10.63
CA VAL A 61 14.81 -6.72 -11.78
C VAL A 61 14.24 -5.47 -12.42
N ALA A 62 14.93 -4.35 -12.23
CA ALA A 62 14.42 -3.05 -12.67
C ALA A 62 14.14 -3.05 -14.16
N THR A 63 12.93 -2.63 -14.52
CA THR A 63 12.60 -2.42 -15.93
C THR A 63 13.49 -1.33 -16.50
N LEU A 64 13.90 -1.51 -17.75
CA LEU A 64 14.78 -0.59 -18.45
C LEU A 64 14.00 0.06 -19.58
N GLY A 65 13.63 1.33 -19.41
CA GLY A 65 12.84 2.01 -20.41
C GLY A 65 11.39 1.59 -20.35
N VAL A 66 11.03 0.53 -21.08
CA VAL A 66 9.67 0.06 -21.11
C VAL A 66 9.66 -1.38 -21.60
N GLU A 67 8.65 -2.14 -21.17
CA GLU A 67 8.32 -3.43 -21.75
C GLU A 67 6.86 -3.39 -22.16
N VAL A 68 6.59 -3.81 -23.39
CA VAL A 68 5.23 -3.82 -23.94
C VAL A 68 4.74 -5.26 -23.92
N HIS A 69 3.53 -5.47 -23.37
CA HIS A 69 2.95 -6.79 -23.32
C HIS A 69 1.46 -6.73 -23.66
N PRO A 70 1.01 -7.47 -24.67
CA PRO A 70 -0.43 -7.58 -24.91
C PRO A 70 -1.11 -8.41 -23.83
N LEU A 71 -2.23 -7.90 -23.33
CA LEU A 71 -3.01 -8.58 -22.31
C LEU A 71 -4.47 -8.58 -22.73
N VAL A 72 -5.04 -9.77 -22.91
CA VAL A 72 -6.39 -9.94 -23.40
C VAL A 72 -7.28 -10.41 -22.26
N PHE A 73 -8.49 -9.86 -22.20
CA PHE A 73 -9.50 -10.29 -21.25
C PHE A 73 -10.76 -10.69 -22.02
N HIS A 74 -11.44 -11.71 -21.50
CA HIS A 74 -12.69 -12.18 -22.08
C HIS A 74 -13.85 -11.58 -21.29
N THR A 75 -14.70 -10.82 -21.97
CA THR A 75 -15.83 -10.14 -21.36
C THR A 75 -17.11 -10.59 -22.04
N ASN A 76 -18.24 -10.23 -21.41
CA ASN A 76 -19.52 -10.50 -22.05
C ASN A 76 -19.81 -9.57 -23.21
N ARG A 77 -18.93 -8.59 -23.48
CA ARG A 77 -19.00 -7.77 -24.68
C ARG A 77 -17.95 -8.17 -25.71
N GLY A 78 -17.28 -9.31 -25.51
CA GLY A 78 -16.23 -9.76 -26.39
C GLY A 78 -14.87 -9.55 -25.76
N PRO A 79 -13.82 -10.01 -26.44
CA PRO A 79 -12.47 -9.81 -25.89
C PRO A 79 -12.01 -8.37 -26.03
N ILE A 80 -11.34 -7.88 -24.99
CA ILE A 80 -10.71 -6.57 -25.00
C ILE A 80 -9.22 -6.78 -24.84
N LYS A 81 -8.43 -6.12 -25.68
CA LYS A 81 -6.99 -6.29 -25.69
C LYS A 81 -6.33 -5.02 -25.14
N PHE A 82 -5.53 -5.19 -24.10
CA PHE A 82 -4.71 -4.11 -23.56
C PHE A 82 -3.28 -4.28 -24.06
N ASN A 83 -2.74 -3.22 -24.65
CA ASN A 83 -1.31 -3.16 -24.97
C ASN A 83 -0.66 -2.40 -23.84
N VAL A 84 -0.08 -3.13 -22.88
CA VAL A 84 0.42 -2.54 -21.65
C VAL A 84 1.86 -2.09 -21.86
N TRP A 85 2.10 -0.80 -21.66
CA TRP A 85 3.45 -0.24 -21.66
C TRP A 85 3.91 -0.14 -20.22
N ASP A 86 4.66 -1.13 -19.77
CA ASP A 86 5.16 -1.20 -18.40
C ASP A 86 6.45 -0.38 -18.34
N THR A 87 6.34 0.85 -17.85
CA THR A 87 7.48 1.76 -17.85
C THR A 87 8.34 1.57 -16.62
N ALA A 88 9.55 2.16 -16.67
CA ALA A 88 10.50 2.11 -15.58
C ALA A 88 10.28 3.28 -14.63
N GLY A 89 10.31 2.99 -13.33
CA GLY A 89 10.16 4.01 -12.31
C GLY A 89 11.47 4.59 -11.81
N GLN A 90 12.56 3.84 -11.91
CA GLN A 90 13.87 4.35 -11.51
C GLN A 90 14.35 5.36 -12.54
N GLU A 91 14.77 6.53 -12.07
CA GLU A 91 15.07 7.63 -12.98
C GLU A 91 16.21 7.27 -13.93
N LYS A 92 17.26 6.62 -13.43
CA LYS A 92 18.39 6.29 -14.28
C LYS A 92 18.06 5.23 -15.31
N PHE A 93 16.87 4.63 -15.24
CA PHE A 93 16.38 3.69 -16.24
C PHE A 93 15.16 4.23 -16.97
N GLY A 94 14.93 5.55 -16.88
CA GLY A 94 13.67 6.11 -17.33
C GLY A 94 13.45 5.98 -18.82
N GLY A 95 14.52 5.90 -19.60
CA GLY A 95 14.36 5.79 -21.04
C GLY A 95 13.74 7.05 -21.62
N LEU A 96 12.69 6.85 -22.43
CA LEU A 96 12.03 7.97 -23.11
C LEU A 96 11.06 8.72 -22.22
N ARG A 97 10.83 8.25 -20.99
CA ARG A 97 10.01 8.94 -20.01
C ARG A 97 8.64 9.31 -20.57
N ASP A 98 8.27 10.59 -20.56
CA ASP A 98 6.92 10.95 -20.96
C ASP A 98 6.65 10.63 -22.42
N GLY A 99 7.68 10.35 -23.22
CA GLY A 99 7.48 9.89 -24.58
C GLY A 99 6.79 8.55 -24.69
N TYR A 100 6.82 7.75 -23.61
CA TYR A 100 6.08 6.49 -23.61
C TYR A 100 4.57 6.71 -23.51
N TYR A 101 4.14 7.89 -23.09
CA TYR A 101 2.72 8.12 -22.85
C TYR A 101 1.96 8.54 -24.10
N ILE A 102 2.67 8.93 -25.16
CA ILE A 102 2.02 9.40 -26.37
C ILE A 102 0.95 8.42 -26.80
N GLN A 103 -0.26 8.94 -27.05
CA GLN A 103 -1.38 8.17 -27.58
C GLN A 103 -1.81 7.03 -26.66
N ALA A 104 -1.49 7.09 -25.37
CA ALA A 104 -2.12 6.18 -24.43
C ALA A 104 -3.60 6.53 -24.30
N GLN A 105 -4.42 5.49 -24.12
CA GLN A 105 -5.85 5.66 -23.95
C GLN A 105 -6.32 5.36 -22.53
N CYS A 106 -5.43 4.87 -21.68
CA CYS A 106 -5.76 4.58 -20.29
C CYS A 106 -4.44 4.40 -19.55
N ALA A 107 -4.52 4.44 -18.23
CA ALA A 107 -3.29 4.41 -17.45
C ALA A 107 -3.55 3.86 -16.06
N ILE A 108 -2.48 3.32 -15.47
CA ILE A 108 -2.46 2.93 -14.07
C ILE A 108 -1.28 3.62 -13.41
N ILE A 109 -1.54 4.34 -12.33
CA ILE A 109 -0.48 4.89 -11.49
C ILE A 109 -0.37 4.00 -10.26
N MET A 110 0.86 3.59 -9.96
N MET A 110 0.85 3.54 -9.97
CA MET A 110 1.14 2.61 -8.92
CA MET A 110 1.06 2.59 -8.89
C MET A 110 2.00 3.24 -7.84
C MET A 110 2.01 3.17 -7.85
N PHE A 111 1.70 2.92 -6.58
CA PHE A 111 2.58 3.25 -5.47
C PHE A 111 2.56 2.07 -4.51
N ASP A 112 3.36 2.19 -3.45
CA ASP A 112 3.59 1.10 -2.52
C ASP A 112 3.15 1.56 -1.14
N VAL A 113 2.13 0.90 -0.58
CA VAL A 113 1.58 1.36 0.69
C VAL A 113 2.54 1.13 1.85
N THR A 114 3.66 0.45 1.64
CA THR A 114 4.69 0.34 2.65
C THR A 114 5.80 1.37 2.48
N SER A 115 5.65 2.32 1.55
CA SER A 115 6.67 3.34 1.30
C SER A 115 5.99 4.68 1.03
N ARG A 116 6.10 5.59 2.00
CA ARG A 116 5.47 6.90 1.87
C ARG A 116 6.00 7.67 0.67
N VAL A 117 7.31 7.57 0.40
CA VAL A 117 7.88 8.36 -0.69
C VAL A 117 7.20 8.02 -2.02
N THR A 118 6.80 6.76 -2.20
CA THR A 118 6.17 6.39 -3.47
C THR A 118 4.79 7.02 -3.60
N TYR A 119 4.12 7.29 -2.48
CA TYR A 119 2.84 8.00 -2.57
C TYR A 119 3.05 9.50 -2.71
N LYS A 120 4.09 10.05 -2.09
CA LYS A 120 4.40 11.46 -2.26
C LYS A 120 4.71 11.79 -3.71
N ASN A 121 5.21 10.81 -4.48
CA ASN A 121 5.56 11.03 -5.88
C ASN A 121 4.40 10.80 -6.84
N VAL A 122 3.26 10.31 -6.35
CA VAL A 122 2.11 10.10 -7.22
C VAL A 122 1.73 11.37 -7.98
N PRO A 123 1.68 12.56 -7.35
CA PRO A 123 1.31 13.76 -8.13
C PRO A 123 2.30 14.10 -9.23
N ASN A 124 3.58 13.74 -9.08
CA ASN A 124 4.54 14.03 -10.13
C ASN A 124 4.31 13.14 -11.34
N TRP A 125 4.13 11.84 -11.12
CA TRP A 125 3.77 10.94 -12.23
C TRP A 125 2.48 11.39 -12.88
N HIS A 126 1.47 11.75 -12.07
CA HIS A 126 0.20 12.18 -12.63
C HIS A 126 0.38 13.43 -13.48
N ARG A 127 1.15 14.40 -12.98
CA ARG A 127 1.46 15.60 -13.75
C ARG A 127 2.05 15.23 -15.11
N ASP A 128 3.14 14.47 -15.11
CA ASP A 128 3.80 14.10 -16.35
C ASP A 128 2.90 13.29 -17.27
N LEU A 129 1.87 12.65 -16.73
CA LEU A 129 0.99 11.81 -17.52
C LEU A 129 -0.13 12.61 -18.18
N VAL A 130 -0.82 13.48 -17.43
CA VAL A 130 -1.95 14.19 -17.99
C VAL A 130 -1.53 15.39 -18.82
N ARG A 131 -0.25 15.77 -18.78
CA ARG A 131 0.25 16.74 -19.74
C ARG A 131 0.29 16.15 -21.15
N VAL A 132 0.64 14.86 -21.25
CA VAL A 132 0.61 14.18 -22.54
C VAL A 132 -0.78 13.64 -22.84
N CYS A 133 -1.48 13.09 -21.85
CA CYS A 133 -2.75 12.40 -22.03
C CYS A 133 -3.83 13.15 -21.25
N GLU A 134 -4.53 14.06 -21.93
CA GLU A 134 -5.33 15.06 -21.23
C GLU A 134 -6.68 14.53 -20.76
N ASN A 135 -7.25 13.52 -21.41
CA ASN A 135 -8.53 12.97 -20.92
C ASN A 135 -8.54 11.47 -21.18
N ILE A 136 -8.00 10.72 -20.23
CA ILE A 136 -8.05 9.26 -20.29
C ILE A 136 -8.47 8.72 -18.94
N PRO A 137 -9.17 7.58 -18.89
CA PRO A 137 -9.39 6.93 -17.59
C PRO A 137 -8.07 6.52 -16.96
N ILE A 138 -7.93 6.81 -15.67
CA ILE A 138 -6.72 6.53 -14.92
C ILE A 138 -7.10 5.82 -13.63
N VAL A 139 -6.36 4.78 -13.29
CA VAL A 139 -6.54 4.05 -12.04
C VAL A 139 -5.33 4.32 -11.16
N LEU A 140 -5.57 4.63 -9.90
CA LEU A 140 -4.53 4.75 -8.89
C LEU A 140 -4.55 3.51 -8.03
N CYS A 141 -3.41 2.82 -7.92
CA CYS A 141 -3.32 1.56 -7.20
C CYS A 141 -2.26 1.67 -6.11
N GLY A 142 -2.65 1.34 -4.87
CA GLY A 142 -1.70 1.16 -3.81
C GLY A 142 -1.39 -0.32 -3.64
N ASN A 143 -0.19 -0.72 -4.03
CA ASN A 143 0.18 -2.13 -4.05
C ASN A 143 0.76 -2.56 -2.71
N LYS A 144 0.75 -3.88 -2.49
CA LYS A 144 1.44 -4.50 -1.37
C LYS A 144 0.67 -4.39 -0.06
N VAL A 145 -0.65 -4.41 -0.11
CA VAL A 145 -1.47 -4.35 1.09
C VAL A 145 -1.41 -5.68 1.84
N ASP A 146 -0.69 -6.66 1.27
CA ASP A 146 -0.50 -7.92 1.95
C ASP A 146 0.50 -7.82 3.10
N ILE A 147 1.30 -6.76 3.11
CA ILE A 147 2.33 -6.57 4.13
C ILE A 147 1.71 -5.95 5.37
N LYS A 148 1.98 -6.55 6.53
CA LYS A 148 1.33 -6.13 7.77
C LYS A 148 1.67 -4.67 8.10
N ASP A 149 2.94 -4.32 8.06
CA ASP A 149 3.40 -3.00 8.51
C ASP A 149 3.21 -2.00 7.38
N ARG A 150 1.97 -1.54 7.24
CA ARG A 150 1.57 -0.64 6.17
C ARG A 150 1.79 0.81 6.62
N LYS A 151 2.38 1.62 5.73
CA LYS A 151 2.81 2.96 6.08
C LYS A 151 1.95 4.07 5.49
N VAL A 152 1.33 3.86 4.33
CA VAL A 152 0.44 4.83 3.73
C VAL A 152 -0.98 4.43 4.11
N LYS A 153 -1.51 5.04 5.16
CA LYS A 153 -2.80 4.64 5.69
C LYS A 153 -3.93 5.03 4.75
N ALA A 154 -4.96 4.18 4.73
CA ALA A 154 -6.16 4.43 3.95
C ALA A 154 -6.59 5.89 3.96
N LYS A 155 -6.67 6.48 5.15
CA LYS A 155 -7.24 7.82 5.26
C LYS A 155 -6.34 8.89 4.64
N SER A 156 -5.04 8.62 4.50
CA SER A 156 -4.13 9.57 3.86
C SER A 156 -4.25 9.58 2.35
N ILE A 157 -4.92 8.61 1.75
CA ILE A 157 -4.96 8.47 0.29
C ILE A 157 -6.19 9.24 -0.21
N VAL A 158 -5.97 10.44 -0.73
CA VAL A 158 -7.06 11.31 -1.16
C VAL A 158 -6.70 12.04 -2.44
N PHE A 159 -5.52 11.77 -3.00
CA PHE A 159 -5.08 12.52 -4.18
C PHE A 159 -6.02 12.31 -5.37
N HIS A 160 -6.58 11.10 -5.50
CA HIS A 160 -7.42 10.76 -6.64
C HIS A 160 -8.72 11.55 -6.69
N ARG A 161 -9.18 12.12 -5.58
CA ARG A 161 -10.52 12.68 -5.53
C ARG A 161 -10.67 13.84 -6.52
N LYS A 162 -9.82 14.85 -6.40
CA LYS A 162 -9.93 16.00 -7.28
C LYS A 162 -9.46 15.68 -8.70
N LYS A 163 -8.68 14.63 -8.88
CA LYS A 163 -8.19 14.25 -10.20
C LYS A 163 -9.08 13.23 -10.90
N ASN A 164 -10.16 12.80 -10.25
CA ASN A 164 -11.14 11.92 -10.87
C ASN A 164 -10.51 10.58 -11.25
N LEU A 165 -9.53 10.13 -10.47
CA LEU A 165 -8.96 8.82 -10.65
C LEU A 165 -9.74 7.80 -9.84
N GLN A 166 -9.88 6.61 -10.40
CA GLN A 166 -10.35 5.47 -9.62
C GLN A 166 -9.21 5.00 -8.73
N TYR A 167 -9.53 4.58 -7.51
CA TYR A 167 -8.51 4.07 -6.59
C TYR A 167 -8.82 2.65 -6.15
N TYR A 168 -7.78 1.83 -6.06
CA TYR A 168 -7.88 0.49 -5.48
C TYR A 168 -6.66 0.16 -4.63
N ASP A 169 -6.91 -0.39 -3.44
CA ASP A 169 -5.90 -1.20 -2.77
C ASP A 169 -5.71 -2.50 -3.56
N ILE A 170 -4.46 -2.84 -3.87
CA ILE A 170 -4.19 -4.11 -4.56
C ILE A 170 -2.98 -4.78 -3.94
N SER A 171 -2.87 -6.09 -4.21
CA SER A 171 -1.68 -6.87 -3.90
C SER A 171 -1.44 -7.84 -5.04
N ALA A 172 -0.32 -7.68 -5.73
CA ALA A 172 0.07 -8.66 -6.72
C ALA A 172 0.48 -9.98 -6.09
N LYS A 173 0.82 -9.97 -4.79
CA LYS A 173 1.21 -11.20 -4.12
C LYS A 173 0.01 -12.03 -3.72
N SER A 174 -0.99 -11.40 -3.07
CA SER A 174 -2.19 -12.11 -2.65
C SER A 174 -3.31 -12.05 -3.68
N ASN A 175 -3.14 -11.29 -4.76
CA ASN A 175 -4.14 -11.09 -5.81
C ASN A 175 -5.34 -10.30 -5.32
N TYR A 176 -5.24 -9.66 -4.15
CA TYR A 176 -6.32 -8.81 -3.67
C TYR A 176 -6.61 -7.70 -4.66
N ASN A 177 -7.84 -7.67 -5.17
CA ASN A 177 -8.31 -6.63 -6.10
C ASN A 177 -7.48 -6.57 -7.39
N PHE A 178 -6.71 -7.62 -7.71
CA PHE A 178 -5.78 -7.53 -8.82
C PHE A 178 -6.49 -7.37 -10.16
N GLU A 179 -7.76 -7.78 -10.25
CA GLU A 179 -8.51 -7.65 -11.50
C GLU A 179 -9.24 -6.32 -11.61
N LYS A 180 -9.49 -5.65 -10.50
CA LYS A 180 -10.30 -4.43 -10.52
C LYS A 180 -9.77 -3.37 -11.48
N PRO A 181 -8.47 -3.05 -11.49
CA PRO A 181 -8.01 -1.97 -12.38
C PRO A 181 -8.33 -2.20 -13.85
N PHE A 182 -8.30 -3.46 -14.31
CA PHE A 182 -8.59 -3.73 -15.71
C PHE A 182 -10.08 -3.80 -15.98
N LEU A 183 -10.85 -4.28 -15.01
CA LEU A 183 -12.30 -4.31 -15.16
C LEU A 183 -12.86 -2.90 -15.26
N TRP A 184 -12.43 -2.01 -14.36
CA TRP A 184 -12.89 -0.63 -14.41
C TRP A 184 -12.51 0.04 -15.72
N LEU A 185 -11.27 -0.18 -16.19
CA LEU A 185 -10.83 0.44 -17.43
C LEU A 185 -11.58 -0.13 -18.63
N ALA A 186 -11.79 -1.44 -18.66
CA ALA A 186 -12.60 -2.04 -19.71
C ALA A 186 -13.97 -1.37 -19.78
N ARG A 187 -14.58 -1.12 -18.63
CA ARG A 187 -15.91 -0.50 -18.59
C ARG A 187 -15.86 0.92 -19.14
N LYS A 188 -14.84 1.69 -18.78
CA LYS A 188 -14.70 3.05 -19.28
C LYS A 188 -14.42 3.06 -20.77
N LEU A 189 -13.51 2.19 -21.23
CA LEU A 189 -13.06 2.23 -22.61
C LEU A 189 -14.16 1.77 -23.56
N ILE A 190 -14.94 0.77 -23.17
CA ILE A 190 -16.04 0.29 -23.99
C ILE A 190 -17.30 1.11 -23.81
N GLY A 191 -17.45 1.79 -22.68
CA GLY A 191 -18.66 2.55 -22.41
C GLY A 191 -19.82 1.73 -21.93
N ASP A 192 -19.57 0.59 -21.30
CA ASP A 192 -20.61 -0.28 -20.76
C ASP A 192 -20.34 -0.53 -19.29
N PRO A 193 -21.06 0.15 -18.38
CA PRO A 193 -20.83 -0.06 -16.94
C PRO A 193 -21.19 -1.46 -16.46
N ASN A 194 -21.83 -2.28 -17.29
CA ASN A 194 -22.20 -3.64 -16.91
C ASN A 194 -21.31 -4.70 -17.53
N LEU A 195 -20.27 -4.30 -18.24
CA LEU A 195 -19.31 -5.26 -18.76
C LEU A 195 -18.76 -6.11 -17.62
N GLU A 196 -18.68 -7.42 -17.86
CA GLU A 196 -18.14 -8.36 -16.88
C GLU A 196 -17.12 -9.25 -17.55
N PHE A 197 -16.14 -9.69 -16.75
CA PHE A 197 -15.28 -10.80 -17.18
C PHE A 197 -16.10 -12.09 -17.21
N VAL A 198 -15.82 -12.94 -18.19
CA VAL A 198 -16.51 -14.21 -18.34
C VAL A 198 -15.49 -15.28 -18.69
N ALA A 199 -15.92 -16.53 -18.56
CA ALA A 199 -15.03 -17.68 -18.72
C ALA A 199 -14.73 -17.92 -20.19
N MET A 200 -13.46 -17.87 -20.55
CA MET A 200 -13.05 -18.25 -21.89
C MET A 200 -13.48 -19.69 -22.16
N PRO A 201 -13.90 -20.01 -23.39
CA PRO A 201 -14.38 -21.38 -23.65
C PRO A 201 -13.24 -22.39 -23.56
N ALA A 202 -13.55 -23.56 -23.01
CA ALA A 202 -12.56 -24.58 -22.69
C ALA A 202 -12.72 -25.74 -23.68
N LEU A 203 -11.95 -25.71 -24.75
CA LEU A 203 -12.01 -26.75 -25.77
C LEU A 203 -11.66 -28.11 -25.18
N ALA A 204 -12.09 -29.16 -25.86
CA ALA A 204 -11.73 -30.51 -25.44
C ALA A 204 -10.24 -30.74 -25.69
N PRO A 205 -9.50 -31.28 -24.72
CA PRO A 205 -8.06 -31.41 -24.89
C PRO A 205 -7.69 -32.71 -25.59
N PRO A 206 -6.52 -32.75 -26.25
CA PRO A 206 -6.18 -33.90 -27.08
C PRO A 206 -5.86 -35.17 -26.30
N GLU A 207 -5.40 -36.19 -27.02
CA GLU A 207 -5.04 -37.48 -26.43
C GLU A 207 -3.63 -37.89 -26.82
N ASP A 211 6.06 -40.25 -27.06
CA ASP A 211 6.58 -41.50 -27.62
C ASP A 211 7.61 -42.12 -26.67
N PRO A 212 7.90 -43.41 -26.85
CA PRO A 212 8.84 -44.09 -25.93
C PRO A 212 10.26 -43.54 -26.03
N ALA A 213 10.62 -42.86 -27.11
CA ALA A 213 11.96 -42.28 -27.25
C ALA A 213 12.17 -41.04 -26.39
N LEU A 214 11.22 -40.73 -25.51
CA LEU A 214 11.36 -39.58 -24.61
C LEU A 214 10.97 -39.93 -23.18
N ALA A 215 10.67 -41.20 -22.88
CA ALA A 215 10.32 -41.59 -21.51
C ALA A 215 11.45 -41.27 -20.54
N ALA A 216 12.70 -41.49 -20.97
CA ALA A 216 13.84 -41.15 -20.14
C ALA A 216 14.15 -39.66 -20.16
N GLN A 217 13.64 -38.92 -21.14
CA GLN A 217 13.83 -37.47 -21.17
C GLN A 217 12.90 -36.78 -20.17
N TYR A 218 11.64 -37.22 -20.09
CA TYR A 218 10.72 -36.68 -19.10
C TYR A 218 11.03 -37.19 -17.71
N GLU A 219 11.74 -38.32 -17.59
CA GLU A 219 12.14 -38.81 -16.28
C GLU A 219 13.23 -37.93 -15.66
N HIS A 220 14.12 -37.38 -16.49
CA HIS A 220 15.13 -36.47 -15.97
C HIS A 220 14.49 -35.18 -15.47
N ASP A 221 13.64 -34.57 -16.30
CA ASP A 221 12.99 -33.32 -15.93
C ASP A 221 12.09 -33.51 -14.71
N LEU A 222 11.53 -34.71 -14.53
CA LEU A 222 10.65 -34.98 -13.40
C LEU A 222 11.44 -35.17 -12.11
N GLU A 223 12.60 -35.84 -12.18
CA GLU A 223 13.42 -36.02 -10.99
C GLU A 223 13.87 -34.69 -10.44
N VAL A 224 14.20 -33.74 -11.31
CA VAL A 224 14.58 -32.40 -10.86
C VAL A 224 13.38 -31.68 -10.25
N ALA A 225 12.22 -31.76 -10.91
CA ALA A 225 11.05 -31.04 -10.44
C ALA A 225 10.63 -31.48 -9.05
N GLN A 226 10.75 -32.78 -8.75
CA GLN A 226 10.36 -33.28 -7.43
C GLN A 226 11.30 -32.78 -6.35
N THR A 227 12.59 -32.69 -6.67
CA THR A 227 13.61 -32.33 -5.68
C THR A 227 13.84 -30.82 -5.58
N THR A 228 13.07 -30.03 -6.31
CA THR A 228 13.02 -28.59 -6.12
C THR A 228 11.77 -28.26 -5.31
N ALA A 229 11.97 -27.78 -4.08
CA ALA A 229 10.85 -27.57 -3.18
C ALA A 229 9.90 -26.50 -3.73
N LEU A 230 8.61 -26.69 -3.47
CA LEU A 230 7.62 -25.72 -3.91
C LEU A 230 7.74 -24.45 -3.07
N PRO A 231 7.59 -23.28 -3.68
CA PRO A 231 7.73 -22.04 -2.91
C PRO A 231 6.52 -21.77 -2.03
N ASP A 232 6.75 -20.95 -1.00
CA ASP A 232 5.70 -20.44 -0.12
C ASP A 232 4.83 -21.58 0.43
N GLU A 233 5.47 -22.52 1.10
CA GLU A 233 4.77 -23.68 1.63
C GLU A 233 3.94 -23.36 2.87
N ASP A 234 3.99 -22.13 3.38
CA ASP A 234 3.17 -21.74 4.53
C ASP A 234 1.89 -21.01 4.11
N ASP A 235 1.74 -20.69 2.83
CA ASP A 235 0.50 -20.07 2.36
C ASP A 235 -0.66 -21.05 2.40
N ASP A 236 -1.87 -20.50 2.57
CA ASP A 236 -3.07 -21.34 2.61
C ASP A 236 -3.17 -22.23 1.37
N LEU A 237 -2.69 -21.75 0.23
CA LEU A 237 -2.61 -22.56 -0.97
C LEU A 237 -1.23 -22.43 -1.61
N ILE B 5 -58.61 -9.88 -23.86
CA ILE B 5 -57.84 -9.18 -24.88
C ILE B 5 -56.35 -9.36 -24.60
N HIS B 6 -55.63 -9.77 -25.64
CA HIS B 6 -54.23 -10.17 -25.51
C HIS B 6 -53.33 -8.93 -25.58
N PHE B 7 -52.71 -8.60 -24.45
CA PHE B 7 -51.70 -7.55 -24.39
C PHE B 7 -50.34 -8.15 -24.67
N GLU B 8 -49.67 -7.64 -25.69
CA GLU B 8 -48.32 -8.12 -26.00
C GLU B 8 -47.35 -7.66 -24.91
N PRO B 9 -46.56 -8.55 -24.35
CA PRO B 9 -45.60 -8.13 -23.32
C PRO B 9 -44.37 -7.49 -23.94
N VAL B 10 -43.56 -6.89 -23.07
CA VAL B 10 -42.37 -6.18 -23.53
C VAL B 10 -41.37 -7.16 -24.13
N THR B 20 -19.40 -20.50 -21.57
CA THR B 20 -18.20 -21.33 -21.44
C THR B 20 -18.08 -22.24 -22.66
N MET B 21 -17.47 -23.41 -22.47
CA MET B 21 -17.56 -24.49 -23.45
C MET B 21 -17.41 -25.83 -22.72
N GLU B 22 -18.16 -25.99 -21.63
CA GLU B 22 -18.11 -27.21 -20.84
C GLU B 22 -19.50 -27.61 -20.36
N GLU B 23 -20.53 -27.26 -21.13
CA GLU B 23 -21.91 -27.54 -20.72
C GLU B 23 -22.31 -28.98 -21.00
N ASP B 24 -21.56 -29.69 -21.85
CA ASP B 24 -21.83 -31.09 -22.15
C ASP B 24 -21.06 -32.05 -21.25
N GLU B 25 -20.57 -31.57 -20.11
CA GLU B 25 -19.73 -32.36 -19.22
C GLU B 25 -20.36 -32.43 -17.83
N GLU B 26 -19.81 -33.33 -17.01
CA GLU B 26 -20.29 -33.59 -15.67
C GLU B 26 -19.13 -33.46 -14.70
N VAL B 27 -19.37 -32.77 -13.58
CA VAL B 27 -18.31 -32.48 -12.62
C VAL B 27 -18.21 -33.65 -11.64
N LEU B 28 -17.16 -34.46 -11.78
CA LEU B 28 -16.93 -35.57 -10.87
C LEU B 28 -16.32 -35.09 -9.56
N TYR B 29 -15.31 -34.23 -9.65
CA TYR B 29 -14.58 -33.75 -8.49
C TYR B 29 -14.29 -32.27 -8.66
N LYS B 30 -14.34 -31.53 -7.57
CA LYS B 30 -14.01 -30.11 -7.56
C LYS B 30 -13.23 -29.81 -6.28
N VAL B 31 -12.09 -29.13 -6.42
CA VAL B 31 -11.29 -28.77 -5.25
C VAL B 31 -10.52 -27.50 -5.56
N ARG B 32 -10.31 -26.70 -4.51
CA ARG B 32 -9.47 -25.51 -4.59
C ARG B 32 -8.01 -25.90 -4.54
N ALA B 33 -7.20 -25.30 -5.39
CA ALA B 33 -5.79 -25.67 -5.47
C ALA B 33 -4.99 -24.55 -6.10
N LYS B 34 -3.67 -24.65 -5.96
CA LYS B 34 -2.73 -23.77 -6.63
C LYS B 34 -1.85 -24.62 -7.54
N LEU B 35 -1.70 -24.19 -8.79
CA LEU B 35 -1.01 -24.95 -9.82
C LEU B 35 0.31 -24.28 -10.17
N PHE B 36 1.38 -25.06 -10.19
CA PHE B 36 2.70 -24.59 -10.61
C PHE B 36 3.14 -25.32 -11.87
N ARG B 37 3.98 -24.64 -12.64
CA ARG B 37 4.70 -25.24 -13.76
C ARG B 37 6.19 -25.08 -13.50
N PHE B 38 6.96 -26.10 -13.87
CA PHE B 38 8.40 -26.11 -13.61
C PHE B 38 9.13 -25.48 -14.78
N ASP B 39 9.92 -24.44 -14.50
CA ASP B 39 10.81 -23.83 -15.49
C ASP B 39 12.18 -24.49 -15.29
N ALA B 40 12.44 -25.53 -16.08
CA ALA B 40 13.70 -26.25 -15.97
C ALA B 40 14.88 -25.35 -16.28
N ASP B 41 14.73 -24.45 -17.25
CA ASP B 41 15.83 -23.57 -17.63
C ASP B 41 16.19 -22.57 -16.53
N ALA B 42 15.37 -22.47 -15.48
CA ALA B 42 15.68 -21.64 -14.32
C ALA B 42 15.64 -22.44 -13.02
N LYS B 43 15.51 -23.76 -13.10
CA LYS B 43 15.34 -24.63 -11.94
C LYS B 43 14.46 -23.94 -10.89
N GLU B 44 13.26 -23.55 -11.33
CA GLU B 44 12.39 -22.71 -10.53
C GLU B 44 10.94 -23.07 -10.82
N TRP B 45 10.16 -23.30 -9.77
CA TRP B 45 8.72 -23.44 -9.90
C TRP B 45 8.07 -22.08 -10.07
N LYS B 46 7.13 -22.00 -11.00
CA LYS B 46 6.40 -20.77 -11.27
C LYS B 46 4.91 -21.03 -11.13
N GLU B 47 4.20 -20.13 -10.45
CA GLU B 47 2.77 -20.26 -10.31
C GLU B 47 2.09 -20.04 -11.67
N ARG B 48 1.03 -20.78 -11.90
CA ARG B 48 0.26 -20.66 -13.12
C ARG B 48 -1.19 -20.27 -12.88
N GLY B 49 -1.69 -20.39 -11.65
CA GLY B 49 -3.08 -20.14 -11.39
C GLY B 49 -3.56 -20.73 -10.08
N THR B 50 -4.59 -20.09 -9.53
CA THR B 50 -5.21 -20.51 -8.28
C THR B 50 -6.71 -20.40 -8.47
N GLY B 51 -7.42 -21.48 -8.16
CA GLY B 51 -8.85 -21.52 -8.45
C GLY B 51 -9.38 -22.92 -8.20
N ASP B 52 -10.59 -23.17 -8.72
CA ASP B 52 -11.19 -24.49 -8.61
C ASP B 52 -10.61 -25.42 -9.66
N CYS B 53 -10.15 -26.60 -9.22
CA CYS B 53 -9.73 -27.65 -10.12
C CYS B 53 -10.88 -28.64 -10.27
N LYS B 54 -11.31 -28.89 -11.50
CA LYS B 54 -12.48 -29.70 -11.78
C LYS B 54 -12.11 -30.89 -12.66
N PHE B 55 -12.56 -32.08 -12.25
CA PHE B 55 -12.52 -33.26 -13.11
C PHE B 55 -13.84 -33.31 -13.87
N LEU B 56 -13.77 -33.12 -15.18
CA LEU B 56 -14.97 -33.01 -16.02
C LEU B 56 -15.10 -34.24 -16.91
N LYS B 57 -16.26 -34.89 -16.85
CA LYS B 57 -16.52 -36.11 -17.59
C LYS B 57 -17.43 -35.78 -18.79
N ASN B 58 -16.90 -35.96 -20.00
CA ASN B 58 -17.70 -35.75 -21.19
C ASN B 58 -18.77 -36.83 -21.31
N LYS B 59 -20.02 -36.40 -21.46
CA LYS B 59 -21.13 -37.35 -21.54
C LYS B 59 -21.09 -38.14 -22.84
N LYS B 60 -20.60 -37.54 -23.93
CA LYS B 60 -20.59 -38.17 -25.25
C LYS B 60 -19.34 -39.00 -25.50
N THR B 61 -18.40 -39.03 -24.57
CA THR B 61 -17.24 -39.92 -24.66
C THR B 61 -16.86 -40.55 -23.33
N ASN B 62 -17.35 -40.05 -22.21
CA ASN B 62 -16.98 -40.52 -20.87
C ASN B 62 -15.50 -40.30 -20.57
N LYS B 63 -14.82 -39.49 -21.38
CA LYS B 63 -13.44 -39.12 -21.08
C LYS B 63 -13.41 -37.99 -20.06
N VAL B 64 -12.47 -38.09 -19.12
CA VAL B 64 -12.37 -37.15 -18.01
C VAL B 64 -11.14 -36.28 -18.24
N ARG B 65 -11.32 -34.96 -18.10
CA ARG B 65 -10.21 -34.02 -18.18
C ARG B 65 -10.12 -33.25 -16.87
N ILE B 66 -8.99 -32.56 -16.71
CA ILE B 66 -8.84 -31.55 -15.68
C ILE B 66 -9.06 -30.20 -16.33
N LEU B 67 -9.98 -29.42 -15.76
CA LEU B 67 -10.17 -28.03 -16.15
C LEU B 67 -10.02 -27.16 -14.92
N MET B 68 -9.13 -26.18 -14.99
CA MET B 68 -8.83 -25.31 -13.87
C MET B 68 -8.79 -23.87 -14.36
N ARG B 69 -9.55 -23.00 -13.70
CA ARG B 69 -9.63 -21.59 -14.05
C ARG B 69 -9.11 -20.73 -12.92
N ARG B 70 -8.52 -19.59 -13.26
CA ARG B 70 -8.09 -18.62 -12.27
C ARG B 70 -9.29 -17.87 -11.71
N ASP B 71 -9.24 -17.57 -10.42
CA ASP B 71 -10.27 -16.74 -9.80
C ASP B 71 -10.37 -15.39 -10.50
N LYS B 72 -11.57 -14.81 -10.46
CA LYS B 72 -11.81 -13.44 -10.88
C LYS B 72 -11.75 -13.28 -12.39
N THR B 73 -10.60 -13.58 -13.01
CA THR B 73 -10.48 -13.46 -14.45
C THR B 73 -10.99 -14.69 -15.19
N LEU B 74 -11.05 -15.83 -14.52
CA LEU B 74 -11.61 -17.06 -15.07
C LEU B 74 -10.82 -17.59 -16.26
N LYS B 75 -9.56 -17.19 -16.37
CA LYS B 75 -8.72 -17.68 -17.46
C LYS B 75 -8.23 -19.09 -17.17
N ILE B 76 -8.19 -19.91 -18.21
CA ILE B 76 -7.84 -21.31 -18.07
C ILE B 76 -6.36 -21.44 -17.75
N CYS B 77 -6.03 -22.18 -16.69
CA CYS B 77 -4.65 -22.48 -16.35
C CYS B 77 -4.34 -23.97 -16.39
N ALA B 78 -5.31 -24.81 -16.75
CA ALA B 78 -5.05 -26.23 -16.95
C ALA B 78 -6.22 -26.84 -17.71
N ASN B 79 -5.91 -27.55 -18.79
CA ASN B 79 -6.94 -28.22 -19.59
C ASN B 79 -6.27 -29.40 -20.30
N HIS B 80 -6.47 -30.61 -19.78
CA HIS B 80 -5.81 -31.79 -20.33
C HIS B 80 -6.50 -33.03 -19.80
N ILE B 81 -6.35 -34.13 -20.56
CA ILE B 81 -6.93 -35.41 -20.17
C ILE B 81 -6.13 -35.99 -19.01
N ILE B 82 -6.83 -36.64 -18.09
CA ILE B 82 -6.18 -37.38 -17.00
C ILE B 82 -5.68 -38.70 -17.58
N ALA B 83 -4.60 -38.63 -18.35
CA ALA B 83 -4.11 -39.79 -19.07
C ALA B 83 -3.81 -40.94 -18.10
N PRO B 84 -4.07 -42.20 -18.50
CA PRO B 84 -3.72 -43.32 -17.61
C PRO B 84 -2.23 -43.51 -17.40
N GLU B 85 -1.38 -42.94 -18.25
CA GLU B 85 0.06 -43.11 -18.09
C GLU B 85 0.64 -42.17 -17.04
N TYR B 86 0.00 -41.03 -16.81
CA TYR B 86 0.51 -40.07 -15.84
C TYR B 86 0.64 -40.70 -14.46
N THR B 87 1.56 -40.15 -13.66
CA THR B 87 1.84 -40.68 -12.33
C THR B 87 2.04 -39.53 -11.36
N LEU B 88 1.31 -39.56 -10.25
CA LEU B 88 1.36 -38.51 -9.24
C LEU B 88 2.49 -38.81 -8.27
N LYS B 89 3.48 -37.92 -8.21
CA LYS B 89 4.64 -38.05 -7.34
C LYS B 89 4.61 -36.97 -6.27
N PRO B 90 5.04 -37.27 -5.04
CA PRO B 90 5.15 -36.21 -4.03
C PRO B 90 6.31 -35.28 -4.34
N ASN B 91 6.22 -34.07 -3.78
CA ASN B 91 7.29 -33.10 -3.85
C ASN B 91 7.99 -33.05 -2.50
N VAL B 92 9.30 -32.76 -2.54
CA VAL B 92 10.13 -32.96 -1.36
C VAL B 92 9.72 -32.04 -0.22
N GLY B 93 9.20 -30.86 -0.53
CA GLY B 93 8.91 -29.87 0.50
C GLY B 93 7.46 -29.76 0.90
N SER B 94 6.63 -30.75 0.56
CA SER B 94 5.19 -30.61 0.76
C SER B 94 4.55 -31.98 0.96
N ASP B 95 3.69 -32.08 1.98
CA ASP B 95 2.86 -33.26 2.21
C ASP B 95 1.43 -33.04 1.73
N ARG B 96 1.20 -32.01 0.91
CA ARG B 96 -0.13 -31.69 0.40
C ARG B 96 -0.07 -31.29 -1.07
N SER B 97 0.84 -31.89 -1.83
CA SER B 97 0.98 -31.57 -3.24
C SER B 97 1.34 -32.83 -4.02
N TRP B 98 1.11 -32.76 -5.33
CA TRP B 98 1.51 -33.81 -6.25
C TRP B 98 2.24 -33.20 -7.43
N VAL B 99 3.26 -33.90 -7.90
CA VAL B 99 4.01 -33.53 -9.09
C VAL B 99 3.74 -34.58 -10.15
N TYR B 100 3.59 -34.15 -11.40
CA TYR B 100 3.46 -35.12 -12.47
C TYR B 100 3.66 -34.41 -13.81
N ALA B 101 4.18 -35.16 -14.76
CA ALA B 101 4.40 -34.63 -16.10
C ALA B 101 3.13 -34.70 -16.93
N CYS B 102 2.95 -33.71 -17.79
CA CYS B 102 1.80 -33.63 -18.67
C CYS B 102 2.31 -33.36 -20.08
N THR B 103 1.91 -34.20 -21.02
CA THR B 103 2.43 -34.12 -22.38
C THR B 103 1.59 -33.26 -23.30
N ALA B 104 0.36 -32.91 -22.92
CA ALA B 104 -0.51 -32.15 -23.82
C ALA B 104 -1.50 -31.34 -22.97
N ASP B 105 -1.13 -30.11 -22.66
CA ASP B 105 -2.03 -29.14 -22.03
C ASP B 105 -2.30 -28.00 -23.00
N ILE B 106 -3.56 -27.56 -23.06
CA ILE B 106 -3.98 -26.57 -24.05
C ILE B 106 -4.58 -25.34 -23.38
N ALA B 107 -4.08 -25.01 -22.18
CA ALA B 107 -4.56 -23.79 -21.52
C ALA B 107 -4.14 -22.55 -22.28
N GLU B 108 -2.94 -22.55 -22.84
CA GLU B 108 -2.41 -21.38 -23.54
C GLU B 108 -2.06 -21.70 -24.98
N GLY B 109 -2.99 -22.27 -25.72
CA GLY B 109 -2.85 -22.43 -27.16
C GLY B 109 -2.45 -23.85 -27.54
N GLU B 110 -1.42 -23.97 -28.37
CA GLU B 110 -1.03 -25.28 -28.90
C GLU B 110 -0.74 -26.25 -27.77
N ALA B 111 -1.17 -27.49 -27.95
CA ALA B 111 -0.84 -28.55 -27.00
C ALA B 111 0.65 -28.52 -26.70
N GLU B 112 0.97 -28.48 -25.41
CA GLU B 112 2.34 -28.33 -24.95
C GLU B 112 2.53 -29.22 -23.73
N ALA B 113 3.78 -29.58 -23.47
CA ALA B 113 4.11 -30.49 -22.38
C ALA B 113 4.59 -29.70 -21.18
N PHE B 114 4.29 -30.22 -19.98
CA PHE B 114 4.65 -29.53 -18.75
C PHE B 114 4.93 -30.53 -17.65
N THR B 115 5.80 -30.12 -16.73
CA THR B 115 5.91 -30.75 -15.42
C THR B 115 5.11 -29.89 -14.44
N PHE B 116 3.94 -30.39 -14.04
CA PHE B 116 3.03 -29.65 -13.20
C PHE B 116 3.22 -30.01 -11.73
N ALA B 117 2.87 -29.06 -10.87
CA ALA B 117 2.67 -29.33 -9.45
C ALA B 117 1.39 -28.65 -9.02
N ILE B 118 0.59 -29.36 -8.24
CA ILE B 118 -0.68 -28.85 -7.74
C ILE B 118 -0.70 -29.02 -6.23
N ARG B 119 -1.02 -27.95 -5.52
CA ARG B 119 -1.04 -27.95 -4.07
C ARG B 119 -2.45 -27.60 -3.59
N PHE B 120 -2.78 -28.09 -2.40
CA PHE B 120 -4.12 -27.99 -1.85
C PHE B 120 -4.04 -27.40 -0.44
N GLY B 121 -5.20 -27.23 0.19
CA GLY B 121 -5.24 -26.63 1.50
C GLY B 121 -4.86 -27.55 2.63
N SER B 122 -4.84 -28.86 2.39
CA SER B 122 -4.59 -29.82 3.45
C SER B 122 -4.14 -31.13 2.83
N LYS B 123 -3.39 -31.91 3.60
CA LYS B 123 -3.03 -33.25 3.14
C LYS B 123 -4.27 -34.09 2.86
N GLU B 124 -5.37 -33.82 3.57
CA GLU B 124 -6.61 -34.56 3.31
C GLU B 124 -7.08 -34.32 1.89
N ASN B 125 -7.26 -33.05 1.51
CA ASN B 125 -7.67 -32.74 0.14
C ASN B 125 -6.68 -33.27 -0.88
N ALA B 126 -5.39 -33.31 -0.54
CA ALA B 126 -4.39 -33.79 -1.48
C ALA B 126 -4.53 -35.28 -1.73
N ASP B 127 -4.72 -36.06 -0.66
CA ASP B 127 -4.91 -37.50 -0.84
C ASP B 127 -6.20 -37.80 -1.59
N LYS B 128 -7.31 -37.21 -1.16
CA LYS B 128 -8.58 -37.37 -1.86
C LYS B 128 -8.44 -37.05 -3.34
N PHE B 129 -7.66 -36.02 -3.67
CA PHE B 129 -7.39 -35.69 -5.06
C PHE B 129 -6.72 -36.86 -5.78
N LYS B 130 -5.75 -37.51 -5.12
CA LYS B 130 -5.11 -38.68 -5.71
C LYS B 130 -6.12 -39.80 -5.89
N GLU B 131 -7.01 -39.99 -4.92
CA GLU B 131 -8.11 -40.92 -5.05
C GLU B 131 -8.86 -40.64 -6.35
N GLU B 132 -9.54 -39.50 -6.40
CA GLU B 132 -10.34 -39.13 -7.57
C GLU B 132 -9.53 -39.15 -8.85
N PHE B 133 -8.26 -38.75 -8.78
CA PHE B 133 -7.42 -38.68 -9.96
C PHE B 133 -7.17 -40.08 -10.53
N GLU B 134 -6.99 -41.07 -9.66
CA GLU B 134 -6.78 -42.44 -10.11
C GLU B 134 -8.08 -43.10 -10.56
N LYS B 135 -9.17 -42.86 -9.82
CA LYS B 135 -10.49 -43.26 -10.30
C LYS B 135 -10.70 -42.79 -11.73
N ALA B 136 -10.52 -41.48 -11.96
CA ALA B 136 -10.70 -40.92 -13.29
C ALA B 136 -9.77 -41.58 -14.31
N GLN B 137 -8.56 -41.95 -13.89
CA GLN B 137 -7.62 -42.59 -14.82
C GLN B 137 -8.22 -43.86 -15.39
N GLU B 138 -8.89 -44.65 -14.56
CA GLU B 138 -9.55 -45.86 -15.05
C GLU B 138 -10.68 -45.51 -16.00
N ILE B 139 -11.54 -44.56 -15.61
CA ILE B 139 -12.63 -44.15 -16.49
C ILE B 139 -12.14 -43.93 -17.91
N ASN B 140 -10.91 -43.44 -18.06
CA ASN B 140 -10.34 -43.19 -19.38
C ASN B 140 -9.80 -44.48 -19.98
N LYS B 141 -10.36 -45.62 -19.56
CA LYS B 141 -10.04 -46.92 -20.16
C LYS B 141 -11.19 -47.88 -19.94
N SER C 3 20.17 -2.58 -39.05
CA SER C 3 19.93 -1.54 -40.08
C SER C 3 19.42 -0.24 -39.43
N MET C 4 18.44 -0.38 -38.54
CA MET C 4 17.88 0.79 -37.86
C MET C 4 18.92 1.51 -37.01
N GLU C 5 20.01 0.84 -36.64
CA GLU C 5 21.00 1.42 -35.74
C GLU C 5 21.84 2.52 -36.38
N GLY C 6 21.42 3.05 -37.54
CA GLY C 6 22.24 4.03 -38.24
C GLY C 6 22.15 5.42 -37.68
N ILE C 7 20.98 5.80 -37.15
CA ILE C 7 20.84 7.13 -36.54
C ILE C 7 21.82 7.31 -35.39
N LEU C 8 22.31 6.21 -34.81
CA LEU C 8 23.26 6.26 -33.72
C LEU C 8 24.68 6.61 -34.16
N ASP C 9 24.90 6.80 -35.46
CA ASP C 9 26.20 7.19 -35.99
C ASP C 9 26.15 8.68 -36.31
N PHE C 10 26.89 9.48 -35.55
CA PHE C 10 26.83 10.93 -35.64
C PHE C 10 27.90 11.52 -36.56
N SER C 11 28.92 10.73 -36.92
CA SER C 11 29.87 11.20 -37.94
C SER C 11 29.15 11.53 -39.24
N ASN C 12 28.18 10.71 -39.61
CA ASN C 12 27.33 11.00 -40.75
C ASN C 12 26.18 11.91 -40.32
N ASP C 13 25.61 12.60 -41.30
CA ASP C 13 24.41 13.39 -41.05
C ASP C 13 23.31 12.49 -40.50
N LEU C 14 22.29 13.11 -39.90
CA LEU C 14 21.13 12.39 -39.43
C LEU C 14 20.14 12.25 -40.57
N ASP C 15 19.81 11.01 -40.92
CA ASP C 15 18.79 10.72 -41.92
C ASP C 15 17.43 10.78 -41.23
N ILE C 16 16.71 11.90 -41.42
CA ILE C 16 15.40 12.06 -40.79
C ILE C 16 14.50 10.89 -41.14
N ALA C 17 14.55 10.44 -42.39
CA ALA C 17 13.67 9.35 -42.82
C ALA C 17 13.96 8.07 -42.07
N LEU C 18 15.23 7.82 -41.73
CA LEU C 18 15.54 6.67 -40.88
C LEU C 18 15.03 6.88 -39.47
N LEU C 19 15.05 8.12 -38.98
CA LEU C 19 14.48 8.42 -37.67
C LEU C 19 12.99 8.11 -37.63
N ASP C 20 12.22 8.71 -38.55
CA ASP C 20 10.77 8.51 -38.56
C ASP C 20 10.41 7.04 -38.69
N GLN C 21 11.27 6.23 -39.32
CA GLN C 21 10.99 4.80 -39.41
C GLN C 21 11.25 4.10 -38.08
N VAL C 22 12.35 4.46 -37.41
CA VAL C 22 12.60 3.91 -36.07
C VAL C 22 11.47 4.30 -35.13
N VAL C 23 11.11 5.58 -35.13
CA VAL C 23 10.04 6.07 -34.25
C VAL C 23 8.75 5.31 -34.53
N SER C 24 8.37 5.18 -35.81
CA SER C 24 7.12 4.52 -36.14
C SER C 24 7.14 3.06 -35.72
N THR C 25 8.25 2.36 -35.96
CA THR C 25 8.36 0.96 -35.55
C THR C 25 8.20 0.83 -34.04
N PHE C 26 8.54 1.87 -33.29
CA PHE C 26 8.37 1.81 -31.84
C PHE C 26 6.92 2.06 -31.43
N TYR C 27 6.29 3.09 -32.01
CA TYR C 27 4.97 3.49 -31.58
C TYR C 27 3.87 2.63 -32.18
N GLN C 28 3.98 2.29 -33.47
CA GLN C 28 2.98 1.47 -34.13
C GLN C 28 3.43 0.02 -34.33
N GLY C 29 4.72 -0.26 -34.20
CA GLY C 29 5.21 -1.60 -34.42
C GLY C 29 4.78 -2.54 -33.31
N SER C 30 5.42 -3.71 -33.30
CA SER C 30 5.09 -4.72 -32.30
C SER C 30 6.26 -5.69 -32.17
N GLY C 31 6.25 -6.44 -31.06
CA GLY C 31 7.20 -7.53 -30.88
C GLY C 31 8.64 -7.09 -30.97
N VAL C 32 9.45 -7.94 -31.62
CA VAL C 32 10.90 -7.77 -31.60
C VAL C 32 11.31 -6.46 -32.26
N GLN C 33 10.66 -6.10 -33.38
CA GLN C 33 11.00 -4.86 -34.06
C GLN C 33 10.77 -3.67 -33.14
N GLN C 34 9.61 -3.61 -32.51
CA GLN C 34 9.33 -2.54 -31.55
C GLN C 34 10.39 -2.47 -30.47
N LYS C 35 10.71 -3.62 -29.87
CA LYS C 35 11.72 -3.66 -28.81
C LYS C 35 13.05 -3.11 -29.31
N GLN C 36 13.50 -3.55 -30.49
CA GLN C 36 14.77 -3.08 -31.03
C GLN C 36 14.77 -1.56 -31.19
N ALA C 37 13.71 -1.02 -31.80
CA ALA C 37 13.63 0.42 -32.00
C ALA C 37 13.70 1.16 -30.67
N GLN C 38 13.08 0.60 -29.63
CA GLN C 38 13.09 1.25 -28.32
C GLN C 38 14.52 1.42 -27.81
N GLU C 39 15.30 0.35 -27.82
CA GLU C 39 16.69 0.44 -27.38
C GLU C 39 17.46 1.47 -28.21
N ILE C 40 17.16 1.55 -29.51
CA ILE C 40 17.81 2.55 -30.36
C ILE C 40 17.41 3.96 -29.95
N LEU C 41 16.11 4.19 -29.79
CA LEU C 41 15.64 5.54 -29.46
C LEU C 41 16.19 6.00 -28.11
N THR C 42 16.32 5.08 -27.15
CA THR C 42 16.89 5.45 -25.86
C THR C 42 18.36 5.80 -25.99
N LYS C 43 19.14 4.98 -26.72
CA LYS C 43 20.55 5.30 -26.93
C LYS C 43 20.72 6.59 -27.71
N PHE C 44 19.82 6.86 -28.65
CA PHE C 44 19.88 8.12 -29.40
C PHE C 44 19.56 9.30 -28.50
N GLN C 45 18.45 9.24 -27.78
CA GLN C 45 18.04 10.33 -26.90
C GLN C 45 19.09 10.61 -25.83
N ASP C 46 19.82 9.59 -25.39
CA ASP C 46 20.79 9.73 -24.32
C ASP C 46 22.16 10.15 -24.81
N ASN C 47 22.34 10.31 -26.12
CA ASN C 47 23.58 10.88 -26.63
C ASN C 47 23.70 12.31 -26.11
N PRO C 48 24.80 12.67 -25.42
CA PRO C 48 24.94 14.06 -24.95
C PRO C 48 25.07 15.08 -26.07
N ASP C 49 25.20 14.66 -27.32
CA ASP C 49 25.23 15.56 -28.47
C ASP C 49 23.91 15.59 -29.23
N ALA C 50 22.98 14.67 -28.95
CA ALA C 50 21.75 14.60 -29.73
C ALA C 50 21.00 15.92 -29.77
N TRP C 51 21.14 16.75 -28.73
CA TRP C 51 20.42 18.01 -28.70
C TRP C 51 20.80 18.90 -29.88
N GLN C 52 22.02 18.75 -30.40
CA GLN C 52 22.44 19.56 -31.54
C GLN C 52 21.62 19.26 -32.78
N LYS C 53 21.20 18.02 -32.95
CA LYS C 53 20.41 17.61 -34.10
C LYS C 53 18.92 17.84 -33.90
N ALA C 54 18.54 18.55 -32.83
CA ALA C 54 17.13 18.78 -32.54
C ALA C 54 16.51 19.77 -33.52
N ASP C 55 17.26 20.78 -33.94
CA ASP C 55 16.70 21.75 -34.88
C ASP C 55 16.39 21.09 -36.22
N GLN C 56 17.24 20.16 -36.66
CA GLN C 56 16.97 19.43 -37.89
C GLN C 56 15.63 18.72 -37.82
N ILE C 57 15.40 17.99 -36.74
CA ILE C 57 14.19 17.18 -36.62
C ILE C 57 12.94 18.09 -36.61
N LEU C 58 12.99 19.16 -35.81
CA LEU C 58 11.84 20.04 -35.68
C LEU C 58 11.48 20.73 -36.99
N GLN C 59 12.44 20.83 -37.92
CA GLN C 59 12.21 21.50 -39.20
C GLN C 59 11.87 20.54 -40.32
N PHE C 60 12.56 19.41 -40.41
CA PHE C 60 12.48 18.56 -41.58
C PHE C 60 11.84 17.20 -41.31
N SER C 61 11.43 16.93 -40.07
CA SER C 61 10.63 15.75 -39.80
C SER C 61 9.16 16.04 -40.09
N THR C 62 8.44 15.01 -40.51
CA THR C 62 7.00 15.06 -40.65
C THR C 62 6.31 14.31 -39.53
N ASN C 63 7.07 13.65 -38.66
CA ASN C 63 6.52 12.77 -37.63
C ASN C 63 6.42 13.53 -36.32
N PRO C 64 5.22 13.72 -35.76
CA PRO C 64 5.14 14.45 -34.47
C PRO C 64 5.78 13.70 -33.32
N GLN C 65 5.77 12.36 -33.34
CA GLN C 65 6.45 11.60 -32.31
C GLN C 65 7.95 11.89 -32.32
N SER C 66 8.53 12.09 -33.51
CA SER C 66 9.95 12.37 -33.61
C SER C 66 10.26 13.78 -33.14
N LYS C 67 9.40 14.74 -33.46
CA LYS C 67 9.57 16.09 -32.95
C LYS C 67 9.37 16.14 -31.44
N PHE C 68 8.51 15.27 -30.91
CA PHE C 68 8.33 15.18 -29.46
C PHE C 68 9.60 14.68 -28.79
N ILE C 69 10.21 13.63 -29.35
CA ILE C 69 11.48 13.13 -28.82
C ILE C 69 12.56 14.20 -28.93
N ALA C 70 12.55 14.97 -30.02
CA ALA C 70 13.49 16.07 -30.14
C ALA C 70 13.37 17.04 -28.98
N LEU C 71 12.14 17.37 -28.59
CA LEU C 71 11.93 18.31 -27.50
C LEU C 71 12.33 17.70 -26.16
N SER C 72 12.10 16.40 -25.97
CA SER C 72 12.58 15.74 -24.76
C SER C 72 14.09 15.85 -24.65
N ILE C 73 14.80 15.63 -25.75
CA ILE C 73 16.25 15.76 -25.75
C ILE C 73 16.63 17.19 -25.39
N LEU C 74 15.88 18.17 -25.89
CA LEU C 74 16.13 19.57 -25.52
C LEU C 74 15.83 19.80 -24.05
N ASP C 75 14.70 19.30 -23.57
CA ASP C 75 14.35 19.45 -22.15
C ASP C 75 15.51 19.04 -21.25
N LYS C 76 16.03 17.82 -21.46
CA LYS C 76 17.16 17.36 -20.66
C LYS C 76 18.29 18.37 -20.64
N LEU C 77 18.50 19.07 -21.76
CA LEU C 77 19.63 19.96 -21.92
C LEU C 77 19.38 21.30 -21.22
N ILE C 78 18.17 21.83 -21.35
CA ILE C 78 17.82 23.09 -20.70
C ILE C 78 17.84 22.94 -19.19
N THR C 79 17.32 21.81 -18.69
CA THR C 79 17.18 21.67 -17.24
C THR C 79 18.49 21.28 -16.56
N ARG C 80 19.39 20.59 -17.27
CA ARG C 80 20.61 20.09 -16.65
C ARG C 80 21.88 20.82 -17.06
N LYS C 81 21.96 21.38 -18.28
CA LYS C 81 23.23 21.92 -18.78
C LYS C 81 23.14 23.30 -19.41
N TRP C 82 21.96 23.92 -19.44
CA TRP C 82 21.75 25.26 -19.99
C TRP C 82 22.93 26.20 -19.80
N LYS C 83 23.33 26.43 -18.55
CA LYS C 83 24.28 27.49 -18.23
C LYS C 83 25.70 27.18 -18.69
N LEU C 84 25.97 25.93 -19.07
CA LEU C 84 27.28 25.55 -19.59
C LEU C 84 27.45 25.94 -21.05
N LEU C 85 26.37 26.30 -21.74
CA LEU C 85 26.42 26.52 -23.17
C LEU C 85 27.08 27.85 -23.50
N PRO C 86 27.70 27.97 -24.68
CA PRO C 86 27.99 29.29 -25.22
C PRO C 86 26.69 30.08 -25.30
N ASN C 87 26.74 31.34 -24.85
CA ASN C 87 25.53 32.14 -24.84
C ASN C 87 24.88 32.20 -26.21
N ASP C 88 25.61 31.90 -27.28
CA ASP C 88 25.02 31.86 -28.62
C ASP C 88 23.94 30.79 -28.69
N HIS C 89 24.29 29.55 -28.34
CA HIS C 89 23.32 28.47 -28.41
C HIS C 89 22.07 28.78 -27.57
N ARG C 90 22.26 29.35 -26.39
N ARG C 90 22.26 29.37 -26.40
CA ARG C 90 21.12 29.67 -25.53
CA ARG C 90 21.11 29.65 -25.54
C ARG C 90 20.14 30.58 -26.24
C ARG C 90 20.13 30.61 -26.21
N ILE C 91 20.64 31.63 -26.91
CA ILE C 91 19.76 32.54 -27.63
C ILE C 91 19.15 31.83 -28.84
N GLY C 92 19.93 30.97 -29.50
CA GLY C 92 19.45 30.23 -30.65
C GLY C 92 18.33 29.28 -30.29
N ILE C 93 18.60 28.37 -29.35
CA ILE C 93 17.58 27.43 -28.89
C ILE C 93 16.30 28.16 -28.54
N ARG C 94 16.43 29.22 -27.75
CA ARG C 94 15.27 30.03 -27.36
C ARG C 94 14.50 30.51 -28.59
N ASN C 95 15.23 31.01 -29.60
CA ASN C 95 14.57 31.62 -30.76
C ASN C 95 13.81 30.58 -31.57
N PHE C 96 14.39 29.40 -31.83
CA PHE C 96 13.71 28.43 -32.68
C PHE C 96 12.72 27.56 -31.90
N VAL C 97 12.64 27.70 -30.58
CA VAL C 97 11.49 27.18 -29.85
C VAL C 97 10.34 28.17 -29.92
N VAL C 98 10.63 29.46 -29.75
CA VAL C 98 9.60 30.48 -29.89
C VAL C 98 9.02 30.46 -31.31
N GLY C 99 9.88 30.33 -32.32
CA GLY C 99 9.41 30.36 -33.69
C GLY C 99 8.57 29.14 -34.03
N MET C 100 9.05 27.96 -33.66
CA MET C 100 8.31 26.73 -33.92
C MET C 100 6.90 26.80 -33.34
N ILE C 101 6.73 27.48 -32.20
CA ILE C 101 5.42 27.56 -31.57
C ILE C 101 4.51 28.51 -32.33
N ILE C 102 5.04 29.66 -32.76
CA ILE C 102 4.22 30.60 -33.53
C ILE C 102 3.75 29.96 -34.82
N SER C 103 4.64 29.23 -35.50
CA SER C 103 4.27 28.64 -36.78
C SER C 103 3.24 27.53 -36.62
N MET C 104 3.23 26.84 -35.48
CA MET C 104 2.21 25.83 -35.24
C MET C 104 0.86 26.47 -34.94
N CYS C 105 0.87 27.61 -34.23
CA CYS C 105 -0.39 28.27 -33.89
C CYS C 105 -1.05 28.91 -35.12
N GLN C 106 -0.25 29.30 -36.12
CA GLN C 106 -0.79 30.02 -37.27
C GLN C 106 -1.45 29.08 -38.26
N ASP C 107 -0.94 27.86 -38.43
CA ASP C 107 -1.57 26.86 -39.28
C ASP C 107 -2.71 26.23 -38.49
N ASP C 108 -3.92 26.72 -38.70
CA ASP C 108 -5.08 26.18 -37.98
C ASP C 108 -5.16 24.67 -38.09
N GLU C 109 -4.61 24.10 -39.18
CA GLU C 109 -4.62 22.65 -39.34
C GLU C 109 -3.69 21.98 -38.33
N VAL C 110 -2.46 22.48 -38.22
CA VAL C 110 -1.51 21.95 -37.25
C VAL C 110 -1.99 22.22 -35.82
N PHE C 111 -2.50 23.42 -35.58
CA PHE C 111 -3.03 23.75 -34.26
C PHE C 111 -4.11 22.75 -33.84
N LYS C 112 -4.93 22.31 -34.80
CA LYS C 112 -6.05 21.44 -34.48
C LYS C 112 -5.60 20.01 -34.20
N THR C 113 -4.61 19.51 -34.94
CA THR C 113 -4.31 18.09 -34.98
C THR C 113 -3.06 17.68 -34.22
N GLN C 114 -2.24 18.62 -33.75
CA GLN C 114 -0.97 18.32 -33.11
C GLN C 114 -0.90 18.88 -31.70
N LYS C 115 -2.00 18.76 -30.94
CA LYS C 115 -2.04 19.35 -29.60
C LYS C 115 -0.96 18.76 -28.70
N ASN C 116 -0.59 17.48 -28.91
CA ASN C 116 0.43 16.88 -28.06
C ASN C 116 1.80 17.50 -28.31
N LEU C 117 2.13 17.74 -29.58
CA LEU C 117 3.41 18.35 -29.89
C LEU C 117 3.44 19.82 -29.50
N ILE C 118 2.29 20.50 -29.51
CA ILE C 118 2.24 21.89 -29.12
C ILE C 118 2.36 22.03 -27.61
N ASN C 119 1.70 21.14 -26.87
CA ASN C 119 1.82 21.18 -25.41
C ASN C 119 3.25 20.90 -24.97
N LYS C 120 3.92 19.96 -25.64
CA LYS C 120 5.32 19.67 -25.33
C LYS C 120 6.20 20.89 -25.61
N SER C 121 5.95 21.59 -26.71
CA SER C 121 6.73 22.78 -27.03
C SER C 121 6.50 23.87 -25.99
N ASP C 122 5.26 24.07 -25.57
CA ASP C 122 4.95 25.03 -24.51
C ASP C 122 5.74 24.70 -23.24
N LEU C 123 5.71 23.44 -22.81
CA LEU C 123 6.44 23.07 -21.60
C LEU C 123 7.93 23.30 -21.78
N THR C 124 8.46 22.97 -22.96
CA THR C 124 9.87 23.23 -23.24
C THR C 124 10.18 24.72 -23.14
N LEU C 125 9.30 25.55 -23.69
CA LEU C 125 9.43 27.00 -23.53
C LEU C 125 9.47 27.37 -22.05
N VAL C 126 8.61 26.75 -21.25
CA VAL C 126 8.51 27.09 -19.83
C VAL C 126 9.80 26.71 -19.10
N GLN C 127 10.48 25.66 -19.55
CA GLN C 127 11.80 25.35 -18.99
C GLN C 127 12.77 26.49 -19.24
N ILE C 128 12.75 27.04 -20.45
CA ILE C 128 13.62 28.16 -20.78
C ILE C 128 13.33 29.35 -19.88
N LEU C 129 12.04 29.65 -19.67
CA LEU C 129 11.66 30.75 -18.80
C LEU C 129 12.22 30.58 -17.40
N LYS C 130 12.19 29.35 -16.87
CA LYS C 130 12.73 29.11 -15.54
C LYS C 130 14.21 29.44 -15.47
N GLN C 131 14.91 29.33 -16.60
CA GLN C 131 16.33 29.68 -16.68
C GLN C 131 16.51 31.17 -16.92
N GLU C 132 15.74 31.74 -17.84
CA GLU C 132 16.04 33.03 -18.43
C GLU C 132 15.12 34.17 -17.99
N TRP C 133 13.99 33.86 -17.36
CA TRP C 133 12.99 34.89 -17.16
C TRP C 133 12.85 35.24 -15.67
N PRO C 134 12.67 36.54 -15.31
CA PRO C 134 12.58 37.71 -16.18
C PRO C 134 13.90 38.44 -16.40
N GLN C 135 14.98 38.01 -15.73
CA GLN C 135 16.21 38.79 -15.74
C GLN C 135 16.75 38.96 -17.16
N ASN C 136 16.71 37.91 -17.97
CA ASN C 136 17.19 37.96 -19.35
C ASN C 136 16.04 37.94 -20.37
N TRP C 137 14.88 38.44 -19.99
CA TRP C 137 13.71 38.33 -20.86
C TRP C 137 12.57 39.17 -20.30
N PRO C 138 12.84 40.40 -19.86
CA PRO C 138 11.82 41.14 -19.09
C PRO C 138 10.55 41.43 -19.85
N GLU C 139 10.54 41.27 -21.17
CA GLU C 139 9.39 41.65 -21.98
C GLU C 139 8.51 40.47 -22.35
N PHE C 140 8.75 39.29 -21.75
CA PHE C 140 7.99 38.11 -22.15
C PHE C 140 6.49 38.29 -21.90
N ILE C 141 6.13 38.74 -20.72
CA ILE C 141 4.71 38.85 -20.36
C ILE C 141 4.06 39.94 -21.21
N PRO C 142 4.62 41.16 -21.25
CA PRO C 142 4.02 42.19 -22.13
C PRO C 142 3.88 41.74 -23.58
N GLU C 143 4.89 41.08 -24.14
CA GLU C 143 4.80 40.63 -25.53
C GLU C 143 3.82 39.47 -25.69
N LEU C 144 3.69 38.64 -24.64
CA LEU C 144 2.66 37.60 -24.67
C LEU C 144 1.26 38.21 -24.67
N ILE C 145 1.03 39.22 -23.84
CA ILE C 145 -0.27 39.89 -23.80
C ILE C 145 -0.52 40.60 -25.13
N GLY C 146 0.53 41.11 -25.77
CA GLY C 146 0.35 41.77 -27.04
C GLY C 146 -0.02 40.81 -28.16
N SER C 147 0.71 39.69 -28.25
CA SER C 147 0.45 38.72 -29.31
C SER C 147 -0.87 38.00 -29.11
N SER C 148 -1.51 38.13 -27.95
CA SER C 148 -2.76 37.41 -27.70
C SER C 148 -3.90 37.98 -28.55
N SER C 149 -3.94 39.30 -28.71
CA SER C 149 -5.05 39.95 -29.39
C SER C 149 -5.02 39.77 -30.90
N SER C 150 -3.91 39.29 -31.47
CA SER C 150 -3.77 39.16 -32.91
C SER C 150 -4.23 37.82 -33.44
N SER C 151 -4.65 36.89 -32.57
CA SER C 151 -4.98 35.55 -33.01
C SER C 151 -5.58 34.72 -31.88
N VAL C 152 -6.74 34.12 -32.13
CA VAL C 152 -7.39 33.28 -31.13
C VAL C 152 -6.52 32.08 -30.80
N ASN C 153 -5.95 31.44 -31.82
CA ASN C 153 -5.14 30.24 -31.58
C ASN C 153 -3.91 30.56 -30.74
N VAL C 154 -3.31 31.74 -30.95
CA VAL C 154 -2.14 32.12 -30.17
C VAL C 154 -2.55 32.52 -28.77
N CYS C 155 -3.69 33.20 -28.64
CA CYS C 155 -4.18 33.56 -27.31
C CYS C 155 -4.50 32.33 -26.50
N GLU C 156 -5.19 31.36 -27.10
CA GLU C 156 -5.46 30.10 -26.43
C GLU C 156 -4.16 29.44 -25.97
N ASN C 157 -3.16 29.36 -26.85
CA ASN C 157 -1.93 28.67 -26.49
C ASN C 157 -1.14 29.45 -25.45
N ASN C 158 -1.27 30.77 -25.42
CA ASN C 158 -0.64 31.55 -24.35
C ASN C 158 -1.26 31.21 -23.00
N MET C 159 -2.55 30.90 -22.96
CA MET C 159 -3.16 30.44 -21.72
C MET C 159 -2.54 29.14 -21.24
N ILE C 160 -2.14 28.27 -22.18
CA ILE C 160 -1.53 27.01 -21.81
C ILE C 160 -0.09 27.24 -21.32
N VAL C 161 0.61 28.19 -21.94
CA VAL C 161 1.95 28.53 -21.45
C VAL C 161 1.88 29.04 -20.03
N LEU C 162 0.90 29.90 -19.72
CA LEU C 162 0.81 30.48 -18.40
C LEU C 162 0.39 29.44 -17.37
N LYS C 163 -0.52 28.54 -17.74
CA LYS C 163 -0.91 27.45 -16.85
C LYS C 163 0.31 26.65 -16.43
N LEU C 164 1.10 26.20 -17.41
CA LEU C 164 2.30 25.42 -17.11
C LEU C 164 3.30 26.22 -16.29
N LEU C 165 3.43 27.52 -16.61
CA LEU C 165 4.34 28.36 -15.83
C LEU C 165 3.91 28.43 -14.38
N SER C 166 2.62 28.70 -14.14
CA SER C 166 2.11 28.72 -12.78
C SER C 166 2.36 27.39 -12.07
N GLU C 167 2.11 26.27 -12.76
CA GLU C 167 2.37 24.97 -12.16
C GLU C 167 3.83 24.81 -11.78
N GLU C 168 4.73 25.14 -12.70
CA GLU C 168 6.16 24.93 -12.46
C GLU C 168 6.68 25.83 -11.34
N VAL C 169 6.08 27.01 -11.16
CA VAL C 169 6.60 27.97 -10.19
C VAL C 169 5.98 27.76 -8.81
N PHE C 170 4.68 27.50 -8.73
CA PHE C 170 3.98 27.45 -7.46
C PHE C 170 3.59 26.04 -7.01
N ASP C 171 3.33 25.11 -7.93
CA ASP C 171 2.85 23.79 -7.55
C ASP C 171 3.96 22.74 -7.46
N PHE C 172 5.03 22.87 -8.25
CA PHE C 172 6.00 21.78 -8.38
C PHE C 172 7.44 22.25 -8.20
N SER C 173 7.64 23.43 -7.62
CA SER C 173 8.98 23.96 -7.42
C SER C 173 9.65 23.44 -6.16
N ALA C 174 8.88 23.03 -5.14
CA ALA C 174 9.43 22.68 -3.85
C ALA C 174 10.57 21.67 -3.97
N GLU C 175 10.39 20.66 -4.82
CA GLU C 175 11.39 19.59 -4.96
C GLU C 175 12.42 19.88 -6.04
N GLN C 176 12.11 20.74 -7.01
CA GLN C 176 12.87 20.81 -8.26
C GLN C 176 13.76 22.04 -8.37
N MET C 177 13.59 23.05 -7.52
CA MET C 177 14.45 24.23 -7.55
C MET C 177 14.93 24.53 -6.14
N THR C 178 15.95 25.37 -6.05
CA THR C 178 16.40 25.81 -4.75
C THR C 178 15.38 26.78 -4.16
N GLN C 179 15.47 26.96 -2.84
CA GLN C 179 14.59 27.90 -2.15
C GLN C 179 14.69 29.30 -2.76
N ALA C 180 15.91 29.75 -3.04
CA ALA C 180 16.11 31.10 -3.56
C ALA C 180 15.48 31.24 -4.94
N LYS C 181 15.71 30.25 -5.82
CA LYS C 181 15.22 30.33 -7.19
C LYS C 181 13.70 30.28 -7.22
N ALA C 182 13.09 29.50 -6.33
CA ALA C 182 11.62 29.45 -6.24
C ALA C 182 11.05 30.79 -5.83
N LEU C 183 11.60 31.39 -4.79
CA LEU C 183 11.11 32.69 -4.35
C LEU C 183 11.24 33.71 -5.47
N HIS C 184 12.37 33.70 -6.19
CA HIS C 184 12.58 34.66 -7.27
C HIS C 184 11.50 34.54 -8.34
N LEU C 185 11.14 33.32 -8.73
CA LEU C 185 10.14 33.15 -9.79
C LEU C 185 8.74 33.45 -9.27
N LYS C 186 8.42 33.04 -8.04
CA LYS C 186 7.15 33.41 -7.44
C LYS C 186 7.00 34.92 -7.36
N ASN C 187 8.04 35.62 -6.89
CA ASN C 187 8.01 37.08 -6.87
C ASN C 187 7.82 37.63 -8.28
N SER C 188 8.53 37.07 -9.26
CA SER C 188 8.47 37.60 -10.62
C SER C 188 7.05 37.48 -11.19
N MET C 189 6.44 36.29 -11.05
CA MET C 189 5.06 36.12 -11.50
C MET C 189 4.12 37.04 -10.73
N SER C 190 4.32 37.13 -9.41
CA SER C 190 3.49 38.01 -8.59
C SER C 190 3.58 39.45 -9.06
N LYS C 191 4.76 39.89 -9.50
CA LYS C 191 4.94 41.27 -9.91
C LYS C 191 4.08 41.61 -11.12
N GLU C 192 3.97 40.68 -12.07
CA GLU C 192 3.32 40.94 -13.34
C GLU C 192 1.94 40.29 -13.45
N PHE C 193 1.36 39.87 -12.33
CA PHE C 193 0.10 39.15 -12.43
C PHE C 193 -1.04 40.08 -12.80
N GLU C 194 -1.01 41.32 -12.31
CA GLU C 194 -2.06 42.29 -12.67
C GLU C 194 -2.28 42.29 -14.18
N GLN C 195 -1.19 42.32 -14.94
N GLN C 195 -1.19 42.32 -14.95
CA GLN C 195 -1.30 42.30 -16.40
CA GLN C 195 -1.31 42.30 -16.40
C GLN C 195 -1.89 40.99 -16.91
C GLN C 195 -1.92 40.99 -16.88
N ILE C 196 -1.50 39.87 -16.30
CA ILE C 196 -2.02 38.57 -16.73
C ILE C 196 -3.50 38.45 -16.41
N PHE C 197 -3.91 38.87 -15.22
CA PHE C 197 -5.32 38.77 -14.84
C PHE C 197 -6.18 39.60 -15.77
N LYS C 198 -5.71 40.78 -16.17
CA LYS C 198 -6.45 41.62 -17.10
C LYS C 198 -6.79 40.84 -18.36
N LEU C 199 -5.77 40.28 -19.01
CA LEU C 199 -5.98 39.45 -20.20
C LEU C 199 -6.97 38.32 -19.91
N CYS C 200 -6.78 37.61 -18.80
CA CYS C 200 -7.62 36.46 -18.48
CA CYS C 200 -7.62 36.46 -18.51
C CYS C 200 -9.07 36.87 -18.30
N PHE C 201 -9.31 38.02 -17.66
CA PHE C 201 -10.68 38.43 -17.38
C PHE C 201 -11.38 38.96 -18.64
N GLN C 202 -10.65 39.67 -19.50
CA GLN C 202 -11.22 40.12 -20.77
C GLN C 202 -11.66 38.93 -21.60
N VAL C 203 -10.76 37.97 -21.83
CA VAL C 203 -11.10 36.77 -22.57
C VAL C 203 -12.38 36.15 -22.04
N LEU C 204 -12.50 36.04 -20.72
CA LEU C 204 -13.66 35.39 -20.12
C LEU C 204 -14.94 36.19 -20.36
N GLU C 205 -14.87 37.51 -20.23
CA GLU C 205 -16.08 38.32 -20.33
C GLU C 205 -16.53 38.50 -21.77
N GLN C 206 -15.61 38.50 -22.73
CA GLN C 206 -15.92 38.77 -24.14
C GLN C 206 -15.90 37.50 -24.98
N GLY C 207 -14.88 36.67 -24.81
CA GLY C 207 -14.64 35.54 -25.68
C GLY C 207 -15.85 34.68 -25.98
N SER C 208 -15.83 34.04 -27.14
CA SER C 208 -16.85 33.08 -27.52
C SER C 208 -16.28 31.75 -28.00
N SER C 209 -14.97 31.68 -28.22
CA SER C 209 -14.32 30.43 -28.58
C SER C 209 -14.23 29.56 -27.32
N SER C 210 -15.06 28.52 -27.26
N SER C 210 -15.04 28.50 -27.25
CA SER C 210 -15.09 27.64 -26.08
CA SER C 210 -15.07 27.69 -26.04
C SER C 210 -13.71 27.11 -25.75
C SER C 210 -13.71 27.09 -25.74
N SER C 211 -12.96 26.67 -26.77
CA SER C 211 -11.62 26.15 -26.52
C SER C 211 -10.73 27.21 -25.87
N LEU C 212 -10.84 28.45 -26.32
CA LEU C 212 -10.11 29.54 -25.69
C LEU C 212 -10.62 29.79 -24.27
N ILE C 213 -11.93 29.74 -24.08
CA ILE C 213 -12.51 29.90 -22.74
C ILE C 213 -11.98 28.81 -21.81
N VAL C 214 -12.06 27.55 -22.25
CA VAL C 214 -11.73 26.44 -21.37
C VAL C 214 -10.27 26.51 -20.95
N ALA C 215 -9.39 26.89 -21.86
CA ALA C 215 -7.97 26.99 -21.52
C ALA C 215 -7.69 28.17 -20.61
N THR C 216 -8.51 29.22 -20.69
CA THR C 216 -8.37 30.34 -19.76
C THR C 216 -8.83 29.94 -18.36
N LEU C 217 -9.94 29.21 -18.27
CA LEU C 217 -10.41 28.74 -16.97
C LEU C 217 -9.45 27.70 -16.39
N GLU C 218 -8.81 26.90 -17.24
N GLU C 218 -8.85 26.88 -17.25
CA GLU C 218 -7.85 25.92 -16.74
CA GLU C 218 -7.83 25.93 -16.79
C GLU C 218 -6.62 26.61 -16.14
C GLU C 218 -6.69 26.66 -16.10
N SER C 219 -6.20 27.74 -16.72
CA SER C 219 -5.12 28.51 -16.11
C SER C 219 -5.60 29.21 -14.84
N LEU C 220 -6.85 29.70 -14.84
CA LEU C 220 -7.38 30.32 -13.63
C LEU C 220 -7.35 29.36 -12.46
N LEU C 221 -7.67 28.08 -12.71
CA LEU C 221 -7.63 27.09 -11.64
C LEU C 221 -6.26 27.08 -10.97
N ARG C 222 -5.19 27.20 -11.75
CA ARG C 222 -3.85 27.21 -11.18
C ARG C 222 -3.58 28.49 -10.41
N TYR C 223 -4.05 29.63 -10.92
CA TYR C 223 -3.81 30.91 -10.25
C TYR C 223 -4.41 30.92 -8.86
N LEU C 224 -5.59 30.31 -8.70
CA LEU C 224 -6.27 30.36 -7.41
C LEU C 224 -5.51 29.66 -6.31
N HIS C 225 -4.48 28.88 -6.64
CA HIS C 225 -3.64 28.29 -5.61
C HIS C 225 -2.85 29.36 -4.84
N TRP C 226 -2.56 30.51 -5.47
CA TRP C 226 -1.64 31.47 -4.87
C TRP C 226 -2.01 32.94 -4.98
N ILE C 227 -2.93 33.35 -5.86
CA ILE C 227 -3.15 34.79 -6.06
C ILE C 227 -3.92 35.36 -4.88
N PRO C 228 -3.78 36.66 -4.59
CA PRO C 228 -4.53 37.24 -3.46
C PRO C 228 -6.01 37.36 -3.77
N TYR C 229 -6.82 37.32 -2.70
CA TYR C 229 -8.26 37.19 -2.85
C TYR C 229 -8.87 38.35 -3.61
N ARG C 230 -8.23 39.52 -3.60
CA ARG C 230 -8.86 40.70 -4.18
C ARG C 230 -9.16 40.50 -5.66
N TYR C 231 -8.27 39.81 -6.38
CA TYR C 231 -8.53 39.51 -7.79
C TYR C 231 -9.82 38.73 -7.98
N ILE C 232 -10.31 38.08 -6.92
CA ILE C 232 -11.51 37.26 -7.02
C ILE C 232 -12.73 37.99 -6.49
N TYR C 233 -12.61 38.72 -5.39
CA TYR C 233 -13.77 39.34 -4.77
C TYR C 233 -14.00 40.79 -5.19
N GLU C 234 -13.00 41.46 -5.76
CA GLU C 234 -13.15 42.84 -6.19
C GLU C 234 -13.34 42.98 -7.68
N THR C 235 -13.54 41.87 -8.39
CA THR C 235 -13.90 41.87 -9.79
C THR C 235 -15.26 41.20 -9.94
N ASN C 236 -15.75 41.13 -11.17
CA ASN C 236 -17.02 40.48 -11.44
C ASN C 236 -16.89 38.97 -11.58
N ILE C 237 -15.69 38.42 -11.40
CA ILE C 237 -15.38 37.10 -11.94
C ILE C 237 -16.15 36.00 -11.22
N LEU C 238 -16.51 36.19 -9.96
CA LEU C 238 -17.35 35.19 -9.30
C LEU C 238 -18.70 35.08 -9.98
N GLU C 239 -19.28 36.22 -10.37
CA GLU C 239 -20.54 36.22 -11.09
C GLU C 239 -20.43 35.41 -12.38
N LEU C 240 -19.34 35.62 -13.14
CA LEU C 240 -19.15 34.88 -14.38
C LEU C 240 -19.05 33.39 -14.12
N LEU C 241 -18.17 33.00 -13.18
CA LEU C 241 -17.96 31.58 -12.90
C LEU C 241 -19.25 30.92 -12.46
N SER C 242 -19.99 31.54 -11.54
CA SER C 242 -21.13 30.88 -10.91
C SER C 242 -22.41 30.95 -11.74
N THR C 243 -22.39 31.63 -12.90
CA THR C 243 -23.58 31.69 -13.75
C THR C 243 -23.25 31.30 -15.19
N LYS C 244 -22.68 32.24 -15.94
CA LYS C 244 -22.36 32.03 -17.35
C LYS C 244 -21.71 30.69 -17.61
N PHE C 245 -20.63 30.38 -16.90
CA PHE C 245 -19.82 29.21 -17.23
C PHE C 245 -20.32 27.92 -16.59
N MET C 246 -21.31 27.99 -15.69
CA MET C 246 -21.98 26.79 -15.22
C MET C 246 -23.06 26.32 -16.19
N THR C 247 -23.45 27.14 -17.17
CA THR C 247 -24.51 26.75 -18.10
C THR C 247 -23.96 25.87 -19.22
N SER C 248 -22.79 26.20 -19.76
CA SER C 248 -22.18 25.39 -20.81
C SER C 248 -21.57 24.13 -20.21
N PRO C 249 -21.90 22.93 -20.72
CA PRO C 249 -21.20 21.73 -20.23
C PRO C 249 -19.72 21.73 -20.54
N ASP C 250 -19.29 22.40 -21.61
CA ASP C 250 -17.87 22.50 -21.91
C ASP C 250 -17.11 23.13 -20.75
N THR C 251 -17.56 24.30 -20.29
CA THR C 251 -16.89 25.03 -19.23
C THR C 251 -17.28 24.56 -17.84
N ARG C 252 -18.29 23.72 -17.72
CA ARG C 252 -18.88 23.45 -16.40
C ARG C 252 -17.91 22.70 -15.49
N ALA C 253 -17.23 21.69 -16.03
CA ALA C 253 -16.31 20.91 -15.20
C ALA C 253 -15.18 21.78 -14.67
N ILE C 254 -14.56 22.58 -15.54
CA ILE C 254 -13.44 23.41 -15.11
C ILE C 254 -13.91 24.51 -14.17
N THR C 255 -15.07 25.11 -14.45
CA THR C 255 -15.57 26.19 -13.62
C THR C 255 -15.84 25.71 -12.20
N LEU C 256 -16.43 24.52 -12.09
CA LEU C 256 -16.76 23.96 -10.78
C LEU C 256 -15.50 23.74 -9.94
N LYS C 257 -14.46 23.16 -10.55
CA LYS C 257 -13.18 23.01 -9.85
C LYS C 257 -12.63 24.35 -9.43
N CYS C 258 -12.82 25.39 -10.24
CA CYS C 258 -12.35 26.72 -9.86
C CYS C 258 -13.09 27.23 -8.63
N LEU C 259 -14.42 27.09 -8.62
CA LEU C 259 -15.20 27.54 -7.47
C LEU C 259 -14.87 26.73 -6.22
N THR C 260 -14.54 25.45 -6.37
CA THR C 260 -14.06 24.67 -5.24
C THR C 260 -12.82 25.31 -4.62
N GLU C 261 -11.86 25.70 -5.46
CA GLU C 261 -10.66 26.38 -4.95
C GLU C 261 -11.03 27.72 -4.33
N VAL C 262 -11.88 28.49 -4.98
CA VAL C 262 -12.33 29.76 -4.41
C VAL C 262 -12.86 29.54 -3.00
N SER C 263 -13.54 28.43 -2.77
CA SER C 263 -14.03 28.12 -1.44
C SER C 263 -12.90 27.90 -0.43
N ASN C 264 -11.64 27.94 -0.87
CA ASN C 264 -10.49 27.76 -0.01
C ASN C 264 -9.61 29.00 0.07
N LEU C 265 -9.95 30.09 -0.62
CA LEU C 265 -9.10 31.27 -0.61
C LEU C 265 -8.91 31.79 0.82
N LYS C 266 -7.78 32.46 1.04
CA LYS C 266 -7.55 33.17 2.28
C LYS C 266 -8.40 34.44 2.30
N ILE C 267 -9.39 34.47 3.19
CA ILE C 267 -10.43 35.51 3.14
C ILE C 267 -10.60 36.13 4.53
N PRO C 268 -10.72 37.46 4.63
CA PRO C 268 -11.03 38.06 5.95
C PRO C 268 -12.42 37.66 6.39
N GLN C 269 -12.51 37.08 7.58
CA GLN C 269 -13.77 36.56 8.11
C GLN C 269 -14.55 37.59 8.90
N ASP C 270 -14.38 38.88 8.60
CA ASP C 270 -15.07 39.95 9.31
C ASP C 270 -15.68 41.01 8.40
N ASN C 271 -15.43 40.98 7.09
CA ASN C 271 -16.04 41.91 6.16
C ASN C 271 -17.39 41.36 5.72
N ASP C 272 -18.45 42.13 5.94
CA ASP C 272 -19.80 41.64 5.63
C ASP C 272 -20.02 41.53 4.13
N LEU C 273 -19.46 42.46 3.34
CA LEU C 273 -19.65 42.40 1.89
C LEU C 273 -19.07 41.11 1.31
N ILE C 274 -17.84 40.77 1.72
CA ILE C 274 -17.22 39.53 1.25
C ILE C 274 -18.04 38.33 1.66
N LYS C 275 -18.65 38.37 2.85
CA LYS C 275 -19.55 37.31 3.25
C LYS C 275 -20.71 37.19 2.27
N ARG C 276 -21.28 38.32 1.84
CA ARG C 276 -22.36 38.28 0.88
C ARG C 276 -21.89 37.76 -0.47
N GLN C 277 -20.66 38.06 -0.86
CA GLN C 277 -20.13 37.54 -2.11
C GLN C 277 -19.96 36.04 -2.04
N THR C 278 -19.56 35.52 -0.88
CA THR C 278 -19.39 34.09 -0.71
C THR C 278 -20.74 33.37 -0.71
N VAL C 279 -21.76 33.98 -0.12
CA VAL C 279 -23.12 33.43 -0.21
C VAL C 279 -23.60 33.46 -1.66
N LEU C 280 -23.38 34.59 -2.33
CA LEU C 280 -23.99 34.79 -3.65
C LEU C 280 -23.50 33.76 -4.65
N PHE C 281 -22.18 33.52 -4.74
CA PHE C 281 -21.71 32.62 -5.77
C PHE C 281 -22.12 31.18 -5.47
N PHE C 282 -22.36 30.85 -4.21
CA PHE C 282 -22.96 29.55 -3.89
C PHE C 282 -24.41 29.50 -4.32
N GLN C 283 -25.17 30.56 -4.06
CA GLN C 283 -26.56 30.64 -4.49
C GLN C 283 -26.68 30.47 -6.00
N ASN C 284 -25.85 31.20 -6.77
CA ASN C 284 -25.90 31.08 -8.22
C ASN C 284 -25.58 29.66 -8.68
N THR C 285 -24.51 29.07 -8.14
CA THR C 285 -24.07 27.76 -8.61
C THR C 285 -25.15 26.72 -8.41
N LEU C 286 -25.77 26.70 -7.21
CA LEU C 286 -26.85 25.75 -6.97
C LEU C 286 -28.02 26.02 -7.90
N GLN C 287 -28.27 27.28 -8.23
CA GLN C 287 -29.36 27.62 -9.14
C GLN C 287 -29.11 27.05 -10.53
N GLN C 288 -27.89 27.22 -11.05
CA GLN C 288 -27.58 26.70 -12.38
C GLN C 288 -27.70 25.18 -12.40
N ILE C 289 -27.31 24.51 -11.31
CA ILE C 289 -27.39 23.06 -11.28
C ILE C 289 -28.85 22.60 -11.30
N ALA C 290 -29.71 23.25 -10.52
CA ALA C 290 -31.11 22.86 -10.47
C ALA C 290 -31.81 23.09 -11.80
N THR C 291 -31.43 24.12 -12.55
CA THR C 291 -32.11 24.43 -13.81
C THR C 291 -31.42 23.87 -15.04
N SER C 292 -30.09 23.71 -15.04
CA SER C 292 -29.39 23.25 -16.22
C SER C 292 -28.90 21.80 -16.15
N VAL C 293 -28.82 21.20 -14.96
CA VAL C 293 -28.23 19.87 -14.86
C VAL C 293 -29.25 18.87 -14.33
N MET C 294 -29.66 19.00 -13.06
CA MET C 294 -30.72 18.13 -12.55
C MET C 294 -31.30 18.73 -11.29
N PRO C 295 -32.59 18.51 -11.03
CA PRO C 295 -33.17 19.00 -9.78
C PRO C 295 -32.72 18.18 -8.58
N VAL C 296 -32.96 18.75 -7.39
CA VAL C 296 -32.51 18.11 -6.15
C VAL C 296 -33.18 16.77 -5.91
N THR C 297 -34.27 16.46 -6.62
CA THR C 297 -34.93 15.18 -6.50
C THR C 297 -34.34 14.10 -7.38
N ALA C 298 -33.43 14.46 -8.29
CA ALA C 298 -32.91 13.49 -9.25
C ALA C 298 -32.25 12.32 -8.55
N ASP C 299 -32.36 11.14 -9.16
CA ASP C 299 -31.75 9.91 -8.66
C ASP C 299 -30.30 9.89 -9.12
N LEU C 300 -29.41 10.43 -8.28
CA LEU C 300 -28.00 10.51 -8.65
C LEU C 300 -27.34 9.14 -8.62
N LYS C 301 -27.79 8.25 -7.74
CA LYS C 301 -27.33 6.87 -7.76
C LYS C 301 -27.49 6.26 -9.14
N ALA C 302 -28.68 6.40 -9.73
CA ALA C 302 -28.93 5.86 -11.05
C ALA C 302 -28.11 6.56 -12.12
N THR C 303 -27.98 7.89 -12.02
CA THR C 303 -27.19 8.61 -13.02
C THR C 303 -25.74 8.17 -13.00
N TYR C 304 -25.15 8.09 -11.81
CA TYR C 304 -23.76 7.63 -11.70
C TYR C 304 -23.60 6.24 -12.28
N ALA C 305 -24.53 5.33 -11.96
CA ALA C 305 -24.44 3.96 -12.46
C ALA C 305 -24.53 3.89 -13.97
N ASN C 306 -25.28 4.80 -14.60
CA ASN C 306 -25.42 4.78 -16.06
C ASN C 306 -24.14 5.22 -16.75
N ALA C 307 -23.36 6.10 -16.12
CA ALA C 307 -22.03 6.47 -16.61
C ALA C 307 -22.08 7.06 -18.02
N ASN C 308 -23.09 7.86 -18.32
CA ASN C 308 -23.10 8.59 -19.57
C ASN C 308 -22.09 9.73 -19.54
N GLY C 309 -21.44 9.95 -20.68
CA GLY C 309 -20.59 11.13 -20.84
C GLY C 309 -19.61 11.29 -19.69
N ASN C 310 -19.58 12.50 -19.13
CA ASN C 310 -18.73 12.83 -17.99
C ASN C 310 -19.53 12.94 -16.71
N ASP C 311 -20.72 12.32 -16.67
CA ASP C 311 -21.59 12.44 -15.50
C ASP C 311 -20.89 12.02 -14.21
N GLN C 312 -20.12 10.93 -14.26
CA GLN C 312 -19.47 10.45 -13.05
C GLN C 312 -18.47 11.47 -12.52
N SER C 313 -17.64 12.02 -13.41
CA SER C 313 -16.70 13.06 -13.00
C SER C 313 -17.43 14.29 -12.47
N PHE C 314 -18.54 14.65 -13.11
CA PHE C 314 -19.27 15.84 -12.68
C PHE C 314 -19.83 15.65 -11.27
N LEU C 315 -20.40 14.46 -11.00
CA LEU C 315 -20.99 14.23 -9.68
C LEU C 315 -19.89 14.14 -8.62
N GLN C 316 -18.73 13.59 -8.96
CA GLN C 316 -17.59 13.67 -8.06
C GLN C 316 -17.22 15.12 -7.77
N ASP C 317 -17.13 15.94 -8.81
CA ASP C 317 -16.71 17.33 -8.62
C ASP C 317 -17.76 18.12 -7.84
N LEU C 318 -19.04 17.80 -8.01
CA LEU C 318 -20.08 18.47 -7.25
C LEU C 318 -20.00 18.08 -5.78
N ALA C 319 -19.76 16.79 -5.50
CA ALA C 319 -19.53 16.36 -4.13
C ALA C 319 -18.39 17.14 -3.50
N MET C 320 -17.27 17.28 -4.23
CA MET C 320 -16.12 17.99 -3.69
C MET C 320 -16.45 19.47 -3.47
N PHE C 321 -17.18 20.07 -4.40
CA PHE C 321 -17.58 21.47 -4.26
C PHE C 321 -18.47 21.68 -3.05
N LEU C 322 -19.56 20.91 -2.95
CA LEU C 322 -20.51 21.09 -1.86
C LEU C 322 -19.85 20.84 -0.50
N THR C 323 -19.06 19.77 -0.39
CA THR C 323 -18.43 19.47 0.90
C THR C 323 -17.39 20.52 1.27
N THR C 324 -16.57 20.93 0.31
CA THR C 324 -15.57 21.96 0.59
C THR C 324 -16.22 23.26 1.05
N TYR C 325 -17.19 23.75 0.27
CA TYR C 325 -17.80 25.03 0.60
C TYR C 325 -18.56 24.97 1.92
N LEU C 326 -19.33 23.89 2.13
CA LEU C 326 -20.18 23.83 3.31
C LEU C 326 -19.37 23.60 4.58
N ALA C 327 -18.27 22.85 4.50
CA ALA C 327 -17.42 22.70 5.67
C ALA C 327 -16.86 24.03 6.13
N ARG C 328 -16.60 24.95 5.19
CA ARG C 328 -16.04 26.24 5.57
C ARG C 328 -17.11 27.29 5.86
N ASN C 329 -18.22 27.31 5.11
CA ASN C 329 -19.10 28.48 5.10
C ASN C 329 -20.55 28.21 5.46
N ARG C 330 -20.92 27.04 5.96
CA ARG C 330 -22.34 26.78 6.14
C ARG C 330 -22.94 27.68 7.20
N ALA C 331 -22.14 28.15 8.17
CA ALA C 331 -22.66 29.10 9.15
C ALA C 331 -23.19 30.36 8.49
N LEU C 332 -22.62 30.73 7.34
CA LEU C 332 -23.14 31.88 6.59
C LEU C 332 -24.60 31.72 6.23
N LEU C 333 -25.06 30.48 6.08
CA LEU C 333 -26.41 30.20 5.60
C LEU C 333 -27.37 29.80 6.71
N GLU C 334 -26.93 29.74 7.96
CA GLU C 334 -27.72 29.13 9.02
C GLU C 334 -28.58 30.10 9.82
N SER C 335 -28.30 31.40 9.78
CA SER C 335 -29.03 32.36 10.60
C SER C 335 -30.03 33.20 9.83
N ASP C 336 -29.80 33.40 8.53
CA ASP C 336 -30.69 34.17 7.68
C ASP C 336 -31.81 33.26 7.16
N GLU C 337 -33.06 33.59 7.46
CA GLU C 337 -34.16 32.73 7.05
C GLU C 337 -34.28 32.66 5.53
N SER C 338 -33.90 33.74 4.84
CA SER C 338 -33.97 33.73 3.38
C SER C 338 -32.94 32.79 2.75
N LEU C 339 -31.99 32.28 3.51
CA LEU C 339 -30.98 31.36 3.01
C LEU C 339 -31.24 29.91 3.43
N ARG C 340 -32.32 29.65 4.17
CA ARG C 340 -32.57 28.30 4.67
C ARG C 340 -32.78 27.31 3.54
N GLU C 341 -33.59 27.68 2.54
CA GLU C 341 -33.83 26.78 1.42
C GLU C 341 -32.53 26.43 0.71
N LEU C 342 -31.68 27.42 0.48
CA LEU C 342 -30.39 27.19 -0.15
C LEU C 342 -29.55 26.21 0.66
N LEU C 343 -29.49 26.43 1.98
CA LEU C 343 -28.71 25.56 2.86
C LEU C 343 -29.18 24.12 2.73
N LEU C 344 -30.49 23.90 2.80
CA LEU C 344 -31.03 22.55 2.85
C LEU C 344 -31.06 21.89 1.47
N ASN C 345 -31.22 22.67 0.39
CA ASN C 345 -31.09 22.10 -0.94
C ASN C 345 -29.68 21.59 -1.19
N ALA C 346 -28.67 22.37 -0.78
CA ALA C 346 -27.29 21.93 -0.94
C ALA C 346 -27.04 20.63 -0.17
N HIS C 347 -27.61 20.50 1.02
CA HIS C 347 -27.43 19.27 1.79
C HIS C 347 -28.24 18.12 1.21
N GLN C 348 -29.39 18.42 0.59
CA GLN C 348 -30.18 17.37 -0.04
C GLN C 348 -29.47 16.81 -1.27
N TYR C 349 -28.75 17.65 -2.02
CA TYR C 349 -27.89 17.12 -3.08
C TYR C 349 -26.86 16.17 -2.50
N LEU C 350 -26.32 16.50 -1.33
CA LEU C 350 -25.33 15.62 -0.69
C LEU C 350 -25.96 14.31 -0.25
N ILE C 351 -27.20 14.37 0.27
CA ILE C 351 -27.93 13.14 0.58
C ILE C 351 -27.99 12.25 -0.65
N GLN C 352 -28.36 12.83 -1.80
CA GLN C 352 -28.48 12.05 -3.03
C GLN C 352 -27.13 11.53 -3.49
N LEU C 353 -26.10 12.38 -3.48
CA LEU C 353 -24.74 11.94 -3.78
C LEU C 353 -24.31 10.79 -2.88
N SER C 354 -24.75 10.80 -1.62
CA SER C 354 -24.33 9.78 -0.66
C SER C 354 -24.93 8.41 -0.95
N LYS C 355 -25.90 8.32 -1.85
CA LYS C 355 -26.51 7.04 -2.20
C LYS C 355 -25.82 6.38 -3.38
N ILE C 356 -24.93 7.09 -4.06
CA ILE C 356 -24.18 6.52 -5.16
C ILE C 356 -23.38 5.32 -4.67
N GLU C 357 -23.36 4.26 -5.49
CA GLU C 357 -22.54 3.09 -5.20
C GLU C 357 -21.15 3.35 -5.79
N GLU C 358 -20.24 3.82 -4.94
CA GLU C 358 -18.88 4.18 -5.32
C GLU C 358 -18.10 4.44 -4.04
N ARG C 359 -17.29 3.46 -3.64
CA ARG C 359 -16.67 3.46 -2.33
C ARG C 359 -15.96 4.78 -2.04
N GLU C 360 -15.11 5.23 -2.97
CA GLU C 360 -14.25 6.38 -2.68
C GLU C 360 -15.04 7.67 -2.61
N LEU C 361 -16.10 7.80 -3.42
CA LEU C 361 -16.96 8.96 -3.34
C LEU C 361 -17.75 8.96 -2.04
N PHE C 362 -18.23 7.79 -1.61
CA PHE C 362 -18.91 7.69 -0.33
C PHE C 362 -18.01 8.14 0.81
N LYS C 363 -16.72 7.80 0.75
CA LYS C 363 -15.78 8.24 1.77
C LYS C 363 -15.68 9.76 1.80
N THR C 364 -15.73 10.40 0.64
CA THR C 364 -15.63 11.86 0.59
C THR C 364 -16.85 12.50 1.25
N THR C 365 -18.05 12.02 0.90
CA THR C 365 -19.25 12.59 1.53
C THR C 365 -19.34 12.19 3.00
N LEU C 366 -18.90 10.97 3.34
CA LEU C 366 -18.95 10.54 4.74
C LEU C 366 -18.11 11.46 5.61
N ASP C 367 -16.95 11.90 5.10
CA ASP C 367 -16.11 12.81 5.88
C ASP C 367 -16.83 14.12 6.14
N TYR C 368 -17.59 14.61 5.16
CA TYR C 368 -18.36 15.82 5.40
C TYR C 368 -19.42 15.60 6.46
N TRP C 369 -20.19 14.51 6.34
CA TRP C 369 -21.23 14.24 7.31
C TRP C 369 -20.66 14.23 8.72
N HIS C 370 -19.48 13.62 8.88
CA HIS C 370 -18.79 13.63 10.16
C HIS C 370 -18.57 15.06 10.64
N ASN C 371 -18.04 15.92 9.77
CA ASN C 371 -17.87 17.33 10.10
C ASN C 371 -19.17 17.93 10.60
N LEU C 372 -20.28 17.61 9.94
CA LEU C 372 -21.56 18.24 10.27
C LEU C 372 -22.11 17.72 11.59
N VAL C 373 -22.23 16.39 11.73
CA VAL C 373 -22.90 15.86 12.91
C VAL C 373 -22.06 16.06 14.17
N ALA C 374 -20.74 16.14 14.04
CA ALA C 374 -19.92 16.54 15.16
C ALA C 374 -20.25 17.97 15.58
N ASP C 375 -20.47 18.87 14.61
CA ASP C 375 -20.78 20.25 14.92
C ASP C 375 -22.17 20.37 15.54
N LEU C 376 -23.15 19.64 15.02
CA LEU C 376 -24.49 19.65 15.59
C LEU C 376 -24.51 19.08 17.00
N PHE C 377 -23.55 18.22 17.32
CA PHE C 377 -23.47 17.61 18.63
C PHE C 377 -23.00 18.60 19.70
N TYR C 378 -22.21 19.59 19.31
CA TYR C 378 -21.62 20.54 20.24
C TYR C 378 -22.16 21.96 20.10
N GLU C 379 -22.44 22.41 18.89
CA GLU C 379 -22.77 23.81 18.68
C GLU C 379 -24.22 24.07 19.12
N PRO C 380 -24.44 25.05 20.01
CA PRO C 380 -25.82 25.33 20.44
C PRO C 380 -26.71 25.75 19.29
N LEU C 381 -27.98 25.30 19.35
CA LEU C 381 -29.07 25.79 18.51
C LEU C 381 -28.94 25.42 17.04
N LYS C 382 -28.05 24.50 16.67
CA LYS C 382 -27.86 24.16 15.27
C LYS C 382 -28.61 22.91 14.82
N LYS C 383 -28.85 21.94 15.70
CA LYS C 383 -29.24 20.62 15.22
C LYS C 383 -30.66 20.60 14.67
N HIS C 384 -31.55 21.46 15.17
CA HIS C 384 -32.93 21.46 14.70
C HIS C 384 -33.00 21.84 13.22
N ILE C 385 -32.08 22.69 12.76
CA ILE C 385 -32.03 23.09 11.35
C ILE C 385 -32.00 21.87 10.45
N TYR C 386 -31.29 20.83 10.85
CA TYR C 386 -30.93 19.72 9.99
C TYR C 386 -31.67 18.43 10.30
N GLU C 387 -32.80 18.51 11.02
CA GLU C 387 -33.47 17.30 11.48
C GLU C 387 -33.82 16.38 10.33
N GLU C 388 -34.32 16.93 9.22
CA GLU C 388 -34.79 16.10 8.12
C GLU C 388 -33.62 15.57 7.29
N ILE C 389 -32.55 16.36 7.16
CA ILE C 389 -31.31 15.87 6.56
C ILE C 389 -30.76 14.71 7.37
N CYS C 390 -30.68 14.89 8.69
CA CYS C 390 -30.10 13.85 9.55
C CYS C 390 -30.95 12.58 9.53
N SER C 391 -32.27 12.73 9.47
CA SER C 391 -33.15 11.57 9.44
C SER C 391 -32.88 10.73 8.20
N GLN C 392 -32.70 11.37 7.05
CA GLN C 392 -32.34 10.65 5.83
C GLN C 392 -30.95 10.03 5.95
N LEU C 393 -30.01 10.75 6.56
CA LEU C 393 -28.65 10.24 6.67
C LEU C 393 -28.60 8.95 7.49
N ARG C 394 -29.38 8.88 8.58
CA ARG C 394 -29.44 7.65 9.36
C ARG C 394 -29.71 6.45 8.46
N LEU C 395 -30.69 6.60 7.56
CA LEU C 395 -31.05 5.48 6.70
C LEU C 395 -29.95 5.19 5.68
N VAL C 396 -29.31 6.24 5.15
CA VAL C 396 -28.22 6.03 4.19
C VAL C 396 -27.08 5.26 4.85
N ILE C 397 -26.72 5.63 6.08
CA ILE C 397 -25.56 5.02 6.71
C ILE C 397 -25.87 3.61 7.17
N ILE C 398 -27.08 3.38 7.70
CA ILE C 398 -27.47 2.04 8.09
C ILE C 398 -27.49 1.11 6.89
N GLU C 399 -28.01 1.58 5.75
CA GLU C 399 -28.14 0.73 4.57
C GLU C 399 -26.83 0.51 3.84
N ASN C 400 -25.77 1.26 4.15
CA ASN C 400 -24.48 1.10 3.49
C ASN C 400 -23.39 0.72 4.49
N MET C 401 -23.78 0.22 5.65
CA MET C 401 -22.83 -0.23 6.66
C MET C 401 -21.95 -1.34 6.08
N VAL C 402 -20.64 -1.26 6.32
CA VAL C 402 -19.70 -2.26 5.84
C VAL C 402 -19.29 -3.16 6.99
N ARG C 403 -18.72 -4.31 6.64
CA ARG C 403 -18.34 -5.32 7.61
C ARG C 403 -17.33 -4.75 8.61
N PRO C 404 -17.61 -4.82 9.92
CA PRO C 404 -16.56 -4.49 10.91
C PRO C 404 -15.54 -5.61 10.98
N GLU C 405 -14.28 -5.21 11.14
CA GLU C 405 -13.18 -6.16 11.10
C GLU C 405 -13.22 -6.99 9.81
N THR C 427 -11.63 -3.58 5.34
CA THR C 427 -12.41 -2.35 5.26
C THR C 427 -12.62 -1.77 6.66
N ILE C 428 -11.61 -1.95 7.51
CA ILE C 428 -11.71 -1.54 8.91
C ILE C 428 -11.95 -0.04 9.02
N GLN C 429 -11.27 0.75 8.19
CA GLN C 429 -11.31 2.20 8.37
C GLN C 429 -12.69 2.75 8.07
N LEU C 430 -13.35 2.25 7.02
CA LEU C 430 -14.64 2.79 6.65
C LEU C 430 -15.70 2.44 7.69
N TYR C 431 -15.63 1.25 8.30
CA TYR C 431 -16.59 0.92 9.34
C TYR C 431 -16.49 1.88 10.51
N LYS C 432 -15.27 2.18 10.95
CA LYS C 432 -15.09 3.06 12.11
C LYS C 432 -15.60 4.46 11.82
N SER C 433 -15.44 4.93 10.59
CA SER C 433 -15.99 6.23 10.21
C SER C 433 -17.51 6.20 10.16
N GLU C 434 -18.08 5.12 9.63
CA GLU C 434 -19.53 4.98 9.62
C GLU C 434 -20.07 4.92 11.05
N ARG C 435 -19.41 4.15 11.91
CA ARG C 435 -19.85 4.03 13.29
C ARG C 435 -19.85 5.38 13.98
N GLU C 436 -18.79 6.17 13.78
CA GLU C 436 -18.68 7.47 14.43
C GLU C 436 -19.84 8.38 14.03
N VAL C 437 -20.14 8.47 12.73
CA VAL C 437 -21.22 9.34 12.27
C VAL C 437 -22.55 8.86 12.83
N LEU C 438 -22.75 7.54 12.85
CA LEU C 438 -24.03 6.99 13.30
C LEU C 438 -24.23 7.15 14.80
N VAL C 439 -23.13 7.07 15.56
CA VAL C 439 -23.20 7.32 17.00
C VAL C 439 -23.61 8.77 17.26
N TYR C 440 -23.01 9.71 16.54
CA TYR C 440 -23.44 11.11 16.62
C TYR C 440 -24.92 11.23 16.27
N LEU C 441 -25.34 10.63 15.16
CA LEU C 441 -26.73 10.73 14.73
C LEU C 441 -27.69 10.08 15.72
N THR C 442 -27.22 9.12 16.50
CA THR C 442 -28.06 8.50 17.52
C THR C 442 -28.23 9.42 18.72
N HIS C 443 -27.15 10.08 19.16
CA HIS C 443 -27.26 11.08 20.20
C HIS C 443 -28.20 12.21 19.80
N LEU C 444 -28.19 12.58 18.52
CA LEU C 444 -28.99 13.71 18.08
C LEU C 444 -30.48 13.37 18.05
N ASN C 445 -30.83 12.10 17.79
CA ASN C 445 -32.23 11.68 17.88
C ASN C 445 -32.27 10.17 18.09
N VAL C 446 -32.23 9.75 19.35
CA VAL C 446 -32.28 8.33 19.68
C VAL C 446 -33.55 7.70 19.14
N ILE C 447 -34.68 8.40 19.30
CA ILE C 447 -35.97 7.81 18.96
C ILE C 447 -36.05 7.51 17.47
N ASP C 448 -35.63 8.47 16.64
CA ASP C 448 -35.61 8.23 15.20
C ASP C 448 -34.72 7.05 14.84
N THR C 449 -33.54 6.96 15.47
CA THR C 449 -32.64 5.85 15.16
C THR C 449 -33.27 4.52 15.52
N GLU C 450 -33.81 4.41 16.74
CA GLU C 450 -34.42 3.16 17.16
C GLU C 450 -35.55 2.76 16.22
N GLU C 451 -36.38 3.72 15.82
CA GLU C 451 -37.53 3.40 14.98
C GLU C 451 -37.10 2.93 13.60
N ILE C 452 -36.04 3.53 13.05
CA ILE C 452 -35.55 3.12 11.73
C ILE C 452 -35.06 1.68 11.79
N MET C 453 -34.34 1.32 12.86
CA MET C 453 -33.73 0.00 12.94
C MET C 453 -34.78 -1.08 13.12
N ILE C 454 -35.75 -0.87 14.02
CA ILE C 454 -36.84 -1.82 14.17
C ILE C 454 -37.59 -1.99 12.85
N SER C 455 -37.88 -0.86 12.18
CA SER C 455 -38.61 -0.92 10.92
C SER C 455 -37.85 -1.73 9.87
N LYS C 456 -36.55 -1.46 9.71
CA LYS C 456 -35.74 -2.27 8.80
C LYS C 456 -35.82 -3.74 9.17
N LEU C 457 -35.93 -4.04 10.47
CA LEU C 457 -35.94 -5.42 10.92
C LEU C 457 -37.21 -6.14 10.50
N ALA C 458 -38.36 -5.44 10.55
CA ALA C 458 -39.62 -6.06 10.12
C ALA C 458 -39.56 -6.45 8.65
N ARG C 459 -38.96 -5.60 7.81
CA ARG C 459 -38.85 -5.91 6.39
C ARG C 459 -37.80 -6.98 6.10
N GLN C 460 -37.09 -7.46 7.12
CA GLN C 460 -36.34 -8.70 7.03
C GLN C 460 -37.22 -9.89 7.37
N ILE C 461 -38.04 -9.73 8.42
CA ILE C 461 -38.99 -10.76 8.80
C ILE C 461 -40.07 -10.93 7.73
N ASP C 462 -40.65 -9.82 7.26
CA ASP C 462 -41.70 -9.93 6.25
C ASP C 462 -41.13 -10.21 4.85
N GLY C 463 -39.82 -10.40 4.72
CA GLY C 463 -39.23 -10.84 3.48
C GLY C 463 -39.08 -9.81 2.40
N SER C 464 -39.57 -8.58 2.59
CA SER C 464 -39.56 -7.60 1.51
C SER C 464 -38.15 -7.09 1.21
N GLU C 465 -37.27 -7.10 2.20
CA GLU C 465 -35.86 -6.73 2.00
C GLU C 465 -34.93 -7.81 2.53
N TRP C 466 -35.44 -9.02 2.75
CA TRP C 466 -34.63 -10.10 3.29
C TRP C 466 -33.54 -10.50 2.32
N SER C 467 -32.29 -10.49 2.79
CA SER C 467 -31.19 -11.09 2.04
C SER C 467 -30.01 -11.23 2.99
N TRP C 468 -29.13 -12.18 2.66
CA TRP C 468 -27.91 -12.38 3.43
C TRP C 468 -27.16 -11.07 3.63
N HIS C 469 -26.91 -10.35 2.53
CA HIS C 469 -26.25 -9.05 2.64
C HIS C 469 -27.05 -8.10 3.52
N ASN C 470 -28.36 -8.02 3.29
CA ASN C 470 -29.17 -7.01 3.95
C ASN C 470 -29.32 -7.26 5.45
N ILE C 471 -29.38 -8.53 5.88
CA ILE C 471 -29.52 -8.78 7.31
C ILE C 471 -28.19 -8.55 8.02
N ASN C 472 -27.06 -8.85 7.38
CA ASN C 472 -25.77 -8.55 7.99
C ASN C 472 -25.58 -7.05 8.14
N THR C 473 -25.76 -6.31 7.05
CA THR C 473 -25.64 -4.86 7.09
C THR C 473 -26.38 -4.26 8.27
N LEU C 474 -27.58 -4.77 8.55
CA LEU C 474 -28.41 -4.19 9.59
C LEU C 474 -27.91 -4.59 10.98
N SER C 475 -27.44 -5.82 11.13
CA SER C 475 -26.88 -6.25 12.42
C SER C 475 -25.63 -5.44 12.76
N TRP C 476 -24.77 -5.20 11.77
CA TRP C 476 -23.60 -4.35 12.00
C TRP C 476 -24.02 -2.96 12.45
N ALA C 477 -25.07 -2.42 11.84
CA ALA C 477 -25.54 -1.08 12.18
C ALA C 477 -26.07 -1.06 13.60
N ILE C 478 -26.92 -2.03 13.96
CA ILE C 478 -27.40 -2.14 15.33
C ILE C 478 -26.24 -2.27 16.29
N GLY C 479 -25.25 -3.08 15.94
CA GLY C 479 -24.11 -3.29 16.82
C GLY C 479 -23.26 -2.05 17.00
N SER C 480 -23.22 -1.18 16.00
CA SER C 480 -22.28 -0.07 16.02
C SER C 480 -22.66 1.04 17.00
N ILE C 481 -23.94 1.14 17.39
CA ILE C 481 -24.38 2.24 18.24
C ILE C 481 -24.39 1.88 19.72
N SER C 482 -23.94 0.69 20.09
CA SER C 482 -23.79 0.33 21.49
C SER C 482 -23.12 1.46 22.26
N GLY C 483 -23.73 1.86 23.38
CA GLY C 483 -23.19 2.90 24.23
C GLY C 483 -23.86 4.26 24.07
N THR C 484 -24.79 4.41 23.13
CA THR C 484 -25.43 5.69 22.88
C THR C 484 -26.79 5.82 23.54
N MET C 485 -27.50 4.72 23.75
CA MET C 485 -28.80 4.74 24.39
C MET C 485 -28.65 4.70 25.90
N SER C 486 -29.73 5.05 26.59
CA SER C 486 -29.79 4.78 28.01
C SER C 486 -29.86 3.28 28.24
N GLU C 487 -29.47 2.86 29.44
CA GLU C 487 -29.44 1.43 29.73
C GLU C 487 -30.84 0.83 29.77
N ASP C 488 -31.85 1.63 30.11
CA ASP C 488 -33.22 1.14 30.08
C ASP C 488 -33.75 1.08 28.65
N THR C 489 -33.41 2.07 27.82
CA THR C 489 -33.78 2.03 26.41
C THR C 489 -32.99 0.94 25.68
N GLU C 490 -31.68 0.88 25.92
CA GLU C 490 -30.86 -0.19 25.38
C GLU C 490 -31.43 -1.55 25.74
N LYS C 491 -31.83 -1.72 27.00
CA LYS C 491 -32.39 -2.98 27.47
C LYS C 491 -33.66 -3.34 26.70
N ARG C 492 -34.57 -2.38 26.55
CA ARG C 492 -35.76 -2.62 25.73
C ARG C 492 -35.39 -2.85 24.27
N PHE C 493 -34.36 -2.16 23.78
CA PHE C 493 -33.97 -2.27 22.38
C PHE C 493 -33.31 -3.61 22.10
N VAL C 494 -32.31 -3.97 22.90
CA VAL C 494 -31.62 -5.24 22.73
C VAL C 494 -32.62 -6.39 22.75
N VAL C 495 -33.49 -6.41 23.77
CA VAL C 495 -34.50 -7.46 23.88
C VAL C 495 -35.31 -7.56 22.59
N THR C 496 -35.85 -6.44 22.14
CA THR C 496 -36.69 -6.47 20.93
C THR C 496 -35.90 -6.98 19.73
N VAL C 497 -34.62 -6.61 19.63
CA VAL C 497 -33.81 -7.02 18.49
C VAL C 497 -33.58 -8.53 18.50
N ILE C 498 -33.14 -9.06 19.64
CA ILE C 498 -32.88 -10.50 19.74
C ILE C 498 -34.16 -11.27 19.52
N LYS C 499 -35.23 -10.87 20.21
CA LYS C 499 -36.54 -11.51 20.06
C LYS C 499 -36.93 -11.62 18.59
N ASP C 500 -36.87 -10.49 17.87
CA ASP C 500 -37.20 -10.50 16.45
C ASP C 500 -36.23 -11.38 15.66
N LEU C 501 -34.94 -11.34 16.01
CA LEU C 501 -33.96 -12.13 15.28
C LEU C 501 -34.17 -13.62 15.49
N LEU C 502 -34.36 -14.04 16.75
CA LEU C 502 -34.66 -15.43 17.04
C LEU C 502 -35.83 -15.92 16.20
N GLY C 503 -36.94 -15.18 16.20
CA GLY C 503 -38.07 -15.55 15.39
C GLY C 503 -37.73 -15.61 13.91
N LEU C 504 -36.80 -14.76 13.46
CA LEU C 504 -36.40 -14.76 12.06
C LEU C 504 -35.60 -16.02 11.73
N CYS C 505 -34.76 -16.49 12.65
CA CYS C 505 -34.00 -17.70 12.40
C CYS C 505 -34.91 -18.91 12.31
N GLU C 506 -35.80 -19.07 13.28
CA GLU C 506 -36.82 -20.12 13.21
C GLU C 506 -37.54 -20.09 11.87
N GLN C 507 -37.94 -18.90 11.43
CA GLN C 507 -38.72 -18.74 10.21
C GLN C 507 -38.05 -19.37 8.99
N LYS C 508 -36.74 -19.52 9.00
CA LYS C 508 -36.00 -20.00 7.83
C LYS C 508 -35.75 -21.49 7.93
N ARG C 509 -35.24 -22.05 6.83
CA ARG C 509 -34.84 -23.45 6.78
C ARG C 509 -33.49 -23.53 6.06
N GLY C 510 -32.85 -24.70 6.17
CA GLY C 510 -31.57 -24.91 5.52
C GLY C 510 -30.44 -24.28 6.28
N LYS C 511 -29.36 -25.04 6.48
CA LYS C 511 -28.24 -24.57 7.29
C LYS C 511 -27.78 -23.17 6.88
N ASP C 512 -27.62 -22.96 5.56
CA ASP C 512 -27.06 -21.71 5.07
C ASP C 512 -27.83 -20.51 5.62
N ASN C 513 -29.15 -20.47 5.42
CA ASN C 513 -29.96 -19.37 5.92
C ASN C 513 -29.86 -19.27 7.43
N LYS C 514 -30.16 -20.37 8.14
CA LYS C 514 -30.13 -20.36 9.59
C LYS C 514 -28.74 -20.02 10.13
N ALA C 515 -27.70 -20.31 9.36
CA ALA C 515 -26.34 -19.99 9.82
C ALA C 515 -26.14 -18.49 9.88
N VAL C 516 -26.59 -17.77 8.85
CA VAL C 516 -26.38 -16.32 8.78
C VAL C 516 -27.09 -15.62 9.93
N VAL C 517 -28.38 -15.93 10.11
CA VAL C 517 -29.15 -15.26 11.15
C VAL C 517 -28.56 -15.56 12.53
N ALA C 518 -28.19 -16.82 12.76
CA ALA C 518 -27.63 -17.18 14.07
C ALA C 518 -26.32 -16.45 14.32
N SER C 519 -25.49 -16.28 13.29
CA SER C 519 -24.26 -15.51 13.44
C SER C 519 -24.56 -14.07 13.82
N ASP C 520 -25.39 -13.41 13.00
CA ASP C 520 -25.77 -12.03 13.28
C ASP C 520 -26.30 -11.88 14.70
N ILE C 521 -27.09 -12.84 15.17
CA ILE C 521 -27.58 -12.79 16.55
C ILE C 521 -26.41 -12.71 17.52
N MET C 522 -25.39 -13.55 17.30
CA MET C 522 -24.24 -13.53 18.19
C MET C 522 -23.42 -12.25 18.02
N TYR C 523 -23.41 -11.68 16.81
CA TYR C 523 -22.67 -10.44 16.62
C TYR C 523 -23.27 -9.32 17.46
N VAL C 524 -24.60 -9.15 17.39
CA VAL C 524 -25.25 -8.09 18.16
C VAL C 524 -24.98 -8.30 19.65
N VAL C 525 -25.19 -9.53 20.13
CA VAL C 525 -24.96 -9.84 21.54
C VAL C 525 -23.56 -9.42 21.94
N GLY C 526 -22.56 -9.80 21.14
CA GLY C 526 -21.18 -9.45 21.45
C GLY C 526 -20.92 -7.97 21.52
N GLN C 527 -21.79 -7.15 20.92
CA GLN C 527 -21.59 -5.71 20.88
C GLN C 527 -22.20 -4.98 22.07
N TYR C 528 -23.02 -5.65 22.88
CA TYR C 528 -23.72 -5.03 24.01
C TYR C 528 -23.28 -5.68 25.32
N PRO C 529 -22.03 -5.47 25.72
CA PRO C 529 -21.58 -6.06 27.00
C PRO C 529 -22.25 -5.47 28.22
N ARG C 530 -22.59 -4.17 28.20
CA ARG C 530 -23.27 -3.59 29.34
C ARG C 530 -24.55 -4.35 29.65
N PHE C 531 -25.30 -4.73 28.62
CA PHE C 531 -26.50 -5.54 28.80
C PHE C 531 -26.15 -6.92 29.35
N LEU C 532 -25.13 -7.56 28.79
CA LEU C 532 -24.74 -8.89 29.26
C LEU C 532 -24.33 -8.87 30.72
N LYS C 533 -23.60 -7.83 31.13
CA LYS C 533 -23.13 -7.76 32.51
C LYS C 533 -24.28 -7.70 33.51
N ALA C 534 -25.40 -7.13 33.11
CA ALA C 534 -26.53 -6.92 34.01
C ALA C 534 -27.56 -8.05 33.95
N HIS C 535 -27.41 -9.00 33.03
CA HIS C 535 -28.36 -10.08 32.84
C HIS C 535 -27.58 -11.39 32.87
N TRP C 536 -27.09 -11.76 34.05
CA TRP C 536 -26.22 -12.93 34.17
C TRP C 536 -26.87 -14.16 33.54
N ASN C 537 -28.09 -14.51 33.98
CA ASN C 537 -28.74 -15.69 33.44
C ASN C 537 -28.70 -15.68 31.92
N PHE C 538 -28.91 -14.51 31.33
CA PHE C 538 -28.83 -14.38 29.88
C PHE C 538 -27.41 -14.65 29.38
N LEU C 539 -26.43 -13.94 29.96
CA LEU C 539 -25.03 -14.18 29.62
C LEU C 539 -24.70 -15.66 29.63
N ARG C 540 -25.09 -16.36 30.71
CA ARG C 540 -24.85 -17.79 30.79
C ARG C 540 -25.41 -18.51 29.56
N THR C 541 -26.69 -18.27 29.25
CA THR C 541 -27.32 -18.92 28.12
C THR C 541 -26.57 -18.63 26.83
N VAL C 542 -26.15 -17.39 26.62
CA VAL C 542 -25.35 -17.04 25.45
C VAL C 542 -24.16 -18.00 25.33
N ILE C 543 -23.32 -18.01 26.36
CA ILE C 543 -22.07 -18.76 26.31
C ILE C 543 -22.35 -20.23 26.03
N LEU C 544 -23.31 -20.81 26.75
CA LEU C 544 -23.64 -22.22 26.55
C LEU C 544 -24.05 -22.49 25.11
N LYS C 545 -24.63 -21.49 24.44
CA LYS C 545 -25.02 -21.69 23.04
C LYS C 545 -23.81 -21.64 22.12
N LEU C 546 -22.92 -20.67 22.35
CA LEU C 546 -21.64 -20.66 21.65
C LEU C 546 -20.96 -22.02 21.77
N PHE C 547 -20.97 -22.61 22.96
CA PHE C 547 -20.38 -23.93 23.16
C PHE C 547 -21.05 -24.96 22.25
N GLU C 548 -22.39 -24.98 22.24
CA GLU C 548 -23.10 -25.88 21.33
C GLU C 548 -22.65 -25.67 19.89
N PHE C 549 -22.42 -24.42 19.50
CA PHE C 549 -22.01 -24.11 18.13
C PHE C 549 -20.57 -24.53 17.85
N MET C 550 -19.77 -24.78 18.88
CA MET C 550 -18.41 -25.26 18.67
C MET C 550 -18.39 -26.71 18.22
N HIS C 551 -19.55 -27.34 18.07
CA HIS C 551 -19.67 -28.67 17.50
C HIS C 551 -20.34 -28.64 16.13
N GLU C 552 -20.75 -27.46 15.66
CA GLU C 552 -21.42 -27.35 14.36
C GLU C 552 -20.37 -27.29 13.26
N THR C 553 -20.40 -28.28 12.36
CA THR C 553 -19.42 -28.38 11.30
C THR C 553 -19.72 -27.46 10.12
N HIS C 554 -20.86 -26.77 10.11
CA HIS C 554 -21.14 -25.86 9.01
C HIS C 554 -20.04 -24.82 8.90
N GLU C 555 -19.66 -24.50 7.67
CA GLU C 555 -18.49 -23.66 7.43
C GLU C 555 -18.66 -22.28 8.06
N GLY C 556 -17.86 -22.00 9.09
CA GLY C 556 -17.81 -20.69 9.71
C GLY C 556 -18.41 -20.63 11.10
N VAL C 557 -19.33 -21.54 11.42
CA VAL C 557 -19.99 -21.48 12.72
C VAL C 557 -18.97 -21.54 13.85
N GLN C 558 -18.04 -22.49 13.77
CA GLN C 558 -17.09 -22.70 14.86
C GLN C 558 -16.18 -21.49 15.03
N ASP C 559 -15.68 -20.93 13.93
CA ASP C 559 -14.87 -19.72 14.03
C ASP C 559 -15.69 -18.58 14.64
N MET C 560 -16.97 -18.47 14.27
CA MET C 560 -17.82 -17.44 14.85
C MET C 560 -17.99 -17.67 16.35
N ALA C 561 -18.26 -18.92 16.75
CA ALA C 561 -18.45 -19.22 18.17
C ALA C 561 -17.23 -18.81 18.99
N CYS C 562 -16.02 -19.07 18.49
CA CYS C 562 -14.82 -18.80 19.26
C CYS C 562 -14.50 -17.31 19.33
N ASP C 563 -14.62 -16.61 18.20
CA ASP C 563 -14.38 -15.17 18.20
C ASP C 563 -15.37 -14.43 19.08
N THR C 564 -16.63 -14.86 19.06
CA THR C 564 -17.63 -14.24 19.93
C THR C 564 -17.35 -14.53 21.39
N PHE C 565 -16.89 -15.76 21.69
CA PHE C 565 -16.61 -16.13 23.07
C PHE C 565 -15.53 -15.25 23.68
N ILE C 566 -14.39 -15.10 22.99
CA ILE C 566 -13.30 -14.31 23.53
C ILE C 566 -13.65 -12.83 23.55
N LYS C 567 -14.43 -12.37 22.57
CA LYS C 567 -14.86 -10.98 22.54
C LYS C 567 -15.72 -10.64 23.76
N ILE C 568 -16.63 -11.53 24.13
CA ILE C 568 -17.47 -11.33 25.31
C ILE C 568 -16.61 -11.39 26.57
N VAL C 569 -15.60 -12.26 26.57
CA VAL C 569 -14.77 -12.45 27.76
C VAL C 569 -13.92 -11.22 28.02
N GLN C 570 -13.31 -10.65 26.97
CA GLN C 570 -12.52 -9.43 27.15
C GLN C 570 -13.33 -8.34 27.84
N LYS C 571 -14.65 -8.31 27.63
CA LYS C 571 -15.50 -7.26 28.18
C LYS C 571 -16.15 -7.64 29.51
N CYS C 572 -16.44 -8.92 29.73
CA CYS C 572 -17.29 -9.34 30.85
C CYS C 572 -16.56 -10.26 31.82
N LYS C 573 -15.23 -10.27 31.79
CA LYS C 573 -14.44 -11.28 32.50
C LYS C 573 -14.79 -11.33 34.00
N TYR C 574 -15.00 -10.18 34.64
CA TYR C 574 -15.33 -10.17 36.06
C TYR C 574 -16.52 -11.07 36.37
N HIS C 575 -17.48 -11.18 35.46
CA HIS C 575 -18.67 -11.98 35.70
C HIS C 575 -18.44 -13.47 35.52
N PHE C 576 -17.27 -13.87 35.02
CA PHE C 576 -16.90 -15.26 34.94
C PHE C 576 -16.06 -15.72 36.12
N VAL C 577 -15.54 -14.79 36.92
CA VAL C 577 -14.58 -15.10 37.96
C VAL C 577 -15.17 -15.00 39.36
N ILE C 578 -16.24 -14.22 39.55
CA ILE C 578 -16.95 -14.20 40.81
C ILE C 578 -18.01 -15.29 40.80
N GLN C 579 -18.50 -15.63 41.99
CA GLN C 579 -19.61 -16.55 42.13
C GLN C 579 -20.91 -15.76 42.05
N GLN C 580 -21.74 -16.09 41.08
CA GLN C 580 -23.00 -15.37 40.91
C GLN C 580 -24.03 -15.85 41.92
N PRO C 581 -25.01 -15.00 42.25
CA PRO C 581 -26.17 -15.50 42.99
C PRO C 581 -26.80 -16.67 42.25
N ARG C 582 -27.32 -17.63 43.00
CA ARG C 582 -27.94 -18.84 42.47
C ARG C 582 -26.95 -19.76 41.77
N GLU C 583 -25.65 -19.51 41.90
CA GLU C 583 -24.62 -20.38 41.39
C GLU C 583 -23.73 -20.84 42.53
N SER C 584 -23.25 -22.07 42.44
CA SER C 584 -22.40 -22.64 43.48
C SER C 584 -20.92 -22.38 43.25
N GLU C 585 -20.53 -22.04 42.03
CA GLU C 585 -19.12 -21.85 41.70
C GLU C 585 -18.98 -20.73 40.68
N PRO C 586 -17.85 -20.01 40.70
CA PRO C 586 -17.53 -19.13 39.58
C PRO C 586 -17.62 -19.90 38.28
N PHE C 587 -18.18 -19.25 37.25
CA PHE C 587 -18.47 -19.94 36.01
C PHE C 587 -17.21 -20.42 35.30
N ILE C 588 -16.06 -19.80 35.57
CA ILE C 588 -14.81 -20.24 34.96
C ILE C 588 -14.53 -21.69 35.29
N GLN C 589 -14.86 -22.13 36.51
CA GLN C 589 -14.65 -23.53 36.86
C GLN C 589 -15.52 -24.44 36.03
N THR C 590 -16.74 -23.99 35.71
CA THR C 590 -17.63 -24.80 34.89
C THR C 590 -17.14 -24.90 33.44
N ILE C 591 -16.44 -23.87 32.96
CA ILE C 591 -15.86 -23.95 31.62
C ILE C 591 -14.69 -24.91 31.61
N ILE C 592 -13.85 -24.86 32.65
CA ILE C 592 -12.65 -25.67 32.69
C ILE C 592 -13.00 -27.15 32.83
N ARG C 593 -14.02 -27.47 33.64
CA ARG C 593 -14.40 -28.86 33.85
C ARG C 593 -14.74 -29.56 32.53
N ASP C 594 -15.49 -28.88 31.65
CA ASP C 594 -15.99 -29.49 30.42
C ASP C 594 -15.17 -29.10 29.20
N ILE C 595 -13.95 -28.58 29.39
CA ILE C 595 -13.21 -27.99 28.28
C ILE C 595 -12.90 -29.04 27.21
N GLN C 596 -12.60 -30.28 27.62
CA GLN C 596 -12.33 -31.32 26.63
C GLN C 596 -13.55 -31.56 25.76
N LYS C 597 -14.72 -31.73 26.39
CA LYS C 597 -15.96 -31.89 25.65
C LYS C 597 -16.24 -30.67 24.78
N THR C 598 -16.16 -29.48 25.38
CA THR C 598 -16.50 -28.25 24.69
C THR C 598 -15.72 -28.09 23.39
N THR C 599 -14.44 -28.43 23.40
CA THR C 599 -13.53 -28.14 22.30
C THR C 599 -13.24 -29.35 21.42
N ALA C 600 -13.87 -30.50 21.70
CA ALA C 600 -13.48 -31.75 21.04
C ALA C 600 -13.48 -31.64 19.52
N ASP C 601 -14.40 -30.89 18.95
CA ASP C 601 -14.55 -30.80 17.50
C ASP C 601 -13.88 -29.58 16.90
N LEU C 602 -13.18 -28.78 17.69
CA LEU C 602 -12.53 -27.58 17.19
C LEU C 602 -11.17 -27.91 16.59
N GLN C 603 -10.78 -27.12 15.59
CA GLN C 603 -9.43 -27.20 15.06
C GLN C 603 -8.45 -26.58 16.05
N PRO C 604 -7.16 -26.89 15.94
CA PRO C 604 -6.21 -26.41 16.95
C PRO C 604 -6.17 -24.90 17.13
N GLN C 605 -6.16 -24.13 16.03
CA GLN C 605 -6.22 -22.68 16.16
C GLN C 605 -7.36 -22.26 17.08
N GLN C 606 -8.53 -22.88 16.92
CA GLN C 606 -9.71 -22.49 17.69
C GLN C 606 -9.58 -22.92 19.14
N VAL C 607 -8.92 -24.05 19.40
CA VAL C 607 -8.68 -24.47 20.79
C VAL C 607 -7.82 -23.46 21.50
N HIS C 608 -6.79 -22.95 20.82
CA HIS C 608 -5.87 -22.00 21.44
C HIS C 608 -6.58 -20.70 21.78
N THR C 609 -7.45 -20.21 20.88
CA THR C 609 -8.27 -19.05 21.19
C THR C 609 -9.10 -19.30 22.44
N PHE C 610 -9.68 -20.50 22.56
CA PHE C 610 -10.49 -20.84 23.73
C PHE C 610 -9.65 -20.77 25.00
N TYR C 611 -8.49 -21.42 24.99
CA TYR C 611 -7.61 -21.37 26.17
C TYR C 611 -7.18 -19.94 26.46
N LYS C 612 -6.88 -19.16 25.42
CA LYS C 612 -6.53 -17.76 25.63
C LYS C 612 -7.66 -17.01 26.32
N ALA C 613 -8.90 -17.23 25.87
CA ALA C 613 -10.04 -16.58 26.50
C ALA C 613 -10.14 -16.96 27.98
N CYS C 614 -9.89 -18.25 28.29
CA CYS C 614 -9.93 -18.67 29.68
C CYS C 614 -8.85 -17.97 30.50
N GLY C 615 -7.67 -17.73 29.89
CA GLY C 615 -6.61 -17.03 30.59
C GLY C 615 -6.96 -15.60 30.91
N ILE C 616 -7.78 -14.95 30.08
CA ILE C 616 -8.25 -13.61 30.38
C ILE C 616 -9.06 -13.62 31.67
N ILE C 617 -9.98 -14.57 31.79
CA ILE C 617 -10.79 -14.69 33.00
C ILE C 617 -9.89 -14.95 34.22
N ILE C 618 -8.96 -15.89 34.09
CA ILE C 618 -8.18 -16.32 35.23
C ILE C 618 -7.32 -15.18 35.78
N SER C 619 -6.89 -14.26 34.92
CA SER C 619 -6.09 -13.13 35.37
C SER C 619 -6.93 -12.09 36.13
N GLU C 620 -8.26 -12.16 36.05
CA GLU C 620 -9.09 -11.31 36.89
C GLU C 620 -9.12 -11.77 38.34
N GLU C 621 -8.75 -13.02 38.61
CA GLU C 621 -8.67 -13.52 39.98
C GLU C 621 -7.37 -13.02 40.60
N ARG C 622 -7.49 -12.12 41.58
CA ARG C 622 -6.30 -11.52 42.18
C ARG C 622 -5.83 -12.25 43.43
N SER C 623 -6.57 -13.23 43.93
CA SER C 623 -6.05 -14.13 44.95
C SER C 623 -5.05 -15.08 44.29
N VAL C 624 -3.80 -15.02 44.75
CA VAL C 624 -2.73 -15.77 44.09
C VAL C 624 -3.04 -17.27 44.09
N ALA C 625 -3.42 -17.80 45.26
CA ALA C 625 -3.60 -19.25 45.38
C ALA C 625 -4.68 -19.75 44.44
N GLU C 626 -5.78 -19.00 44.33
CA GLU C 626 -6.88 -19.43 43.47
C GLU C 626 -6.56 -19.22 42.00
N ARG C 627 -5.86 -18.13 41.67
CA ARG C 627 -5.42 -17.92 40.30
C ARG C 627 -4.52 -19.07 39.84
N ASN C 628 -3.52 -19.41 40.65
CA ASN C 628 -2.60 -20.49 40.28
C ASN C 628 -3.31 -21.84 40.21
N ARG C 629 -4.32 -22.06 41.05
CA ARG C 629 -5.09 -23.30 40.96
C ARG C 629 -5.91 -23.35 39.68
N LEU C 630 -6.59 -22.25 39.34
CA LEU C 630 -7.30 -22.18 38.07
C LEU C 630 -6.36 -22.41 36.90
N LEU C 631 -5.18 -21.78 36.94
CA LEU C 631 -4.18 -21.98 35.91
C LEU C 631 -3.81 -23.46 35.79
N SER C 632 -3.53 -24.10 36.93
CA SER C 632 -3.20 -25.53 36.92
C SER C 632 -4.32 -26.35 36.28
N ASP C 633 -5.57 -26.07 36.64
CA ASP C 633 -6.69 -26.86 36.13
C ASP C 633 -6.89 -26.63 34.63
N LEU C 634 -6.73 -25.39 34.18
CA LEU C 634 -6.88 -25.09 32.76
C LEU C 634 -5.84 -25.83 31.93
N MET C 635 -4.60 -25.86 32.40
CA MET C 635 -3.50 -26.49 31.67
C MET C 635 -3.41 -27.99 31.90
N GLN C 636 -4.43 -28.60 32.53
CA GLN C 636 -4.33 -30.01 32.91
C GLN C 636 -4.18 -30.91 31.69
N LEU C 637 -4.96 -30.66 30.63
CA LEU C 637 -4.86 -31.52 29.45
C LEU C 637 -3.52 -31.34 28.75
N PRO C 638 -3.11 -30.13 28.37
CA PRO C 638 -1.77 -29.98 27.76
C PRO C 638 -0.63 -30.45 28.65
N ASN C 639 -0.75 -30.31 29.97
CA ASN C 639 0.35 -30.71 30.85
C ASN C 639 0.49 -32.22 30.94
N MET C 640 -0.60 -32.97 30.78
CA MET C 640 -0.50 -34.42 30.80
C MET C 640 0.00 -34.96 29.47
N ALA C 641 -0.55 -34.46 28.36
CA ALA C 641 0.02 -34.75 27.05
C ALA C 641 1.50 -34.40 27.03
N TRP C 642 1.87 -33.31 27.70
CA TRP C 642 3.27 -32.90 27.79
C TRP C 642 4.10 -33.91 28.56
N ASP C 643 3.68 -34.24 29.79
CA ASP C 643 4.44 -35.18 30.61
C ASP C 643 4.65 -36.50 29.86
N THR C 644 3.57 -37.06 29.33
CA THR C 644 3.68 -38.25 28.48
C THR C 644 4.77 -38.08 27.44
N ILE C 645 4.63 -37.06 26.58
CA ILE C 645 5.56 -36.91 25.47
C ILE C 645 6.98 -36.77 25.98
N VAL C 646 7.20 -35.95 27.00
CA VAL C 646 8.56 -35.82 27.55
C VAL C 646 9.06 -37.18 28.04
N GLU C 647 8.16 -38.01 28.58
CA GLU C 647 8.57 -39.33 29.04
C GLU C 647 8.98 -40.21 27.86
N GLN C 648 8.15 -40.28 26.83
CA GLN C 648 8.45 -41.13 25.69
C GLN C 648 9.36 -40.46 24.67
N SER C 649 9.35 -39.13 24.59
CA SER C 649 10.30 -38.43 23.72
C SER C 649 11.74 -38.72 24.15
N THR C 650 12.00 -38.69 25.46
CA THR C 650 13.35 -38.94 25.95
C THR C 650 13.69 -40.42 25.86
N ALA C 651 12.71 -41.30 26.02
CA ALA C 651 12.92 -42.74 25.89
C ALA C 651 13.69 -43.02 24.62
N ASN C 652 13.04 -42.84 23.47
CA ASN C 652 13.69 -43.00 22.17
C ASN C 652 13.42 -41.76 21.34
N PRO C 653 14.43 -40.91 21.10
CA PRO C 653 14.23 -39.74 20.23
C PRO C 653 13.74 -40.04 18.83
N THR C 654 13.40 -41.31 18.54
CA THR C 654 12.78 -41.64 17.26
C THR C 654 11.46 -40.90 17.09
N LEU C 655 10.64 -40.88 18.15
CA LEU C 655 9.31 -40.29 18.07
C LEU C 655 9.31 -38.95 17.34
N LEU C 656 10.24 -38.07 17.69
CA LEU C 656 10.29 -36.74 17.08
C LEU C 656 10.32 -36.79 15.56
N LEU C 657 10.57 -37.94 14.96
CA LEU C 657 10.38 -38.12 13.53
C LEU C 657 8.93 -38.42 13.20
N ASP C 658 8.17 -38.96 14.14
CA ASP C 658 6.73 -39.12 13.98
C ASP C 658 6.08 -37.75 13.82
N SER C 659 5.60 -37.46 12.61
CA SER C 659 4.90 -36.19 12.38
C SER C 659 3.75 -35.98 13.35
N GLU C 660 3.14 -37.06 13.83
CA GLU C 660 2.02 -36.90 14.76
C GLU C 660 2.48 -36.41 16.12
N THR C 661 3.62 -36.92 16.61
CA THR C 661 4.14 -36.44 17.88
C THR C 661 4.65 -35.02 17.76
N VAL C 662 5.25 -34.67 16.61
CA VAL C 662 5.72 -33.31 16.40
C VAL C 662 4.54 -32.34 16.37
N LYS C 663 3.46 -32.71 15.68
CA LYS C 663 2.27 -31.88 15.67
C LYS C 663 1.69 -31.72 17.08
N ILE C 664 1.65 -32.81 17.84
CA ILE C 664 1.15 -32.75 19.21
C ILE C 664 2.02 -31.82 20.05
N ILE C 665 3.34 -31.90 19.90
CA ILE C 665 4.24 -31.08 20.70
C ILE C 665 4.01 -29.61 20.39
N ALA C 666 4.00 -29.26 19.10
CA ALA C 666 3.84 -27.85 18.72
C ALA C 666 2.51 -27.29 19.22
N ASN C 667 1.46 -28.11 19.19
CA ASN C 667 0.16 -27.64 19.66
C ASN C 667 0.15 -27.45 21.18
N ILE C 668 0.86 -28.28 21.93
CA ILE C 668 1.00 -28.05 23.36
C ILE C 668 1.67 -26.70 23.60
N ILE C 669 2.76 -26.44 22.89
N ILE C 669 2.78 -26.45 22.90
CA ILE C 669 3.49 -25.19 23.09
CA ILE C 669 3.49 -25.19 23.09
C ILE C 669 2.64 -24.00 22.68
C ILE C 669 2.61 -24.01 22.70
N LYS C 670 1.92 -24.13 21.57
CA LYS C 670 1.03 -23.04 21.14
C LYS C 670 -0.06 -22.77 22.17
N THR C 671 -0.56 -23.81 22.85
CA THR C 671 -1.54 -23.59 23.89
C THR C 671 -0.92 -22.77 25.03
N ASN C 672 0.32 -23.07 25.40
CA ASN C 672 1.00 -22.30 26.43
C ASN C 672 1.23 -20.86 25.98
N VAL C 673 1.52 -20.65 24.69
CA VAL C 673 1.70 -19.28 24.19
C VAL C 673 0.39 -18.52 24.30
N ALA C 674 -0.72 -19.16 23.91
CA ALA C 674 -2.02 -18.50 23.97
C ALA C 674 -2.35 -18.06 25.39
N VAL C 675 -2.25 -18.98 26.35
CA VAL C 675 -2.58 -18.65 27.73
C VAL C 675 -1.61 -17.60 28.26
N CYS C 676 -0.32 -17.75 27.95
CA CYS C 676 0.67 -16.77 28.38
C CYS C 676 0.39 -15.39 27.79
N THR C 677 -0.16 -15.35 26.58
CA THR C 677 -0.49 -14.07 25.98
C THR C 677 -1.57 -13.35 26.77
N SER C 678 -2.53 -14.09 27.32
CA SER C 678 -3.57 -13.48 28.14
C SER C 678 -3.05 -13.10 29.52
N MET C 679 -2.20 -13.94 30.11
CA MET C 679 -1.91 -13.85 31.54
C MET C 679 -0.59 -13.16 31.85
N GLY C 680 0.34 -13.09 30.89
CA GLY C 680 1.61 -12.43 31.10
C GLY C 680 2.30 -12.84 32.38
N ALA C 681 2.49 -11.89 33.29
CA ALA C 681 3.23 -12.16 34.51
C ALA C 681 2.61 -13.28 35.33
N ASP C 682 1.28 -13.43 35.28
CA ASP C 682 0.61 -14.48 36.04
C ASP C 682 0.94 -15.87 35.53
N PHE C 683 1.46 -15.98 34.31
CA PHE C 683 1.73 -17.27 33.70
C PHE C 683 2.96 -17.96 34.26
N TYR C 684 3.75 -17.26 35.08
CA TYR C 684 5.03 -17.79 35.55
C TYR C 684 4.93 -19.19 36.16
N PRO C 685 3.97 -19.49 37.04
CA PRO C 685 3.95 -20.84 37.63
C PRO C 685 3.85 -21.94 36.58
N GLN C 686 3.07 -21.72 35.52
CA GLN C 686 2.95 -22.72 34.48
C GLN C 686 4.23 -22.82 33.65
N LEU C 687 4.93 -21.71 33.45
CA LEU C 687 6.21 -21.75 32.77
C LEU C 687 7.20 -22.63 33.52
N GLY C 688 7.24 -22.49 34.85
CA GLY C 688 8.15 -23.29 35.65
C GLY C 688 7.83 -24.77 35.64
N HIS C 689 6.59 -25.14 35.34
CA HIS C 689 6.25 -26.56 35.26
C HIS C 689 6.90 -27.23 34.07
N ILE C 690 7.11 -26.49 32.97
CA ILE C 690 7.62 -27.06 31.73
C ILE C 690 9.00 -26.52 31.34
N TYR C 691 9.51 -25.51 32.03
CA TYR C 691 10.62 -24.72 31.48
C TYR C 691 11.83 -25.59 31.19
N TYR C 692 12.30 -26.35 32.19
CA TYR C 692 13.56 -27.06 32.05
C TYR C 692 13.46 -28.19 31.03
N ASN C 693 12.37 -28.94 31.04
CA ASN C 693 12.19 -29.99 30.04
C ASN C 693 11.95 -29.41 28.66
N MET C 694 11.28 -28.25 28.59
CA MET C 694 11.07 -27.61 27.30
C MET C 694 12.39 -27.22 26.65
N LEU C 695 13.35 -26.73 27.46
CA LEU C 695 14.65 -26.38 26.92
C LEU C 695 15.46 -27.61 26.54
N GLN C 696 15.30 -28.72 27.27
CA GLN C 696 15.88 -29.98 26.83
C GLN C 696 15.28 -30.40 25.49
N LEU C 697 13.96 -30.28 25.36
CA LEU C 697 13.31 -30.60 24.09
C LEU C 697 13.85 -29.73 22.96
N TYR C 698 14.09 -28.44 23.25
CA TYR C 698 14.70 -27.56 22.28
C TYR C 698 16.01 -28.14 21.77
N ARG C 699 16.85 -28.65 22.67
CA ARG C 699 18.13 -29.21 22.27
C ARG C 699 17.96 -30.47 21.43
N ALA C 700 17.08 -31.37 21.85
CA ALA C 700 16.88 -32.62 21.13
C ALA C 700 16.37 -32.35 19.72
N VAL C 701 15.37 -31.47 19.59
CA VAL C 701 14.90 -31.04 18.28
C VAL C 701 16.04 -30.44 17.48
N SER C 702 16.91 -29.66 18.13
CA SER C 702 18.03 -29.06 17.41
C SER C 702 18.92 -30.12 16.80
N SER C 703 19.28 -31.14 17.59
CA SER C 703 20.14 -32.21 17.08
C SER C 703 19.51 -32.89 15.87
N MET C 704 18.20 -33.14 15.93
CA MET C 704 17.53 -33.83 14.83
C MET C 704 17.55 -33.02 13.55
N ILE C 705 17.28 -31.72 13.66
CA ILE C 705 17.39 -30.85 12.49
C ILE C 705 18.79 -30.94 11.90
N SER C 706 19.81 -30.74 12.74
CA SER C 706 21.18 -30.83 12.27
C SER C 706 21.46 -32.19 11.66
N ALA C 707 21.06 -33.27 12.34
CA ALA C 707 21.33 -34.62 11.85
C ALA C 707 20.67 -34.84 10.49
N GLN C 708 19.50 -34.25 10.28
CA GLN C 708 18.78 -34.45 9.03
C GLN C 708 19.40 -33.67 7.88
N VAL C 709 19.86 -32.45 8.16
CA VAL C 709 20.53 -31.65 7.16
C VAL C 709 21.84 -32.31 6.74
N ALA C 710 22.51 -33.00 7.67
CA ALA C 710 23.71 -33.73 7.32
C ALA C 710 23.41 -34.91 6.42
N ALA C 711 22.34 -35.66 6.73
CA ALA C 711 22.03 -36.87 5.97
C ALA C 711 21.34 -36.59 4.64
N GLU C 712 20.76 -35.40 4.47
CA GLU C 712 20.02 -35.08 3.25
C GLU C 712 20.47 -33.80 2.56
N GLY C 713 21.18 -32.92 3.24
CA GLY C 713 21.59 -31.65 2.65
C GLY C 713 20.67 -30.52 3.04
N LEU C 714 20.96 -29.34 2.49
CA LEU C 714 20.18 -28.16 2.81
C LEU C 714 18.71 -28.31 2.41
N ILE C 715 18.42 -29.15 1.42
CA ILE C 715 17.05 -29.36 0.99
C ILE C 715 16.20 -29.91 2.14
N ALA C 716 16.84 -30.50 3.15
CA ALA C 716 16.10 -31.02 4.30
C ALA C 716 15.30 -29.93 5.00
N THR C 717 15.77 -28.67 4.95
CA THR C 717 15.07 -27.59 5.63
C THR C 717 13.71 -27.29 5.02
N LYS C 718 13.46 -27.77 3.80
CA LYS C 718 12.21 -27.53 3.11
C LYS C 718 11.20 -28.66 3.32
N THR C 719 11.62 -29.76 3.95
CA THR C 719 10.75 -30.93 4.10
C THR C 719 9.77 -30.73 5.26
N PRO C 720 8.59 -31.33 5.16
CA PRO C 720 7.63 -31.22 6.28
C PRO C 720 8.23 -31.60 7.64
N LYS C 721 8.99 -32.69 7.70
CA LYS C 721 9.53 -33.13 8.99
C LYS C 721 10.37 -32.03 9.65
N VAL C 722 11.31 -31.44 8.90
CA VAL C 722 12.18 -30.43 9.49
C VAL C 722 11.40 -29.15 9.78
N ARG C 723 10.52 -28.74 8.86
CA ARG C 723 9.68 -27.58 9.14
C ARG C 723 8.86 -27.81 10.41
N GLY C 724 8.38 -29.04 10.61
CA GLY C 724 7.69 -29.35 11.85
C GLY C 724 8.57 -29.23 13.07
N LEU C 725 9.82 -29.66 12.96
CA LEU C 725 10.75 -29.57 14.09
C LEU C 725 11.13 -28.12 14.36
N ARG C 726 11.35 -27.32 13.31
CA ARG C 726 11.67 -25.92 13.49
C ARG C 726 10.49 -25.17 14.11
N THR C 727 9.26 -25.57 13.77
CA THR C 727 8.08 -24.98 14.40
C THR C 727 8.16 -25.12 15.92
N ILE C 728 8.52 -26.31 16.40
CA ILE C 728 8.68 -26.51 17.84
C ILE C 728 9.63 -25.47 18.42
N LYS C 729 10.83 -25.37 17.83
CA LYS C 729 11.82 -24.42 18.32
C LYS C 729 11.25 -23.00 18.30
N LYS C 730 10.55 -22.64 17.22
CA LYS C 730 10.05 -21.28 17.10
C LYS C 730 9.00 -20.96 18.16
N GLU C 731 8.08 -21.90 18.42
CA GLU C 731 7.06 -21.66 19.43
C GLU C 731 7.64 -21.61 20.83
N ILE C 732 8.71 -22.38 21.09
CA ILE C 732 9.38 -22.29 22.38
C ILE C 732 9.99 -20.90 22.55
N LEU C 733 10.61 -20.37 21.50
CA LEU C 733 11.17 -19.03 21.57
C LEU C 733 10.06 -17.99 21.72
N LYS C 734 8.94 -18.20 21.04
CA LYS C 734 7.82 -17.26 21.15
C LYS C 734 7.24 -17.26 22.54
N LEU C 735 7.17 -18.44 23.17
CA LEU C 735 6.67 -18.54 24.53
C LEU C 735 7.57 -17.79 25.50
N VAL C 736 8.89 -18.03 25.41
CA VAL C 736 9.84 -17.37 26.29
C VAL C 736 9.80 -15.87 26.07
N GLU C 737 9.76 -15.46 24.80
CA GLU C 737 9.66 -14.03 24.48
C GLU C 737 8.38 -13.45 25.06
N THR C 738 7.26 -14.15 24.89
CA THR C 738 5.98 -13.62 25.36
C THR C 738 5.98 -13.43 26.87
N TYR C 739 6.54 -14.40 27.61
CA TYR C 739 6.54 -14.25 29.06
C TYR C 739 7.47 -13.13 29.49
N ILE C 740 8.68 -13.10 28.94
CA ILE C 740 9.69 -12.17 29.44
C ILE C 740 9.29 -10.74 29.12
N SER C 741 8.66 -10.51 27.97
CA SER C 741 8.24 -9.16 27.61
C SER C 741 7.17 -8.62 28.56
N LYS C 742 6.54 -9.49 29.37
CA LYS C 742 5.49 -9.10 30.28
C LYS C 742 5.82 -9.34 31.75
N ALA C 743 6.92 -10.02 32.06
CA ALA C 743 7.23 -10.36 33.43
C ALA C 743 7.37 -9.11 34.29
N ARG C 744 6.86 -9.21 35.52
CA ARG C 744 7.04 -8.15 36.52
C ARG C 744 8.18 -8.45 37.48
N ASN C 745 8.52 -9.72 37.68
CA ASN C 745 9.61 -10.11 38.57
C ASN C 745 10.82 -10.41 37.70
N LEU C 746 11.74 -9.44 37.64
CA LEU C 746 12.91 -9.57 36.78
C LEU C 746 14.07 -10.26 37.49
N ASP C 747 14.09 -10.27 38.82
CA ASP C 747 15.07 -11.09 39.54
C ASP C 747 14.96 -12.55 39.10
N ASP C 748 13.73 -13.07 39.00
CA ASP C 748 13.55 -14.46 38.60
C ASP C 748 13.91 -14.65 37.14
N VAL C 749 13.58 -13.67 36.29
CA VAL C 749 13.94 -13.77 34.88
C VAL C 749 15.44 -13.95 34.74
N VAL C 750 16.21 -13.15 35.47
CA VAL C 750 17.67 -13.19 35.36
C VAL C 750 18.22 -14.46 35.98
N LYS C 751 17.76 -14.79 37.19
CA LYS C 751 18.41 -15.81 38.00
C LYS C 751 17.86 -17.21 37.76
N VAL C 752 16.74 -17.34 37.04
CA VAL C 752 16.13 -18.63 36.76
C VAL C 752 16.02 -18.90 35.27
N LEU C 753 15.65 -17.90 34.47
CA LEU C 753 15.31 -18.14 33.07
C LEU C 753 16.47 -17.92 32.11
N VAL C 754 17.26 -16.85 32.27
CA VAL C 754 18.11 -16.40 31.19
C VAL C 754 19.26 -17.38 30.94
N GLU C 755 19.90 -17.87 31.99
CA GLU C 755 21.08 -18.71 31.78
C GLU C 755 20.73 -20.03 31.11
N PRO C 756 19.75 -20.80 31.57
CA PRO C 756 19.36 -22.00 30.79
C PRO C 756 19.01 -21.66 29.35
N LEU C 757 18.35 -20.52 29.14
CA LEU C 757 17.93 -20.14 27.79
C LEU C 757 19.13 -19.89 26.89
N LEU C 758 20.09 -19.08 27.35
CA LEU C 758 21.26 -18.79 26.54
C LEU C 758 22.06 -20.05 26.27
N ASN C 759 22.19 -20.93 27.27
CA ASN C 759 22.91 -22.18 27.04
C ASN C 759 22.20 -23.06 26.02
N ALA C 760 20.87 -22.96 25.94
CA ALA C 760 20.11 -23.81 25.03
C ALA C 760 20.07 -23.29 23.60
N VAL C 761 20.25 -21.99 23.37
CA VAL C 761 19.95 -21.43 22.05
C VAL C 761 21.15 -20.79 21.36
N LEU C 762 22.11 -20.26 22.12
CA LEU C 762 23.16 -19.45 21.50
C LEU C 762 24.13 -20.33 20.70
N GLU C 763 24.70 -21.35 21.34
CA GLU C 763 25.64 -22.21 20.65
C GLU C 763 24.99 -22.91 19.46
N ASP C 764 23.75 -23.38 19.65
CA ASP C 764 23.04 -24.04 18.56
C ASP C 764 22.92 -23.14 17.34
N TYR C 765 22.73 -21.83 17.55
CA TYR C 765 22.61 -20.89 16.44
C TYR C 765 23.96 -20.67 15.77
N MET C 766 24.98 -20.39 16.57
CA MET C 766 26.31 -20.12 16.03
C MET C 766 26.84 -21.28 15.19
N ASN C 767 26.55 -22.51 15.60
CA ASN C 767 27.20 -23.70 15.04
C ASN C 767 26.32 -24.46 14.06
N ASN C 768 25.17 -23.90 13.70
CA ASN C 768 24.39 -24.43 12.58
C ASN C 768 24.77 -23.71 11.30
N VAL C 769 24.53 -24.36 10.17
CA VAL C 769 24.80 -23.74 8.88
C VAL C 769 23.81 -22.60 8.70
N PRO C 770 24.14 -21.58 7.91
CA PRO C 770 23.22 -20.42 7.79
C PRO C 770 21.77 -20.79 7.52
N ASP C 771 21.50 -21.74 6.62
CA ASP C 771 20.12 -22.05 6.24
C ASP C 771 19.34 -22.74 7.34
N ALA C 772 19.97 -23.14 8.44
CA ALA C 772 19.28 -23.80 9.54
C ALA C 772 19.19 -22.94 10.79
N ARG C 773 19.70 -21.70 10.74
CA ARG C 773 19.58 -20.79 11.87
C ARG C 773 18.23 -20.08 11.85
N ASP C 774 17.54 -20.09 12.99
CA ASP C 774 16.22 -19.47 13.11
C ASP C 774 16.40 -18.01 13.49
N ALA C 775 15.90 -17.10 12.64
CA ALA C 775 15.95 -15.68 12.97
C ALA C 775 15.17 -15.36 14.22
N GLU C 776 14.23 -16.22 14.63
CA GLU C 776 13.50 -16.00 15.88
C GLU C 776 14.43 -15.99 17.08
N VAL C 777 15.57 -16.69 17.01
CA VAL C 777 16.55 -16.60 18.08
C VAL C 777 16.95 -15.15 18.31
N LEU C 778 17.17 -14.42 17.22
CA LEU C 778 17.54 -13.00 17.33
C LEU C 778 16.42 -12.21 17.98
N ASN C 779 15.18 -12.40 17.51
CA ASN C 779 14.06 -11.66 18.08
C ASN C 779 13.90 -11.96 19.57
N CYS C 780 14.08 -13.23 19.95
CA CYS C 780 13.99 -13.58 21.36
C CYS C 780 15.06 -12.86 22.17
N MET C 781 16.30 -12.82 21.68
CA MET C 781 17.37 -12.14 22.40
C MET C 781 17.12 -10.65 22.48
N THR C 782 16.49 -10.05 21.46
CA THR C 782 16.18 -8.63 21.52
C THR C 782 15.29 -8.33 22.71
N THR C 783 14.31 -9.19 22.97
CA THR C 783 13.43 -9.00 24.12
C THR C 783 14.19 -9.18 25.43
N VAL C 784 15.02 -10.22 25.51
CA VAL C 784 15.82 -10.45 26.72
C VAL C 784 16.63 -9.19 27.05
N VAL C 785 17.29 -8.63 26.04
CA VAL C 785 18.09 -7.42 26.27
C VAL C 785 17.18 -6.26 26.65
N GLU C 786 16.04 -6.13 25.97
CA GLU C 786 15.10 -5.06 26.26
C GLU C 786 14.77 -5.02 27.75
N LYS C 787 14.24 -6.12 28.29
CA LYS C 787 13.66 -6.07 29.63
C LYS C 787 14.70 -6.25 30.73
N VAL C 788 15.77 -7.01 30.51
CA VAL C 788 16.72 -7.27 31.58
C VAL C 788 18.16 -7.07 31.12
N GLY C 789 18.36 -6.36 30.02
CA GLY C 789 19.72 -6.17 29.51
C GLY C 789 20.64 -5.53 30.53
N HIS C 790 20.15 -4.51 31.23
CA HIS C 790 20.96 -3.80 32.22
C HIS C 790 21.49 -4.72 33.32
N MET C 791 20.89 -5.90 33.52
CA MET C 791 21.23 -6.75 34.65
C MET C 791 22.15 -7.92 34.29
N ILE C 792 22.47 -8.11 33.01
CA ILE C 792 23.24 -9.27 32.60
C ILE C 792 24.32 -8.86 31.59
N PRO C 793 25.22 -7.96 31.97
CA PRO C 793 26.26 -7.53 31.01
C PRO C 793 27.11 -8.66 30.48
N GLN C 794 27.37 -9.71 31.26
CA GLN C 794 28.09 -10.86 30.74
C GLN C 794 27.23 -11.65 29.76
N GLY C 795 25.91 -11.68 29.98
CA GLY C 795 25.03 -12.39 29.07
C GLY C 795 24.93 -11.71 27.72
N VAL C 796 24.90 -10.37 27.71
CA VAL C 796 24.83 -9.64 26.45
C VAL C 796 26.10 -9.87 25.64
N ILE C 797 27.26 -9.86 26.31
CA ILE C 797 28.52 -10.19 25.64
C ILE C 797 28.42 -11.56 25.00
N LEU C 798 27.91 -12.54 25.75
CA LEU C 798 27.78 -13.89 25.22
C LEU C 798 26.85 -13.91 24.01
N ILE C 799 25.81 -13.08 24.02
CA ILE C 799 24.89 -13.02 22.88
C ILE C 799 25.62 -12.49 21.66
N LEU C 800 26.30 -11.35 21.79
CA LEU C 800 27.06 -10.79 20.67
C LEU C 800 28.04 -11.80 20.12
N GLN C 801 28.82 -12.44 21.00
CA GLN C 801 29.84 -13.37 20.56
C GLN C 801 29.25 -14.47 19.68
N SER C 802 28.02 -14.90 19.97
CA SER C 802 27.45 -16.08 19.34
C SER C 802 26.65 -15.76 18.08
N VAL C 803 26.16 -14.53 17.92
CA VAL C 803 25.30 -14.20 16.79
C VAL C 803 25.86 -13.09 15.92
N PHE C 804 26.79 -12.26 16.42
CA PHE C 804 27.15 -11.05 15.69
C PHE C 804 27.87 -11.37 14.39
N GLU C 805 29.06 -11.97 14.47
CA GLU C 805 29.86 -12.16 13.26
C GLU C 805 29.19 -13.13 12.29
N CYS C 806 28.63 -14.23 12.80
CA CYS C 806 28.09 -15.24 11.91
C CYS C 806 26.80 -14.75 11.24
N THR C 807 26.03 -13.89 11.91
CA THR C 807 24.86 -13.30 11.28
C THR C 807 25.27 -12.22 10.27
N LEU C 808 26.28 -11.41 10.62
CA LEU C 808 26.74 -10.38 9.70
C LEU C 808 27.23 -10.98 8.39
N ASP C 809 27.91 -12.13 8.47
CA ASP C 809 28.41 -12.76 7.25
C ASP C 809 27.28 -13.32 6.39
N MET C 810 26.11 -13.57 6.98
CA MET C 810 24.97 -14.02 6.21
C MET C 810 24.38 -12.90 5.37
N ILE C 811 24.43 -11.66 5.86
CA ILE C 811 23.63 -10.58 5.31
C ILE C 811 24.47 -9.48 4.66
N ASN C 812 25.79 -9.64 4.58
CA ASN C 812 26.64 -8.58 4.04
C ASN C 812 27.18 -8.90 2.66
N LYS C 813 26.58 -9.86 1.95
CA LYS C 813 26.95 -10.13 0.57
C LYS C 813 26.00 -9.49 -0.43
N ASP C 814 24.73 -9.33 -0.06
CA ASP C 814 23.75 -8.64 -0.88
C ASP C 814 22.71 -8.04 0.06
N PHE C 815 21.76 -7.31 -0.50
CA PHE C 815 20.66 -6.74 0.27
C PHE C 815 19.44 -7.66 0.31
N THR C 816 19.57 -8.89 -0.17
CA THR C 816 18.44 -9.73 -0.50
C THR C 816 18.30 -10.95 0.41
N GLU C 817 19.37 -11.70 0.63
CA GLU C 817 19.25 -12.99 1.28
C GLU C 817 18.97 -12.82 2.77
N TYR C 818 18.34 -13.84 3.34
CA TYR C 818 18.05 -13.89 4.77
C TYR C 818 17.36 -12.61 5.23
N PRO C 819 16.20 -12.29 4.65
CA PRO C 819 15.53 -11.03 5.00
C PRO C 819 15.12 -10.93 6.46
N GLU C 820 14.68 -12.04 7.07
CA GLU C 820 14.30 -12.01 8.48
C GLU C 820 15.51 -11.78 9.38
N HIS C 821 16.61 -12.46 9.10
CA HIS C 821 17.81 -12.30 9.90
C HIS C 821 18.31 -10.87 9.84
N ARG C 822 18.30 -10.30 8.63
CA ARG C 822 18.63 -8.89 8.42
C ARG C 822 17.89 -7.99 9.39
N VAL C 823 16.55 -8.07 9.39
CA VAL C 823 15.73 -7.17 10.19
C VAL C 823 16.00 -7.38 11.68
N GLU C 824 15.98 -8.64 12.12
CA GLU C 824 16.15 -8.92 13.54
C GLU C 824 17.56 -8.62 14.01
N PHE C 825 18.54 -8.82 13.14
CA PHE C 825 19.92 -8.45 13.44
C PHE C 825 20.04 -7.01 13.90
N TYR C 826 19.44 -6.08 13.16
CA TYR C 826 19.60 -4.67 13.49
C TYR C 826 18.66 -4.23 14.61
N LYS C 827 17.57 -4.96 14.84
CA LYS C 827 16.79 -4.72 16.04
C LYS C 827 17.57 -5.13 17.29
N LEU C 828 18.37 -6.19 17.18
CA LEU C 828 19.16 -6.65 18.32
C LEU C 828 20.33 -5.71 18.59
N LEU C 829 21.07 -5.32 17.55
CA LEU C 829 22.16 -4.37 17.73
C LEU C 829 21.64 -3.04 18.29
N LYS C 830 20.46 -2.62 17.84
CA LYS C 830 19.87 -1.38 18.33
C LYS C 830 19.64 -1.44 19.84
N VAL C 831 18.99 -2.51 20.32
CA VAL C 831 18.67 -2.58 21.74
C VAL C 831 19.92 -2.77 22.57
N ILE C 832 20.92 -3.50 22.05
CA ILE C 832 22.18 -3.64 22.78
C ILE C 832 22.88 -2.30 22.86
N ASN C 833 22.80 -1.49 21.81
CA ASN C 833 23.44 -0.18 21.82
C ASN C 833 22.74 0.76 22.79
N GLU C 834 21.43 0.59 23.02
CA GLU C 834 20.72 1.41 23.97
C GLU C 834 20.99 0.99 25.41
N LYS C 835 20.85 -0.31 25.69
CA LYS C 835 20.70 -0.82 27.05
C LYS C 835 21.99 -1.36 27.64
N SER C 836 22.94 -1.78 26.82
N SER C 836 22.92 -1.83 26.83
CA SER C 836 24.13 -2.48 27.29
CA SER C 836 24.14 -2.44 27.34
C SER C 836 25.32 -2.08 26.41
C SER C 836 25.31 -2.08 26.42
N PHE C 837 25.50 -0.78 26.20
CA PHE C 837 26.57 -0.32 25.33
C PHE C 837 27.95 -0.81 25.77
N ALA C 838 28.11 -1.20 27.03
CA ALA C 838 29.40 -1.71 27.48
C ALA C 838 29.83 -2.92 26.66
N ALA C 839 28.88 -3.69 26.14
CA ALA C 839 29.22 -4.91 25.40
C ALA C 839 30.03 -4.59 24.15
N PHE C 840 29.76 -3.45 23.52
CA PHE C 840 30.54 -3.07 22.35
C PHE C 840 31.93 -2.56 22.74
N LEU C 841 32.07 -1.97 23.93
CA LEU C 841 33.38 -1.56 24.40
C LEU C 841 34.32 -2.76 24.57
N GLU C 842 33.77 -3.91 24.96
CA GLU C 842 34.58 -5.10 25.18
C GLU C 842 34.95 -5.81 23.88
N LEU C 843 34.36 -5.42 22.76
CA LEU C 843 34.68 -6.09 21.51
C LEU C 843 36.14 -5.89 21.16
N PRO C 844 36.81 -6.90 20.62
CA PRO C 844 38.16 -6.69 20.09
C PRO C 844 38.13 -5.65 18.98
N PRO C 845 39.16 -4.81 18.86
CA PRO C 845 39.13 -3.74 17.86
C PRO C 845 38.70 -4.21 16.48
N ALA C 846 39.11 -5.42 16.07
CA ALA C 846 38.69 -5.94 14.79
C ALA C 846 37.17 -6.06 14.72
N ALA C 847 36.54 -6.49 15.82
CA ALA C 847 35.10 -6.74 15.82
C ALA C 847 34.30 -5.45 16.00
N PHE C 848 34.85 -4.47 16.71
CA PHE C 848 34.23 -3.16 16.76
C PHE C 848 34.21 -2.51 15.39
N LYS C 849 35.21 -2.79 14.56
CA LYS C 849 35.26 -2.25 13.20
C LYS C 849 34.20 -2.91 12.32
N LEU C 850 33.95 -4.21 12.53
CA LEU C 850 32.82 -4.86 11.85
C LEU C 850 31.50 -4.26 12.29
N PHE C 851 31.39 -3.88 13.56
CA PHE C 851 30.18 -3.24 14.04
C PHE C 851 29.92 -1.93 13.31
N VAL C 852 30.98 -1.14 13.09
CA VAL C 852 30.84 0.10 12.32
C VAL C 852 30.49 -0.22 10.88
N ASP C 853 31.21 -1.15 10.26
CA ASP C 853 30.87 -1.58 8.91
C ASP C 853 29.41 -1.99 8.82
N ALA C 854 28.92 -2.67 9.85
CA ALA C 854 27.56 -3.19 9.83
C ALA C 854 26.53 -2.06 9.89
N ILE C 855 26.83 -1.01 10.65
CA ILE C 855 25.94 0.15 10.72
C ILE C 855 25.82 0.80 9.35
N CYS C 856 26.96 1.05 8.69
CA CYS C 856 26.95 1.70 7.40
C CYS C 856 26.28 0.82 6.35
N TRP C 857 26.53 -0.49 6.40
CA TRP C 857 25.80 -1.44 5.56
C TRP C 857 24.30 -1.18 5.66
N ALA C 858 23.79 -0.99 6.88
CA ALA C 858 22.37 -0.73 7.08
C ALA C 858 21.93 0.55 6.36
N PHE C 859 22.73 1.63 6.45
CA PHE C 859 22.41 2.88 5.76
C PHE C 859 21.95 2.62 4.33
N LYS C 860 22.60 1.68 3.68
CA LYS C 860 22.50 1.52 2.24
C LYS C 860 21.36 0.62 1.81
N HIS C 861 20.62 0.06 2.76
CA HIS C 861 19.41 -0.68 2.41
C HIS C 861 18.32 0.29 2.01
N ASN C 862 17.49 -0.14 1.05
CA ASN C 862 16.23 0.54 0.80
C ASN C 862 15.14 0.00 1.70
N ASN C 863 15.27 -1.26 2.10
CA ASN C 863 14.38 -1.87 3.08
C ASN C 863 14.27 -0.94 4.29
N ARG C 864 13.10 -0.33 4.46
CA ARG C 864 12.93 0.67 5.49
C ARG C 864 13.17 0.10 6.88
N ASP C 865 12.78 -1.16 7.11
CA ASP C 865 13.01 -1.78 8.41
C ASP C 865 14.48 -1.69 8.79
N VAL C 866 15.36 -2.05 7.85
CA VAL C 866 16.79 -2.05 8.12
C VAL C 866 17.34 -0.63 8.16
N GLU C 867 16.99 0.18 7.15
CA GLU C 867 17.61 1.49 6.98
C GLU C 867 17.37 2.37 8.19
N VAL C 868 16.16 2.33 8.75
CA VAL C 868 15.81 3.22 9.85
C VAL C 868 16.57 2.87 11.12
N ASN C 869 16.70 1.57 11.40
CA ASN C 869 17.49 1.15 12.56
C ASN C 869 18.97 1.45 12.37
N GLY C 870 19.47 1.37 11.14
CA GLY C 870 20.88 1.66 10.92
C GLY C 870 21.21 3.10 11.23
N LEU C 871 20.32 4.03 10.85
CA LEU C 871 20.53 5.45 11.15
C LEU C 871 20.37 5.72 12.64
N GLN C 872 19.43 5.04 13.30
CA GLN C 872 19.24 5.24 14.73
C GLN C 872 20.43 4.70 15.52
N ILE C 873 20.94 3.53 15.14
CA ILE C 873 22.13 3.00 15.80
C ILE C 873 23.30 3.96 15.66
N ALA C 874 23.50 4.48 14.44
CA ALA C 874 24.58 5.43 14.22
C ALA C 874 24.42 6.65 15.12
N LEU C 875 23.21 7.21 15.16
CA LEU C 875 22.93 8.36 16.02
C LEU C 875 23.16 8.02 17.48
N ASP C 876 22.58 6.90 17.94
CA ASP C 876 22.71 6.51 19.34
C ASP C 876 24.15 6.18 19.70
N LEU C 877 24.92 5.63 18.76
CA LEU C 877 26.32 5.29 19.04
C LEU C 877 27.13 6.55 19.28
N VAL C 878 26.97 7.55 18.40
CA VAL C 878 27.66 8.82 18.57
C VAL C 878 27.38 9.41 19.95
N LYS C 879 26.13 9.31 20.39
CA LYS C 879 25.77 9.83 21.70
C LYS C 879 26.41 9.03 22.82
N ASN C 880 26.39 7.70 22.71
CA ASN C 880 27.13 6.87 23.66
C ASN C 880 28.59 7.32 23.75
N ILE C 881 29.24 7.46 22.59
CA ILE C 881 30.63 7.88 22.55
C ILE C 881 30.79 9.27 23.16
N GLU C 882 29.89 10.20 22.83
CA GLU C 882 29.97 11.54 23.39
C GLU C 882 29.89 11.50 24.91
N ARG C 883 28.99 10.69 25.47
CA ARG C 883 28.82 10.64 26.91
C ARG C 883 30.04 10.11 27.63
N MET C 884 30.95 9.44 26.93
CA MET C 884 32.15 8.93 27.57
C MET C 884 33.12 10.04 27.98
N GLY C 885 32.96 11.23 27.42
CA GLY C 885 33.85 12.33 27.73
C GLY C 885 35.17 12.20 26.99
N ASN C 886 36.13 12.99 27.46
CA ASN C 886 37.48 13.00 26.89
C ASN C 886 38.26 11.83 27.50
N VAL C 887 38.07 10.66 26.90
CA VAL C 887 38.79 9.45 27.31
C VAL C 887 39.38 8.77 26.08
N PRO C 888 40.32 7.83 26.25
CA PRO C 888 41.01 7.28 25.07
C PRO C 888 40.10 6.54 24.11
N PHE C 889 39.10 5.80 24.60
CA PHE C 889 38.25 5.06 23.68
C PHE C 889 37.43 6.02 22.81
N ALA C 890 36.90 7.09 23.40
CA ALA C 890 36.19 8.08 22.61
C ALA C 890 37.12 8.77 21.62
N ASN C 891 38.32 9.15 22.07
CA ASN C 891 39.27 9.80 21.18
C ASN C 891 39.66 8.88 20.02
N GLU C 892 39.93 7.62 20.31
CA GLU C 892 40.25 6.67 19.24
C GLU C 892 39.07 6.46 18.31
N PHE C 893 37.85 6.61 18.80
CA PHE C 893 36.68 6.38 17.96
C PHE C 893 36.55 7.49 16.91
N HIS C 894 36.70 8.75 17.33
CA HIS C 894 36.64 9.86 16.39
C HIS C 894 37.76 9.78 15.36
N LYS C 895 38.97 9.46 15.81
CA LYS C 895 40.09 9.32 14.89
C LYS C 895 39.83 8.23 13.86
N ASN C 896 39.22 7.12 14.28
CA ASN C 896 39.02 5.98 13.40
C ASN C 896 37.78 6.09 12.53
N TYR C 897 36.70 6.70 13.04
CA TYR C 897 35.38 6.49 12.44
C TYR C 897 34.55 7.75 12.22
N PHE C 898 34.96 8.91 12.73
CA PHE C 898 34.17 10.12 12.51
C PHE C 898 33.96 10.40 11.04
N PHE C 899 35.04 10.47 10.26
CA PHE C 899 34.91 10.81 8.84
C PHE C 899 34.30 9.67 8.03
N ILE C 900 34.42 8.43 8.51
CA ILE C 900 33.72 7.34 7.85
C ILE C 900 32.21 7.55 7.96
N PHE C 901 31.74 8.02 9.11
CA PHE C 901 30.32 8.26 9.29
C PHE C 901 29.85 9.51 8.54
N VAL C 902 30.67 10.56 8.54
CA VAL C 902 30.28 11.78 7.82
C VAL C 902 30.16 11.50 6.32
N SER C 903 31.12 10.75 5.77
CA SER C 903 31.13 10.52 4.32
C SER C 903 30.15 9.43 3.89
N GLU C 904 29.94 8.41 4.73
CA GLU C 904 28.93 7.40 4.40
C GLU C 904 27.53 7.99 4.47
N THR C 905 27.29 8.86 5.45
CA THR C 905 26.01 9.54 5.53
C THR C 905 25.82 10.47 4.34
N PHE C 906 26.85 11.21 3.97
CA PHE C 906 26.76 12.07 2.80
C PHE C 906 26.48 11.26 1.55
N PHE C 907 26.99 10.04 1.48
CA PHE C 907 26.81 9.23 0.29
C PHE C 907 25.34 8.87 0.07
N VAL C 908 24.67 8.38 1.12
CA VAL C 908 23.27 7.99 0.94
C VAL C 908 22.39 9.23 0.83
N LEU C 909 22.83 10.35 1.39
CA LEU C 909 22.08 11.61 1.23
C LEU C 909 22.03 12.04 -0.23
N THR C 910 23.10 11.82 -0.99
CA THR C 910 23.25 12.43 -2.31
C THR C 910 23.13 11.45 -3.48
N ASP C 911 22.88 10.17 -3.26
CA ASP C 911 22.91 9.21 -4.36
C ASP C 911 21.54 8.95 -4.97
N SER C 912 20.48 9.55 -4.45
CA SER C 912 19.13 9.52 -5.02
C SER C 912 18.42 8.18 -4.82
N ASP C 913 19.05 7.21 -4.17
CA ASP C 913 18.44 5.89 -3.96
C ASP C 913 18.03 5.64 -2.51
N HIS C 914 18.17 6.64 -1.63
CA HIS C 914 17.75 6.52 -0.24
C HIS C 914 17.00 7.77 0.19
N LYS C 915 16.07 8.23 -0.65
CA LYS C 915 15.30 9.42 -0.32
C LYS C 915 14.40 9.20 0.88
N SER C 916 14.00 7.95 1.14
CA SER C 916 13.12 7.66 2.27
C SER C 916 13.78 7.98 3.61
N GLY C 917 15.10 8.07 3.66
CA GLY C 917 15.81 8.34 4.89
C GLY C 917 16.39 9.73 5.02
N PHE C 918 16.00 10.66 4.14
CA PHE C 918 16.55 12.01 4.17
C PHE C 918 16.54 12.60 5.58
N SER C 919 15.38 12.59 6.24
CA SER C 919 15.25 13.26 7.54
C SER C 919 16.27 12.72 8.54
N LYS C 920 16.38 11.40 8.65
CA LYS C 920 17.27 10.82 9.65
C LYS C 920 18.73 10.86 9.21
N GLN C 921 18.99 10.86 7.90
CA GLN C 921 20.34 11.17 7.44
C GLN C 921 20.72 12.59 7.84
N ALA C 922 19.81 13.54 7.62
CA ALA C 922 20.07 14.93 7.99
C ALA C 922 20.37 15.05 9.47
N LEU C 923 19.51 14.46 10.31
CA LEU C 923 19.72 14.51 11.76
C LEU C 923 21.10 14.00 12.13
N LEU C 924 21.45 12.79 11.67
CA LEU C 924 22.76 12.23 11.96
C LEU C 924 23.88 13.15 11.48
N LEU C 925 23.73 13.68 10.27
CA LEU C 925 24.74 14.58 9.73
C LEU C 925 24.84 15.85 10.59
N MET C 926 23.71 16.37 11.04
CA MET C 926 23.74 17.58 11.84
C MET C 926 24.41 17.32 13.18
N LYS C 927 24.19 16.15 13.77
CA LYS C 927 24.87 15.79 15.01
C LYS C 927 26.37 15.69 14.79
N LEU C 928 26.78 15.00 13.73
CA LEU C 928 28.21 14.86 13.43
C LEU C 928 28.88 16.22 13.28
N ILE C 929 28.27 17.11 12.50
CA ILE C 929 28.89 18.41 12.24
C ILE C 929 28.90 19.25 13.51
N SER C 930 27.85 19.15 14.34
CA SER C 930 27.78 19.97 15.55
C SER C 930 28.89 19.60 16.54
N LEU C 931 29.25 18.32 16.64
CA LEU C 931 30.32 17.91 17.53
C LEU C 931 31.56 18.78 17.34
N VAL C 932 31.88 19.10 16.09
CA VAL C 932 33.12 19.80 15.80
C VAL C 932 32.96 21.30 16.02
N TYR C 933 31.80 21.85 15.70
CA TYR C 933 31.57 23.28 15.93
C TYR C 933 31.15 23.60 17.35
N ASP C 934 31.04 22.59 18.21
CA ASP C 934 30.92 22.77 19.65
C ASP C 934 32.17 22.34 20.40
N ASN C 935 33.24 21.97 19.68
CA ASN C 935 34.47 21.48 20.28
C ASN C 935 34.17 20.40 21.32
N LYS C 936 33.44 19.38 20.88
CA LYS C 936 33.19 18.20 21.69
C LYS C 936 34.18 17.07 21.38
N ILE C 937 35.06 17.28 20.42
CA ILE C 937 36.07 16.29 20.02
C ILE C 937 37.43 16.84 20.44
N SER C 938 38.10 16.12 21.33
CA SER C 938 39.26 16.66 22.05
C SER C 938 40.56 16.50 21.30
N VAL C 939 40.71 15.45 20.50
CA VAL C 939 41.93 15.23 19.74
C VAL C 939 41.76 15.81 18.34
N PRO C 940 42.85 16.19 17.66
CA PRO C 940 42.71 16.57 16.25
C PRO C 940 42.23 15.39 15.42
N LEU C 941 41.40 15.69 14.43
CA LEU C 941 40.88 14.68 13.52
C LEU C 941 41.81 14.39 12.35
N TYR C 942 42.99 14.98 12.35
CA TYR C 942 43.93 14.86 11.24
C TYR C 942 45.25 14.29 11.74
N GLN C 943 46.16 14.05 10.81
CA GLN C 943 47.50 13.61 11.13
C GLN C 943 48.37 14.82 11.47
N GLU C 944 49.29 14.64 12.42
CA GLU C 944 50.28 15.66 12.69
C GLU C 944 50.85 16.21 11.39
N ALA C 945 51.14 15.29 10.46
CA ALA C 945 51.78 15.67 9.21
C ALA C 945 50.86 16.53 8.35
N GLU C 946 49.70 16.00 7.97
CA GLU C 946 48.93 16.55 6.85
C GLU C 946 48.40 17.95 7.07
N VAL C 947 48.56 18.54 8.26
CA VAL C 947 48.04 19.89 8.50
C VAL C 947 48.94 20.60 9.52
N PRO C 948 49.14 21.91 9.39
CA PRO C 948 49.93 22.63 10.39
C PRO C 948 49.46 22.33 11.81
N GLN C 949 50.42 22.27 12.73
CA GLN C 949 50.10 22.10 14.14
C GLN C 949 49.22 23.25 14.61
N GLY C 950 48.16 22.92 15.35
CA GLY C 950 47.26 23.91 15.90
C GLY C 950 46.02 24.19 15.08
N THR C 951 45.92 23.62 13.88
CA THR C 951 44.72 23.80 13.07
C THR C 951 43.50 23.27 13.81
N SER C 952 42.42 24.04 13.80
CA SER C 952 41.20 23.61 14.46
C SER C 952 40.51 22.52 13.66
N ASN C 953 39.84 21.61 14.36
CA ASN C 953 39.04 20.60 13.70
C ASN C 953 37.98 21.22 12.80
N GLN C 954 37.46 22.39 13.18
CA GLN C 954 36.52 23.10 12.33
C GLN C 954 37.11 23.37 10.95
N VAL C 955 38.34 23.90 10.92
CA VAL C 955 38.99 24.19 9.65
C VAL C 955 39.27 22.91 8.89
N TYR C 956 39.76 21.88 9.59
CA TYR C 956 40.05 20.63 8.92
C TYR C 956 38.78 19.98 8.38
N LEU C 957 37.69 20.02 9.15
CA LEU C 957 36.44 19.44 8.69
C LEU C 957 35.98 20.11 7.39
N SER C 958 36.07 21.43 7.33
CA SER C 958 35.63 22.14 6.14
C SER C 958 36.51 21.83 4.93
N GLN C 959 37.79 21.54 5.16
CA GLN C 959 38.69 21.16 4.08
C GLN C 959 38.41 19.74 3.61
N TYR C 960 38.28 18.80 4.54
CA TYR C 960 37.93 17.43 4.18
C TYR C 960 36.66 17.39 3.35
N LEU C 961 35.64 18.15 3.75
CA LEU C 961 34.37 18.10 3.04
C LEU C 961 34.46 18.78 1.67
N ALA C 962 35.19 19.89 1.58
CA ALA C 962 35.36 20.54 0.28
C ALA C 962 36.04 19.59 -0.70
N ASN C 963 37.07 18.88 -0.25
CA ASN C 963 37.77 17.93 -1.11
C ASN C 963 36.87 16.74 -1.44
N MET C 964 36.14 16.23 -0.44
CA MET C 964 35.26 15.09 -0.66
C MET C 964 34.22 15.39 -1.74
N LEU C 965 33.55 16.55 -1.62
CA LEU C 965 32.51 16.91 -2.57
C LEU C 965 33.10 17.26 -3.94
N SER C 966 34.31 17.81 -3.98
CA SER C 966 34.93 18.16 -5.24
C SER C 966 35.18 16.92 -6.10
N ASN C 967 35.61 15.82 -5.48
CA ASN C 967 35.87 14.61 -6.24
C ASN C 967 34.60 13.82 -6.51
N ALA C 968 33.61 13.92 -5.63
CA ALA C 968 32.36 13.20 -5.82
C ALA C 968 31.44 13.92 -6.80
N PHE C 969 31.52 15.25 -6.85
CA PHE C 969 30.69 16.08 -7.74
C PHE C 969 31.60 17.05 -8.47
N PRO C 970 32.40 16.55 -9.40
CA PRO C 970 33.42 17.41 -10.02
C PRO C 970 32.86 18.55 -10.84
N HIS C 971 31.58 18.50 -11.23
CA HIS C 971 30.99 19.55 -12.03
C HIS C 971 30.55 20.76 -11.20
N LEU C 972 30.69 20.71 -9.88
CA LEU C 972 30.43 21.87 -9.05
C LEU C 972 31.65 22.77 -8.99
N THR C 973 31.41 24.08 -8.90
CA THR C 973 32.51 25.00 -8.71
C THR C 973 32.96 24.99 -7.25
N SER C 974 34.23 25.37 -7.05
CA SER C 974 34.76 25.52 -5.71
C SER C 974 33.86 26.44 -4.88
N GLU C 975 33.30 27.47 -5.51
CA GLU C 975 32.49 28.44 -4.79
C GLU C 975 31.16 27.83 -4.34
N GLN C 976 30.52 27.06 -5.20
CA GLN C 976 29.32 26.33 -4.81
C GLN C 976 29.58 25.50 -3.55
N ILE C 977 30.63 24.67 -3.60
CA ILE C 977 30.95 23.79 -2.48
C ILE C 977 31.22 24.61 -1.22
N ALA C 978 31.95 25.72 -1.36
CA ALA C 978 32.32 26.50 -0.19
C ALA C 978 31.11 27.21 0.41
N SER C 979 30.20 27.71 -0.42
CA SER C 979 29.01 28.38 0.10
C SER C 979 28.07 27.38 0.75
N PHE C 980 27.95 26.20 0.16
CA PHE C 980 27.14 25.13 0.73
C PHE C 980 27.64 24.74 2.11
N LEU C 981 28.96 24.53 2.24
CA LEU C 981 29.51 24.08 3.52
C LEU C 981 29.46 25.18 4.56
N SER C 982 29.71 26.42 4.16
CA SER C 982 29.57 27.54 5.08
C SER C 982 28.14 27.62 5.61
N ALA C 983 27.16 27.60 4.72
CA ALA C 983 25.75 27.57 5.14
C ALA C 983 25.48 26.37 6.03
N LEU C 984 25.88 25.18 5.59
CA LEU C 984 25.57 23.95 6.31
C LEU C 984 26.09 23.99 7.74
N THR C 985 27.37 24.31 7.91
CA THR C 985 27.96 24.31 9.25
C THR C 985 27.37 25.41 10.10
N LYS C 986 27.10 26.57 9.50
CA LYS C 986 26.46 27.68 10.20
C LYS C 986 25.09 27.29 10.76
N GLN C 987 24.38 26.40 10.07
CA GLN C 987 23.00 26.07 10.39
C GLN C 987 22.86 24.73 11.10
N CYS C 988 23.94 24.22 11.69
CA CYS C 988 23.94 22.89 12.27
C CYS C 988 23.27 22.83 13.64
N LYS C 989 22.58 23.88 14.06
CA LYS C 989 21.69 23.83 15.22
C LYS C 989 20.23 23.98 14.84
N ASP C 990 19.92 24.25 13.58
CA ASP C 990 18.56 24.48 13.11
C ASP C 990 18.23 23.41 12.08
N LEU C 991 17.58 22.34 12.53
CA LEU C 991 17.39 21.16 11.70
C LEU C 991 16.53 21.47 10.47
N VAL C 992 15.50 22.29 10.63
CA VAL C 992 14.63 22.62 9.49
C VAL C 992 15.42 23.39 8.43
N VAL C 993 16.29 24.30 8.86
CA VAL C 993 17.05 25.11 7.92
C VAL C 993 18.17 24.29 7.30
N PHE C 994 18.95 23.61 8.14
CA PHE C 994 19.91 22.60 7.72
C PHE C 994 19.33 21.71 6.62
N LYS C 995 18.10 21.24 6.82
CA LYS C 995 17.49 20.34 5.85
C LYS C 995 17.17 21.06 4.55
N GLY C 996 16.75 22.33 4.62
CA GLY C 996 16.53 23.09 3.41
C GLY C 996 17.81 23.28 2.62
N THR C 997 18.92 23.53 3.32
CA THR C 997 20.20 23.68 2.65
C THR C 997 20.64 22.38 2.01
N LEU C 998 20.40 21.24 2.67
CA LEU C 998 20.68 19.96 2.04
C LEU C 998 19.84 19.76 0.79
N ARG C 999 18.55 20.10 0.86
N ARG C 999 18.55 20.10 0.85
CA ARG C 999 17.69 19.97 -0.30
CA ARG C 999 17.70 19.95 -0.32
C ARG C 999 18.13 20.90 -1.43
C ARG C 999 18.10 20.91 -1.43
N ASP C 1000 18.56 22.11 -1.08
CA ASP C 1000 19.10 23.03 -2.09
C ASP C 1000 20.31 22.41 -2.77
N PHE C 1001 21.18 21.76 -1.99
CA PHE C 1001 22.34 21.09 -2.55
C PHE C 1001 21.95 19.96 -3.49
N LEU C 1002 20.92 19.19 -3.11
CA LEU C 1002 20.49 18.08 -3.95
C LEU C 1002 19.95 18.57 -5.29
N VAL C 1003 19.37 19.77 -5.33
CA VAL C 1003 18.96 20.35 -6.60
C VAL C 1003 20.19 20.71 -7.44
N GLN C 1004 21.19 21.32 -6.81
CA GLN C 1004 22.29 21.89 -7.57
C GLN C 1004 23.20 20.82 -8.16
N ILE C 1005 23.33 19.66 -7.50
CA ILE C 1005 24.14 18.59 -8.07
C ILE C 1005 23.49 17.95 -9.30
N LYS C 1006 22.22 18.25 -9.56
CA LYS C 1006 21.54 17.71 -10.73
C LYS C 1006 21.77 18.53 -11.99
N GLU C 1007 22.43 19.69 -11.88
CA GLU C 1007 22.63 20.58 -13.01
C GLU C 1007 24.02 21.19 -12.94
N VAL C 1008 24.34 21.98 -13.96
CA VAL C 1008 25.59 22.73 -14.04
C VAL C 1008 25.27 24.22 -13.87
N GLY C 1009 26.12 24.90 -13.11
CA GLY C 1009 26.02 26.35 -13.02
C GLY C 1009 25.17 26.88 -11.88
N GLY C 1010 24.97 26.10 -10.82
CA GLY C 1010 24.09 26.55 -9.75
C GLY C 1010 24.63 27.78 -9.05
N ASP C 1011 23.73 28.69 -8.71
CA ASP C 1011 24.10 29.95 -8.06
C ASP C 1011 24.57 29.71 -6.64
N PRO C 1012 25.83 29.96 -6.29
CA PRO C 1012 26.27 29.74 -4.91
C PRO C 1012 25.61 30.66 -3.90
N THR C 1013 25.03 31.79 -4.33
CA THR C 1013 24.35 32.66 -3.38
C THR C 1013 23.04 32.05 -2.89
N ASP C 1014 22.51 31.03 -3.58
CA ASP C 1014 21.31 30.36 -3.11
C ASP C 1014 21.44 29.93 -1.66
N TYR C 1015 22.65 29.60 -1.21
CA TYR C 1015 22.85 29.06 0.13
C TYR C 1015 22.83 30.13 1.21
N LEU C 1016 22.57 31.39 0.86
CA LEU C 1016 22.34 32.44 1.84
C LEU C 1016 20.85 32.70 2.04
N PHE C 1017 19.99 31.81 1.50
CA PHE C 1017 18.56 32.05 1.55
C PHE C 1017 18.07 32.23 2.99
N ALA C 1018 18.53 31.40 3.91
CA ALA C 1018 18.12 31.53 5.30
C ALA C 1018 18.48 32.90 5.84
N GLU C 1019 19.76 33.26 5.76
CA GLU C 1019 20.23 34.60 6.10
C GLU C 1019 19.35 35.66 5.46
N LEU D 11 -35.08 -13.55 27.06
CA LEU D 11 -34.79 -14.15 25.76
C LEU D 11 -34.46 -15.61 25.97
N ARG D 12 -35.08 -16.25 26.93
CA ARG D 12 -34.81 -17.67 27.14
C ARG D 12 -35.14 -18.50 25.92
N ALA D 13 -35.73 -17.92 24.89
CA ALA D 13 -35.86 -18.58 23.61
C ALA D 13 -34.52 -18.70 22.87
N LEU D 14 -33.43 -18.16 23.44
CA LEU D 14 -32.11 -18.33 22.85
C LEU D 14 -31.66 -19.77 22.92
N GLU D 15 -32.03 -20.47 24.00
CA GLU D 15 -31.61 -21.85 24.22
C GLU D 15 -32.08 -22.77 23.10
N ARG D 16 -33.19 -22.44 22.43
CA ARG D 16 -33.72 -23.26 21.36
C ARG D 16 -33.24 -22.81 19.99
N LEU D 17 -32.30 -21.87 19.92
CA LEU D 17 -31.72 -21.46 18.66
C LEU D 17 -30.98 -22.65 18.03
N GLN D 18 -31.38 -23.02 16.82
CA GLN D 18 -30.79 -24.17 16.15
C GLN D 18 -30.42 -23.80 14.72
N ILE D 19 -29.46 -24.53 14.17
CA ILE D 19 -29.04 -24.35 12.79
C ILE D 19 -29.45 -25.60 12.02
N ASP D 20 -30.73 -25.68 11.68
CA ASP D 20 -31.30 -26.83 10.98
C ASP D 20 -32.83 -26.61 10.83
#